data_5X3I
#
_entry.id   5X3I
#
_cell.length_a   181.145
_cell.length_b   181.145
_cell.length_c   391.832
_cell.angle_alpha   90.00
_cell.angle_beta   90.00
_cell.angle_gamma   120.00
#
_symmetry.space_group_name_H-M   'H 3 2'
#
loop_
_entity.id
_entity.type
_entity.pdbx_description
1 polymer 'Glycoside hydrolase family 31'
2 non-polymer 'SULFATE ION'
3 non-polymer GLYCEROL
4 water water
#
_entity_poly.entity_id   1
_entity_poly.type   'polypeptide(L)'
_entity_poly.pdbx_seq_one_letter_code
;MGSSHHHHHHSSGLVPRGSHMIKHRPHGIEHPYAVSPDQRVPVLPLAGEPVLLGVVAPEADRVVCEWGTLELPLSATSAA
AADAAALAGGEGHLSEAQAKSLGADGAWSVQTPPLAEPVKYRFHAHRGGAAESTEWFEVSPAVWTADGVGEVRGGGERVR
GVEWLVSSQGVHRGRFRLQLQDGDRLVGFGERYDALDQRGRELDAVVFEQYKAQGVHGRTYLPMPFAHVVGADGNGWGFH
VRTSRRTWYSSAGNELTVEVALGDEPVVDLAIYEGDPATVLTGFLDEVGRAEELPGWVFRLWASGNEWNTQQLVTARMDT
HRDLAIPVGAVVIEAWSDEQGITIWRDAVYAVTEDGSAHRAEDFSYRPDGAWPDPKAMIDELHARGIKVILWQIPLQKTE
FSTGQVAADAAAMVRDGHAVLEADGTAYRNRGWWFPQALMPDLSVQRTRDWWTEKRRYLVEHFDVDGFKTAGGEHAWGHD
LVYADGRKGDEGNNLYPVHYARAFGDLLRSAGKAPVTFSRAGFTGSQAHGIFWAGDEDSTWQAFRSSVTAGLTAASCGIV
YWGWDLAGFSGPVPDAELYLRAAAASAFMPIMQYHSEFNHHQLPLRDRTPWHVAETTGDDRVVPLFRRFATLRESLVPYL
TEQAARTIATDRPLMRPLFFDHENDPEIWNHPYQYLLGDELLINPVLEPGATTWTTYLPAGEWIDVWTGDRVPSGLVTRD
VPLEVVPVYCRASRWSELQPVFS
;
_entity_poly.pdbx_strand_id   A,B
#
# COMPACT_ATOMS: atom_id res chain seq x y z
N MET A 21 15.61 -64.88 2.23
CA MET A 21 14.56 -63.96 2.63
C MET A 21 13.81 -63.45 1.40
N ILE A 22 12.50 -63.31 1.53
CA ILE A 22 11.67 -62.84 0.43
C ILE A 22 10.59 -61.88 0.93
N LYS A 23 10.44 -60.74 0.26
CA LYS A 23 9.48 -59.74 0.72
C LYS A 23 8.49 -59.32 -0.37
N HIS A 24 7.22 -59.31 0.00
CA HIS A 24 6.15 -58.81 -0.85
C HIS A 24 5.20 -57.92 -0.05
N ARG A 25 5.05 -56.68 -0.47
CA ARG A 25 4.03 -55.79 0.10
C ARG A 25 3.04 -55.40 -0.99
N PRO A 26 1.80 -55.88 -0.92
CA PRO A 26 0.82 -55.64 -1.99
C PRO A 26 0.70 -54.18 -2.41
N HIS A 27 0.66 -53.26 -1.43
CA HIS A 27 0.60 -51.83 -1.71
C HIS A 27 1.97 -51.20 -1.98
N GLY A 28 3.02 -51.91 -1.64
CA GLY A 28 4.36 -51.38 -1.82
C GLY A 28 4.63 -50.19 -0.91
N ILE A 29 5.46 -49.28 -1.40
CA ILE A 29 5.88 -48.13 -0.60
C ILE A 29 4.77 -47.07 -0.56
N GLU A 30 3.83 -47.21 -1.47
CA GLU A 30 2.66 -46.32 -1.59
C GLU A 30 3.07 -44.90 -1.96
N HIS A 31 4.08 -44.82 -2.80
CA HIS A 31 4.38 -43.61 -3.54
C HIS A 31 3.16 -43.35 -4.40
N PRO A 32 2.58 -42.14 -4.31
CA PRO A 32 1.30 -41.92 -5.01
C PRO A 32 1.40 -41.95 -6.53
N TYR A 33 2.55 -41.60 -7.07
CA TYR A 33 2.78 -41.69 -8.51
C TYR A 33 3.63 -42.87 -9.04
N ALA A 34 4.09 -43.75 -8.17
CA ALA A 34 5.03 -44.79 -8.61
C ALA A 34 4.83 -46.12 -7.89
N VAL A 35 5.43 -47.17 -8.45
CA VAL A 35 5.35 -48.50 -7.83
C VAL A 35 6.72 -49.02 -7.42
N SER A 36 6.77 -49.72 -6.29
CA SER A 36 7.99 -50.36 -5.82
C SER A 36 8.08 -51.80 -6.35
N PRO A 37 9.30 -52.35 -6.42
CA PRO A 37 9.55 -53.71 -6.92
C PRO A 37 8.92 -54.83 -6.08
N ASP A 38 8.48 -54.52 -4.87
CA ASP A 38 7.93 -55.55 -3.99
C ASP A 38 6.40 -55.68 -4.04
N GLN A 39 5.74 -54.95 -4.93
CA GLN A 39 4.29 -54.82 -4.81
C GLN A 39 3.45 -55.46 -5.91
N ARG A 40 2.15 -55.33 -5.74
CA ARG A 40 1.16 -55.79 -6.70
C ARG A 40 0.72 -54.62 -7.59
N VAL A 41 0.90 -54.76 -8.89
CA VAL A 41 0.53 -53.73 -9.85
C VAL A 41 -0.52 -54.18 -10.87
N PRO A 42 -1.70 -53.55 -10.86
CA PRO A 42 -2.18 -52.55 -9.89
C PRO A 42 -2.55 -53.22 -8.59
N VAL A 43 -2.65 -52.43 -7.53
CA VAL A 43 -3.04 -52.96 -6.25
C VAL A 43 -4.47 -53.47 -6.30
N LEU A 44 -5.33 -52.73 -7.01
CA LEU A 44 -6.73 -53.12 -7.18
C LEU A 44 -7.06 -53.29 -8.67
N PRO A 45 -6.82 -54.49 -9.22
CA PRO A 45 -7.06 -54.72 -10.65
C PRO A 45 -8.55 -54.79 -10.96
N LEU A 46 -8.93 -54.35 -12.16
CA LEU A 46 -10.30 -54.58 -12.62
C LEU A 46 -10.44 -56.06 -12.96
N ALA A 47 -11.65 -56.59 -12.80
CA ALA A 47 -11.94 -57.94 -13.29
C ALA A 47 -11.62 -58.01 -14.77
N GLY A 48 -10.82 -58.99 -15.17
CA GLY A 48 -10.42 -59.12 -16.55
C GLY A 48 -9.01 -58.63 -16.81
N GLU A 49 -8.48 -57.83 -15.88
CA GLU A 49 -7.12 -57.32 -15.99
C GLU A 49 -6.13 -58.32 -15.41
N PRO A 50 -4.98 -58.47 -16.07
CA PRO A 50 -3.89 -59.23 -15.48
C PRO A 50 -3.27 -58.42 -14.34
N VAL A 51 -2.50 -59.06 -13.49
CA VAL A 51 -1.82 -58.31 -12.44
C VAL A 51 -0.34 -58.67 -12.43
N LEU A 52 0.49 -57.66 -12.19
CA LEU A 52 1.92 -57.88 -12.09
C LEU A 52 2.29 -58.04 -10.63
N LEU A 53 3.00 -59.12 -10.30
CA LEU A 53 3.43 -59.35 -8.94
C LEU A 53 4.94 -59.18 -8.84
N GLY A 54 5.38 -58.16 -8.13
CA GLY A 54 6.79 -58.00 -7.81
C GLY A 54 7.15 -58.60 -6.47
N VAL A 55 8.41 -58.99 -6.33
CA VAL A 55 8.92 -59.54 -5.07
C VAL A 55 10.40 -59.20 -4.94
N VAL A 56 10.86 -58.93 -3.72
CA VAL A 56 12.28 -58.69 -3.51
C VAL A 56 12.91 -59.86 -2.75
N ALA A 57 13.77 -60.60 -3.44
CA ALA A 57 14.51 -61.69 -2.84
C ALA A 57 15.94 -61.66 -3.37
N PRO A 58 16.79 -60.84 -2.75
CA PRO A 58 18.14 -60.53 -3.25
C PRO A 58 18.97 -61.79 -3.47
N GLU A 59 18.94 -62.71 -2.51
CA GLU A 59 19.59 -63.99 -2.71
C GLU A 59 18.55 -65.10 -2.76
N ALA A 60 18.31 -65.60 -3.97
CA ALA A 60 17.50 -66.79 -4.19
C ALA A 60 17.89 -67.42 -5.50
N ASP A 61 17.83 -68.74 -5.59
CA ASP A 61 18.09 -69.41 -6.85
C ASP A 61 16.86 -69.32 -7.75
N ARG A 62 15.70 -69.62 -7.16
CA ARG A 62 14.46 -69.65 -7.89
C ARG A 62 13.31 -69.12 -7.04
N VAL A 63 12.38 -68.41 -7.69
CA VAL A 63 11.21 -67.90 -7.02
C VAL A 63 9.96 -68.20 -7.84
N VAL A 64 9.00 -68.87 -7.22
CA VAL A 64 7.72 -69.14 -7.85
C VAL A 64 6.58 -68.59 -7.02
N CYS A 65 5.45 -68.35 -7.66
CA CYS A 65 4.26 -67.90 -6.96
C CYS A 65 3.18 -68.98 -7.00
N GLU A 66 2.57 -69.26 -5.86
CA GLU A 66 1.45 -70.17 -5.87
C GLU A 66 0.21 -69.31 -6.01
N TRP A 67 -0.39 -69.37 -7.19
CA TRP A 67 -1.45 -68.46 -7.55
C TRP A 67 -2.74 -69.24 -7.72
N GLY A 68 -3.66 -69.08 -6.79
CA GLY A 68 -4.83 -69.94 -6.75
C GLY A 68 -4.35 -71.38 -6.67
N THR A 69 -4.77 -72.19 -7.62
CA THR A 69 -4.31 -73.57 -7.70
C THR A 69 -3.13 -73.72 -8.67
N LEU A 70 -2.69 -72.61 -9.26
CA LEU A 70 -1.59 -72.68 -10.21
C LEU A 70 -0.25 -72.38 -9.58
N GLU A 71 0.81 -72.47 -10.40
CA GLU A 71 2.15 -72.09 -9.97
C GLU A 71 2.81 -71.26 -11.06
N LEU A 72 3.21 -70.04 -10.72
CA LEU A 72 3.77 -69.13 -11.70
C LEU A 72 5.23 -68.80 -11.41
N PRO A 73 6.14 -69.17 -12.34
CA PRO A 73 7.56 -68.87 -12.22
C PRO A 73 7.86 -67.39 -12.37
N LEU A 74 8.71 -66.85 -11.50
CA LEU A 74 9.05 -65.44 -11.54
C LEU A 74 10.36 -65.20 -12.26
N SER A 75 10.42 -64.11 -13.02
CA SER A 75 11.58 -63.78 -13.85
C SER A 75 12.65 -62.96 -13.10
N ALA A 76 13.68 -62.55 -13.82
CA ALA A 76 14.82 -61.87 -13.23
C ALA A 76 14.58 -60.39 -12.96
N THR A 77 13.77 -59.74 -13.79
CA THR A 77 13.52 -58.31 -13.63
C THR A 77 12.04 -58.03 -13.43
N HIS A 93 8.22 -42.82 -13.77
CA HIS A 93 8.24 -43.70 -12.62
C HIS A 93 9.52 -43.66 -11.82
N LEU A 94 9.82 -44.73 -11.07
CA LEU A 94 10.91 -44.67 -10.10
C LEU A 94 12.31 -44.54 -10.70
N SER A 95 13.03 -43.53 -10.23
CA SER A 95 14.39 -43.32 -10.67
C SER A 95 15.18 -44.57 -10.38
N GLU A 96 16.06 -44.92 -11.29
CA GLU A 96 16.97 -46.05 -11.06
C GLU A 96 17.60 -46.05 -9.66
N ALA A 97 17.99 -44.87 -9.17
CA ALA A 97 18.62 -44.78 -7.86
C ALA A 97 17.65 -45.11 -6.71
N GLN A 98 16.42 -44.61 -6.82
CA GLN A 98 15.39 -44.91 -5.82
C GLN A 98 15.03 -46.39 -5.85
N ALA A 99 14.95 -46.95 -7.05
CA ALA A 99 14.61 -48.34 -7.25
C ALA A 99 15.61 -49.29 -6.55
N LYS A 100 16.91 -48.98 -6.67
CA LYS A 100 17.95 -49.79 -6.02
C LYS A 100 17.76 -49.85 -4.51
N SER A 101 17.38 -48.70 -3.94
CA SER A 101 17.19 -48.58 -2.49
C SER A 101 16.07 -49.50 -2.00
N LEU A 102 15.11 -49.74 -2.87
CA LEU A 102 14.00 -50.64 -2.58
C LEU A 102 14.32 -52.05 -3.07
N GLY A 103 15.54 -52.24 -3.56
CA GLY A 103 15.98 -53.54 -4.03
C GLY A 103 15.60 -53.97 -5.43
N ALA A 104 15.71 -53.05 -6.40
CA ALA A 104 15.35 -53.34 -7.77
C ALA A 104 16.24 -54.47 -8.27
N ASP A 105 17.52 -54.43 -7.93
CA ASP A 105 18.38 -55.58 -8.14
C ASP A 105 17.86 -56.66 -7.20
N GLY A 106 17.83 -57.90 -7.68
CA GLY A 106 17.29 -58.99 -6.87
C GLY A 106 15.78 -58.96 -6.76
N ALA A 107 15.14 -58.21 -7.65
CA ALA A 107 13.69 -58.16 -7.69
C ALA A 107 13.15 -59.17 -8.70
N TRP A 108 12.16 -59.94 -8.27
CA TRP A 108 11.54 -60.94 -9.13
C TRP A 108 10.13 -60.50 -9.49
N SER A 109 9.68 -60.87 -10.68
CA SER A 109 8.32 -60.53 -11.11
C SER A 109 7.72 -61.52 -12.13
N VAL A 110 6.40 -61.58 -12.15
CA VAL A 110 5.66 -62.35 -13.13
C VAL A 110 4.29 -61.71 -13.37
N GLN A 111 3.77 -61.83 -14.58
CA GLN A 111 2.42 -61.39 -14.88
C GLN A 111 1.45 -62.57 -14.83
N THR A 112 0.40 -62.43 -14.03
CA THR A 112 -0.59 -63.48 -13.83
C THR A 112 -1.60 -63.51 -14.96
N PRO A 113 -2.38 -64.61 -15.06
CA PRO A 113 -3.57 -64.61 -15.92
C PRO A 113 -4.57 -63.57 -15.44
N PRO A 114 -5.46 -63.09 -16.33
CA PRO A 114 -6.47 -62.10 -16.00
C PRO A 114 -7.28 -62.49 -14.78
N LEU A 115 -7.65 -61.54 -13.93
CA LEU A 115 -8.38 -61.87 -12.71
C LEU A 115 -9.85 -62.09 -13.01
N ALA A 116 -10.32 -63.31 -12.78
CA ALA A 116 -11.74 -63.60 -12.90
C ALA A 116 -12.47 -63.64 -11.57
N GLU A 117 -11.74 -63.53 -10.48
CA GLU A 117 -12.30 -63.82 -9.16
C GLU A 117 -11.25 -63.63 -8.09
N PRO A 118 -11.67 -63.52 -6.82
CA PRO A 118 -10.68 -63.42 -5.73
C PRO A 118 -9.68 -64.55 -5.78
N VAL A 119 -8.41 -64.22 -5.56
CA VAL A 119 -7.35 -65.21 -5.58
C VAL A 119 -6.47 -65.09 -4.35
N LYS A 120 -6.26 -66.21 -3.65
CA LYS A 120 -5.26 -66.26 -2.60
C LYS A 120 -3.93 -66.68 -3.21
N TYR A 121 -2.86 -66.02 -2.80
CA TYR A 121 -1.56 -66.35 -3.36
C TYR A 121 -0.43 -66.13 -2.36
N ARG A 122 0.63 -66.91 -2.51
CA ARG A 122 1.86 -66.71 -1.75
C ARG A 122 3.05 -67.01 -2.64
N PHE A 123 4.24 -66.86 -2.10
CA PHE A 123 5.44 -67.04 -2.91
C PHE A 123 6.37 -68.05 -2.27
N HIS A 124 7.03 -68.85 -3.10
CA HIS A 124 7.98 -69.83 -2.62
C HIS A 124 9.35 -69.59 -3.24
N ALA A 125 10.36 -69.50 -2.39
CA ALA A 125 11.72 -69.25 -2.84
C ALA A 125 12.71 -70.11 -2.07
N HIS A 126 13.83 -70.42 -2.70
CA HIS A 126 14.86 -71.21 -2.05
C HIS A 126 16.26 -70.84 -2.53
N ARG A 127 17.23 -70.89 -1.61
CA ARG A 127 18.63 -70.73 -1.97
C ARG A 127 19.30 -72.10 -1.97
N GLY A 128 19.61 -72.62 -3.15
CA GLY A 128 20.35 -73.86 -3.30
C GLY A 128 19.83 -75.01 -2.46
N GLY A 129 18.51 -75.09 -2.29
CA GLY A 129 17.92 -76.14 -1.48
C GLY A 129 17.51 -75.74 -0.08
N ALA A 130 17.56 -74.44 0.21
CA ALA A 130 17.06 -73.93 1.48
C ALA A 130 15.88 -73.01 1.22
N ALA A 131 14.69 -73.43 1.63
CA ALA A 131 13.46 -72.81 1.15
C ALA A 131 12.76 -71.93 2.17
N GLU A 132 12.11 -70.88 1.68
CA GLU A 132 11.27 -70.02 2.50
C GLU A 132 9.95 -69.73 1.79
N SER A 133 8.91 -69.50 2.58
CA SER A 133 7.59 -69.22 2.04
C SER A 133 6.99 -67.98 2.68
N THR A 134 6.42 -67.11 1.87
CA THR A 134 5.79 -65.90 2.39
C THR A 134 4.45 -66.23 3.01
N GLU A 135 3.80 -65.22 3.57
CA GLU A 135 2.46 -65.41 4.12
C GLU A 135 1.44 -65.47 3.00
N TRP A 136 0.17 -65.62 3.35
CA TRP A 136 -0.88 -65.63 2.35
C TRP A 136 -1.35 -64.21 2.04
N PHE A 137 -1.39 -63.89 0.76
CA PHE A 137 -1.96 -62.63 0.30
C PHE A 137 -3.24 -62.92 -0.48
N GLU A 138 -4.17 -61.97 -0.47
CA GLU A 138 -5.39 -62.11 -1.24
C GLU A 138 -5.69 -60.86 -2.05
N VAL A 139 -6.15 -61.05 -3.27
CA VAL A 139 -6.58 -59.94 -4.09
C VAL A 139 -7.93 -60.25 -4.73
N SER A 140 -8.86 -59.31 -4.60
CA SER A 140 -10.19 -59.41 -5.17
C SER A 140 -10.40 -58.38 -6.26
N PRO A 141 -10.73 -58.84 -7.48
CA PRO A 141 -10.96 -57.96 -8.63
C PRO A 141 -12.16 -57.05 -8.44
N ALA A 142 -12.12 -55.87 -9.05
CA ALA A 142 -13.19 -54.89 -8.88
C ALA A 142 -13.85 -54.54 -10.19
N VAL A 143 -15.07 -54.02 -10.12
CA VAL A 143 -15.79 -53.61 -11.32
C VAL A 143 -16.54 -52.31 -11.13
N TRP A 144 -16.69 -51.58 -12.22
CA TRP A 144 -17.50 -50.36 -12.22
C TRP A 144 -18.95 -50.68 -12.54
N THR A 145 -19.84 -50.18 -11.70
CA THR A 145 -21.27 -50.42 -11.86
C THR A 145 -22.06 -49.18 -11.49
N ALA A 146 -23.25 -49.03 -12.07
CA ALA A 146 -24.16 -47.97 -11.65
C ALA A 146 -25.11 -48.46 -10.56
N ASP A 147 -25.08 -49.76 -10.27
CA ASP A 147 -25.91 -50.33 -9.22
C ASP A 147 -25.22 -50.30 -7.85
N GLY A 148 -25.87 -49.70 -6.86
CA GLY A 148 -25.29 -49.64 -5.52
C GLY A 148 -26.16 -48.95 -4.50
N VAL A 149 -25.78 -49.08 -3.22
CA VAL A 149 -26.45 -48.36 -2.14
C VAL A 149 -25.86 -46.96 -1.98
N GLY A 150 -24.76 -46.70 -2.68
CA GLY A 150 -24.05 -45.45 -2.55
C GLY A 150 -24.75 -44.27 -3.20
N GLU A 151 -24.44 -43.08 -2.70
CA GLU A 151 -25.04 -41.85 -3.21
C GLU A 151 -24.00 -40.77 -3.44
N VAL A 152 -24.21 -40.01 -4.50
CA VAL A 152 -23.53 -38.75 -4.67
C VAL A 152 -24.55 -37.68 -4.29
N ARG A 153 -24.27 -36.96 -3.22
CA ARG A 153 -25.21 -35.98 -2.69
C ARG A 153 -24.78 -34.57 -2.95
N GLY A 154 -25.70 -33.74 -3.44
CA GLY A 154 -25.49 -32.31 -3.49
C GLY A 154 -25.25 -31.64 -4.83
N GLY A 155 -25.08 -32.43 -5.88
CA GLY A 155 -24.83 -31.85 -7.19
C GLY A 155 -26.05 -31.50 -8.02
N GLY A 156 -27.22 -31.95 -7.58
CA GLY A 156 -28.45 -31.70 -8.32
C GLY A 156 -28.40 -32.16 -9.76
N GLU A 157 -28.98 -31.37 -10.66
CA GLU A 157 -29.09 -31.77 -12.05
C GLU A 157 -27.77 -31.69 -12.81
N ARG A 158 -26.75 -31.13 -12.17
CA ARG A 158 -25.45 -31.03 -12.80
C ARG A 158 -24.74 -32.38 -12.83
N VAL A 159 -25.11 -33.28 -11.93
CA VAL A 159 -24.45 -34.57 -11.82
C VAL A 159 -25.12 -35.67 -12.64
N ARG A 160 -24.33 -36.36 -13.46
CA ARG A 160 -24.80 -37.48 -14.25
C ARG A 160 -23.80 -38.64 -14.23
N GLY A 161 -24.25 -39.81 -14.66
CA GLY A 161 -23.39 -40.95 -14.86
C GLY A 161 -22.67 -41.41 -13.62
N VAL A 162 -23.39 -41.51 -12.52
CA VAL A 162 -22.82 -41.95 -11.26
C VAL A 162 -22.51 -43.44 -11.30
N GLU A 163 -21.28 -43.79 -10.94
CA GLU A 163 -20.91 -45.19 -10.85
C GLU A 163 -19.95 -45.46 -9.69
N TRP A 164 -19.87 -46.73 -9.31
CA TRP A 164 -19.13 -47.17 -8.15
C TRP A 164 -18.17 -48.29 -8.50
N LEU A 165 -16.97 -48.23 -7.96
CA LEU A 165 -15.99 -49.30 -8.14
C LEU A 165 -16.10 -50.25 -6.97
N VAL A 166 -16.57 -51.47 -7.25
CA VAL A 166 -16.91 -52.40 -6.19
C VAL A 166 -16.19 -53.74 -6.35
N SER A 167 -15.95 -54.39 -5.23
CA SER A 167 -15.43 -55.75 -5.21
C SER A 167 -16.06 -56.48 -4.05
N SER A 168 -15.63 -57.71 -3.80
CA SER A 168 -16.12 -58.47 -2.66
C SER A 168 -15.74 -57.81 -1.35
N GLN A 169 -14.73 -56.93 -1.40
CA GLN A 169 -14.27 -56.21 -0.22
C GLN A 169 -15.19 -55.04 0.13
N GLY A 170 -15.76 -54.40 -0.89
CA GLY A 170 -16.66 -53.28 -0.66
C GLY A 170 -16.68 -52.29 -1.80
N VAL A 171 -17.13 -51.06 -1.50
CA VAL A 171 -17.12 -50.01 -2.50
C VAL A 171 -15.88 -49.13 -2.34
N HIS A 172 -14.99 -49.24 -3.30
CA HIS A 172 -13.68 -48.59 -3.23
C HIS A 172 -13.67 -47.14 -3.68
N ARG A 173 -14.36 -46.84 -4.77
CA ARG A 173 -14.38 -45.49 -5.34
C ARG A 173 -15.75 -45.14 -5.88
N GLY A 174 -16.10 -43.86 -5.81
CA GLY A 174 -17.17 -43.32 -6.62
C GLY A 174 -16.64 -42.58 -7.83
N ARG A 175 -17.50 -42.41 -8.83
CA ARG A 175 -17.19 -41.65 -10.03
C ARG A 175 -18.45 -41.02 -10.61
N PHE A 176 -18.33 -39.82 -11.16
CA PHE A 176 -19.47 -39.13 -11.75
C PHE A 176 -19.04 -38.05 -12.71
N ARG A 177 -20.02 -37.42 -13.35
CA ARG A 177 -19.76 -36.43 -14.38
C ARG A 177 -20.49 -35.14 -14.08
N LEU A 178 -19.78 -34.03 -14.20
CA LEU A 178 -20.40 -32.72 -14.08
C LEU A 178 -20.57 -32.15 -15.48
N GLN A 179 -21.76 -31.64 -15.76
CA GLN A 179 -22.06 -31.11 -17.08
C GLN A 179 -21.41 -29.75 -17.33
N LEU A 180 -20.69 -29.65 -18.43
CA LEU A 180 -20.03 -28.43 -18.84
C LEU A 180 -20.71 -27.84 -20.08
N GLN A 181 -20.61 -26.54 -20.24
CA GLN A 181 -21.16 -25.89 -21.42
C GLN A 181 -20.02 -25.38 -22.28
N ASP A 182 -20.34 -24.81 -23.43
CA ASP A 182 -19.31 -24.31 -24.33
C ASP A 182 -18.72 -23.04 -23.77
N GLY A 183 -17.41 -22.90 -23.88
CA GLY A 183 -16.73 -21.72 -23.36
C GLY A 183 -16.46 -21.81 -21.86
N ASP A 184 -16.93 -22.88 -21.23
CA ASP A 184 -16.65 -23.09 -19.82
C ASP A 184 -15.18 -23.38 -19.60
N ARG A 185 -14.59 -22.74 -18.60
CA ARG A 185 -13.21 -23.00 -18.20
C ARG A 185 -13.20 -23.65 -16.82
N LEU A 186 -12.19 -24.44 -16.54
CA LEU A 186 -12.02 -25.04 -15.23
C LEU A 186 -10.78 -24.48 -14.55
N VAL A 187 -10.97 -23.69 -13.50
CA VAL A 187 -9.85 -22.97 -12.84
C VAL A 187 -9.89 -23.24 -11.35
N GLY A 188 -8.80 -23.75 -10.79
CA GLY A 188 -8.93 -24.32 -9.45
C GLY A 188 -7.95 -25.41 -9.13
N PHE A 189 -8.43 -26.31 -8.28
CA PHE A 189 -7.77 -27.56 -7.93
C PHE A 189 -6.53 -27.29 -7.10
N GLY A 190 -6.54 -26.18 -6.38
CA GLY A 190 -5.41 -25.78 -5.57
C GLY A 190 -4.38 -25.08 -6.42
N GLU A 191 -3.12 -25.31 -6.09
CA GLU A 191 -2.00 -24.69 -6.78
C GLU A 191 -1.56 -25.54 -7.97
N ARG A 192 -1.66 -24.99 -9.17
CA ARG A 192 -1.37 -25.75 -10.40
C ARG A 192 -0.31 -25.06 -11.24
N TYR A 193 0.68 -25.83 -11.65
CA TYR A 193 1.80 -25.27 -12.38
C TYR A 193 1.78 -25.36 -13.92
N ASP A 194 0.91 -26.20 -14.49
CA ASP A 194 0.85 -26.32 -15.95
C ASP A 194 -0.07 -25.34 -16.67
N ALA A 195 -1.28 -25.12 -16.16
CA ALA A 195 -2.21 -24.22 -16.82
C ALA A 195 -3.21 -23.58 -15.88
N LEU A 196 -3.65 -22.37 -16.19
CA LEU A 196 -4.73 -21.75 -15.47
C LEU A 196 -6.05 -22.51 -15.71
N ASP A 197 -6.36 -22.76 -16.97
CA ASP A 197 -7.56 -23.51 -17.34
C ASP A 197 -7.21 -24.99 -17.49
N GLN A 198 -7.86 -25.83 -16.69
CA GLN A 198 -7.54 -27.27 -16.67
C GLN A 198 -8.41 -28.12 -17.61
N ARG A 199 -9.31 -27.48 -18.35
CA ARG A 199 -10.21 -28.23 -19.22
C ARG A 199 -9.45 -28.97 -20.32
N GLY A 200 -9.74 -30.25 -20.48
CA GLY A 200 -9.10 -31.07 -21.50
C GLY A 200 -7.96 -31.88 -20.93
N ARG A 201 -7.71 -31.74 -19.64
CA ARG A 201 -6.55 -32.36 -19.02
C ARG A 201 -6.95 -33.44 -18.03
N GLU A 202 -6.04 -34.37 -17.81
CA GLU A 202 -6.15 -35.30 -16.71
C GLU A 202 -5.27 -34.83 -15.55
N LEU A 203 -5.83 -34.82 -14.35
CA LEU A 203 -5.12 -34.38 -13.15
C LEU A 203 -5.75 -35.03 -11.94
N ASP A 204 -5.04 -34.97 -10.80
CA ASP A 204 -5.62 -35.46 -9.56
C ASP A 204 -5.34 -34.49 -8.40
N ALA A 205 -5.89 -34.78 -7.22
CA ALA A 205 -5.56 -33.98 -6.06
C ALA A 205 -5.01 -34.87 -4.97
N VAL A 206 -3.70 -34.81 -4.78
CA VAL A 206 -3.04 -35.51 -3.70
C VAL A 206 -1.75 -34.77 -3.33
N VAL A 207 -1.49 -34.65 -2.04
CA VAL A 207 -0.31 -33.92 -1.60
C VAL A 207 0.91 -34.73 -1.96
N PHE A 208 1.84 -34.12 -2.69
CA PHE A 208 3.04 -34.82 -3.08
C PHE A 208 4.21 -33.87 -3.23
N GLU A 209 5.39 -34.30 -2.83
CA GLU A 209 6.55 -33.47 -3.09
C GLU A 209 7.17 -33.92 -4.40
N GLN A 210 6.99 -33.09 -5.41
CA GLN A 210 7.61 -33.28 -6.70
C GLN A 210 8.80 -32.33 -6.74
N TYR A 211 10.01 -32.82 -6.81
CA TYR A 211 11.18 -31.99 -6.73
C TYR A 211 11.52 -31.37 -8.08
N LYS A 212 11.02 -30.18 -8.30
CA LYS A 212 11.17 -29.39 -9.50
C LYS A 212 10.25 -29.90 -10.64
N ALA A 213 10.16 -29.16 -11.73
CA ALA A 213 9.40 -29.61 -12.89
C ALA A 213 7.96 -29.94 -12.53
N GLN A 214 7.36 -29.19 -11.63
CA GLN A 214 5.99 -29.47 -11.20
C GLN A 214 5.01 -29.38 -12.36
N GLY A 215 5.18 -28.37 -13.19
CA GLY A 215 4.33 -28.13 -14.34
C GLY A 215 4.40 -29.26 -15.36
N VAL A 216 5.63 -29.69 -15.65
CA VAL A 216 5.88 -30.80 -16.56
C VAL A 216 5.12 -32.06 -16.14
N HIS A 217 5.23 -32.42 -14.86
CA HIS A 217 4.59 -33.64 -14.35
C HIS A 217 3.12 -33.46 -14.00
N GLY A 218 2.64 -32.22 -14.03
CA GLY A 218 1.30 -31.93 -13.59
C GLY A 218 1.01 -32.31 -12.14
N ARG A 219 1.96 -32.08 -11.24
CA ARG A 219 1.74 -32.42 -9.84
C ARG A 219 1.82 -31.19 -8.95
N THR A 220 1.50 -31.34 -7.67
CA THR A 220 1.54 -30.19 -6.78
C THR A 220 1.71 -30.53 -5.30
N TYR A 221 2.32 -29.62 -4.57
CA TYR A 221 2.38 -29.68 -3.12
C TYR A 221 1.06 -29.29 -2.45
N LEU A 222 0.22 -28.58 -3.17
CA LEU A 222 -0.94 -27.94 -2.56
C LEU A 222 -2.20 -28.10 -3.41
N PRO A 223 -2.70 -29.34 -3.55
CA PRO A 223 -3.94 -29.57 -4.29
C PRO A 223 -5.18 -29.24 -3.47
N MET A 224 -6.30 -28.91 -4.11
CA MET A 224 -7.61 -28.93 -3.47
C MET A 224 -8.69 -29.51 -4.41
N PRO A 225 -9.62 -30.31 -3.87
CA PRO A 225 -10.70 -30.83 -4.73
C PRO A 225 -11.77 -29.77 -4.95
N PHE A 226 -11.38 -28.66 -5.56
CA PHE A 226 -12.27 -27.53 -5.75
C PHE A 226 -11.89 -26.80 -7.01
N ALA A 227 -12.87 -26.29 -7.74
CA ALA A 227 -12.57 -25.49 -8.92
C ALA A 227 -13.73 -24.57 -9.30
N HIS A 228 -13.40 -23.53 -10.05
CA HIS A 228 -14.40 -22.67 -10.66
C HIS A 228 -14.82 -23.30 -11.99
N VAL A 229 -16.12 -23.27 -12.28
CA VAL A 229 -16.56 -23.50 -13.64
C VAL A 229 -17.09 -22.18 -14.16
N VAL A 230 -16.32 -21.55 -15.03
CA VAL A 230 -16.57 -20.15 -15.37
C VAL A 230 -16.60 -20.01 -16.86
N GLY A 231 -17.62 -19.33 -17.36
CA GLY A 231 -17.95 -19.45 -18.77
C GLY A 231 -18.47 -18.19 -19.41
N ALA A 232 -18.60 -18.24 -20.73
CA ALA A 232 -18.79 -17.06 -21.55
C ALA A 232 -20.05 -16.26 -21.23
N ASP A 233 -21.17 -16.96 -21.04
CA ASP A 233 -22.47 -16.28 -20.96
C ASP A 233 -23.18 -16.51 -19.63
N GLY A 234 -23.62 -17.74 -19.41
CA GLY A 234 -24.42 -18.07 -18.25
C GLY A 234 -23.73 -17.79 -16.93
N ASN A 235 -24.52 -17.65 -15.87
CA ASN A 235 -23.98 -17.49 -14.52
C ASN A 235 -23.02 -18.64 -14.18
N GLY A 236 -21.83 -18.29 -13.70
CA GLY A 236 -20.82 -19.28 -13.38
C GLY A 236 -21.12 -20.01 -12.09
N TRP A 237 -20.27 -20.97 -11.76
CA TRP A 237 -20.45 -21.76 -10.55
C TRP A 237 -19.14 -22.42 -10.15
N GLY A 238 -19.19 -23.20 -9.08
CA GLY A 238 -18.02 -23.95 -8.64
C GLY A 238 -18.42 -25.11 -7.76
N PHE A 239 -17.50 -26.05 -7.56
CA PHE A 239 -17.77 -27.24 -6.77
C PHE A 239 -16.63 -27.55 -5.83
N HIS A 240 -16.97 -28.18 -4.71
CA HIS A 240 -15.98 -28.72 -3.79
C HIS A 240 -16.39 -30.14 -3.43
N VAL A 241 -15.54 -31.11 -3.76
CA VAL A 241 -15.80 -32.47 -3.31
C VAL A 241 -15.37 -32.55 -1.87
N ARG A 242 -16.26 -32.90 -0.95
CA ARG A 242 -15.78 -32.77 0.40
C ARG A 242 -15.18 -34.10 0.83
N THR A 243 -13.87 -34.15 0.70
CA THR A 243 -13.07 -35.26 1.16
C THR A 243 -11.64 -34.79 1.26
N SER A 244 -10.85 -35.42 2.13
CA SER A 244 -9.41 -35.31 2.05
C SER A 244 -8.78 -36.55 1.39
N ARG A 245 -9.61 -37.49 0.95
CA ARG A 245 -9.10 -38.64 0.21
C ARG A 245 -8.71 -38.21 -1.21
N ARG A 246 -7.90 -39.02 -1.88
CA ARG A 246 -7.50 -38.75 -3.25
C ARG A 246 -8.70 -38.62 -4.18
N THR A 247 -8.59 -37.68 -5.12
CA THR A 247 -9.57 -37.49 -6.18
C THR A 247 -8.86 -37.31 -7.51
N TRP A 248 -9.53 -37.67 -8.60
CA TRP A 248 -8.98 -37.61 -9.96
C TRP A 248 -9.92 -36.87 -10.90
N TYR A 249 -9.36 -36.20 -11.90
CA TYR A 249 -10.16 -35.36 -12.78
C TYR A 249 -9.76 -35.53 -14.23
N SER A 250 -10.75 -35.57 -15.11
CA SER A 250 -10.50 -35.53 -16.53
C SER A 250 -11.66 -34.86 -17.24
N SER A 251 -11.38 -34.11 -18.28
CA SER A 251 -12.46 -33.53 -19.04
C SER A 251 -12.24 -33.74 -20.53
N ALA A 252 -13.31 -34.11 -21.21
CA ALA A 252 -13.34 -34.22 -22.65
C ALA A 252 -14.75 -33.88 -23.07
N GLY A 253 -14.91 -33.28 -24.23
CA GLY A 253 -16.22 -32.84 -24.66
C GLY A 253 -16.87 -31.91 -23.65
N ASN A 254 -18.14 -32.17 -23.40
CA ASN A 254 -18.96 -31.36 -22.50
C ASN A 254 -19.04 -31.88 -21.07
N GLU A 255 -18.24 -32.89 -20.74
CA GLU A 255 -18.27 -33.43 -19.39
C GLU A 255 -16.95 -33.38 -18.61
N LEU A 256 -17.05 -33.04 -17.32
CA LEU A 256 -15.94 -33.18 -16.40
C LEU A 256 -16.15 -34.42 -15.55
N THR A 257 -15.25 -35.40 -15.70
CA THR A 257 -15.36 -36.63 -14.93
C THR A 257 -14.60 -36.53 -13.61
N VAL A 258 -15.27 -36.82 -12.51
CA VAL A 258 -14.68 -36.78 -11.18
C VAL A 258 -14.68 -38.14 -10.51
N GLU A 259 -13.50 -38.61 -10.13
CA GLU A 259 -13.34 -39.89 -9.45
C GLU A 259 -12.86 -39.66 -8.02
N VAL A 260 -13.46 -40.38 -7.08
CA VAL A 260 -13.28 -40.15 -5.67
C VAL A 260 -12.97 -41.42 -4.86
N ALA A 261 -11.81 -41.46 -4.21
CA ALA A 261 -11.49 -42.54 -3.29
C ALA A 261 -12.43 -42.49 -2.08
N LEU A 262 -12.87 -43.66 -1.63
CA LEU A 262 -13.85 -43.75 -0.55
C LEU A 262 -13.30 -44.44 0.67
N GLY A 263 -13.89 -44.14 1.83
CA GLY A 263 -13.67 -44.90 3.03
C GLY A 263 -14.76 -45.96 3.17
N ASP A 264 -15.13 -46.27 4.40
CA ASP A 264 -16.16 -47.27 4.67
C ASP A 264 -17.56 -46.87 4.23
N GLU A 265 -17.80 -45.58 4.05
CA GLU A 265 -19.13 -45.11 3.71
C GLU A 265 -19.18 -44.74 2.24
N PRO A 266 -20.04 -45.43 1.47
CA PRO A 266 -20.13 -45.18 0.04
C PRO A 266 -20.92 -43.90 -0.28
N VAL A 267 -20.46 -42.77 0.23
CA VAL A 267 -21.14 -41.50 0.03
C VAL A 267 -20.16 -40.44 -0.45
N VAL A 268 -20.53 -39.71 -1.49
CA VAL A 268 -19.76 -38.55 -1.92
C VAL A 268 -20.60 -37.30 -1.70
N ASP A 269 -20.13 -36.44 -0.80
CA ASP A 269 -20.79 -35.17 -0.52
C ASP A 269 -20.18 -34.08 -1.39
N LEU A 270 -21.00 -33.49 -2.24
CA LEU A 270 -20.54 -32.52 -3.21
C LEU A 270 -21.21 -31.17 -2.98
N ALA A 271 -20.39 -30.14 -2.75
CA ALA A 271 -20.94 -28.80 -2.57
C ALA A 271 -20.93 -28.06 -3.89
N ILE A 272 -22.02 -27.38 -4.19
CA ILE A 272 -22.13 -26.55 -5.38
C ILE A 272 -22.27 -25.09 -4.96
N TYR A 273 -21.47 -24.21 -5.56
CA TYR A 273 -21.56 -22.79 -5.24
C TYR A 273 -21.96 -22.02 -6.48
N GLU A 274 -22.88 -21.08 -6.34
CA GLU A 274 -23.36 -20.33 -7.49
C GLU A 274 -23.11 -18.83 -7.35
N GLY A 275 -22.73 -18.19 -8.45
CA GLY A 275 -22.57 -16.74 -8.47
C GLY A 275 -21.45 -16.33 -9.39
N ASP A 276 -21.01 -15.08 -9.28
CA ASP A 276 -19.80 -14.64 -9.96
C ASP A 276 -18.62 -15.31 -9.24
N PRO A 277 -17.42 -15.33 -9.87
CA PRO A 277 -16.33 -16.12 -9.29
C PRO A 277 -15.99 -15.77 -7.83
N ALA A 278 -16.09 -14.50 -7.46
CA ALA A 278 -15.81 -14.11 -6.09
C ALA A 278 -16.83 -14.71 -5.13
N THR A 279 -18.10 -14.68 -5.52
CA THR A 279 -19.16 -15.24 -4.68
C THR A 279 -19.03 -16.76 -4.58
N VAL A 280 -18.61 -17.40 -5.65
CA VAL A 280 -18.32 -18.83 -5.62
C VAL A 280 -17.21 -19.10 -4.60
N LEU A 281 -16.14 -18.31 -4.68
CA LEU A 281 -15.03 -18.48 -3.75
C LEU A 281 -15.48 -18.25 -2.31
N THR A 282 -16.35 -17.27 -2.10
CA THR A 282 -16.84 -16.96 -0.75
C THR A 282 -17.54 -18.17 -0.15
N GLY A 283 -18.36 -18.85 -0.95
CA GLY A 283 -19.03 -20.04 -0.49
C GLY A 283 -18.05 -21.13 -0.06
N PHE A 284 -17.04 -21.37 -0.90
CA PHE A 284 -15.97 -22.31 -0.57
C PHE A 284 -15.28 -21.92 0.74
N LEU A 285 -14.83 -20.67 0.85
CA LEU A 285 -14.02 -20.26 2.00
C LEU A 285 -14.86 -20.17 3.28
N ASP A 286 -16.13 -19.77 3.16
CA ASP A 286 -17.04 -19.82 4.30
C ASP A 286 -17.10 -21.22 4.88
N GLU A 287 -17.03 -22.21 4.00
CA GLU A 287 -17.04 -23.60 4.41
C GLU A 287 -15.69 -24.11 4.93
N VAL A 288 -14.62 -23.88 4.19
CA VAL A 288 -13.33 -24.50 4.56
C VAL A 288 -12.30 -23.60 5.28
N GLY A 289 -12.61 -22.32 5.43
CA GLY A 289 -11.64 -21.39 5.99
C GLY A 289 -11.05 -20.37 5.04
N ARG A 290 -10.48 -19.32 5.66
CA ARG A 290 -10.13 -18.09 4.99
C ARG A 290 -8.91 -17.44 5.67
N ALA A 291 -8.12 -16.68 4.92
CA ALA A 291 -6.97 -15.98 5.48
C ALA A 291 -7.41 -14.97 6.52
N GLU A 292 -6.52 -14.70 7.46
CA GLU A 292 -6.67 -13.57 8.36
C GLU A 292 -5.58 -12.58 7.99
N GLU A 293 -5.80 -11.31 8.30
CA GLU A 293 -4.86 -10.27 7.93
C GLU A 293 -3.54 -10.50 8.66
N LEU A 294 -2.47 -10.60 7.88
CA LEU A 294 -1.13 -10.67 8.41
C LEU A 294 -0.51 -9.24 8.49
N PRO A 295 0.52 -9.07 9.31
CA PRO A 295 1.16 -7.74 9.39
C PRO A 295 1.72 -7.27 8.07
N GLY A 296 1.69 -5.96 7.88
CA GLY A 296 2.17 -5.34 6.65
C GLY A 296 3.59 -5.69 6.28
N TRP A 297 4.44 -6.02 7.25
CA TRP A 297 5.85 -6.29 6.95
C TRP A 297 6.07 -7.51 6.06
N VAL A 298 5.08 -8.42 5.96
CA VAL A 298 5.25 -9.59 5.09
C VAL A 298 5.34 -9.16 3.63
N PHE A 299 4.90 -7.93 3.34
CA PHE A 299 4.95 -7.45 1.97
C PHE A 299 6.29 -6.83 1.56
N ARG A 300 7.26 -6.83 2.48
CA ARG A 300 8.59 -6.37 2.11
C ARG A 300 9.39 -7.52 1.49
N LEU A 301 10.61 -7.23 1.04
CA LEU A 301 11.41 -8.25 0.40
C LEU A 301 11.89 -9.29 1.42
N TRP A 302 11.73 -10.56 1.07
CA TRP A 302 12.26 -11.67 1.85
C TRP A 302 13.59 -12.15 1.27
N ALA A 303 14.62 -12.20 2.09
CA ALA A 303 15.93 -12.67 1.65
C ALA A 303 16.20 -14.03 2.23
N SER A 304 16.79 -14.90 1.44
CA SER A 304 17.08 -16.25 1.88
C SER A 304 18.26 -16.87 1.12
N GLY A 305 19.01 -17.75 1.79
CA GLY A 305 19.71 -18.80 1.08
C GLY A 305 20.21 -19.88 2.01
N ASN A 306 20.25 -21.10 1.47
CA ASN A 306 20.35 -22.24 2.37
C ASN A 306 21.72 -22.30 3.01
N GLU A 307 22.71 -21.77 2.31
CA GLU A 307 24.07 -21.85 2.80
C GLU A 307 24.43 -20.76 3.80
N TRP A 308 23.48 -19.92 4.23
CA TRP A 308 23.90 -19.00 5.27
C TRP A 308 23.63 -19.75 6.55
N ASN A 309 24.66 -20.45 6.99
CA ASN A 309 24.57 -21.40 8.09
C ASN A 309 25.26 -21.00 9.38
N THR A 310 25.78 -19.78 9.43
CA THR A 310 26.42 -19.25 10.64
C THR A 310 25.96 -17.83 10.95
N GLN A 311 26.12 -17.41 12.20
CA GLN A 311 25.87 -16.03 12.59
C GLN A 311 26.68 -15.08 11.71
N GLN A 312 27.96 -15.37 11.52
CA GLN A 312 28.84 -14.54 10.69
C GLN A 312 28.31 -14.36 9.27
N LEU A 313 27.78 -15.43 8.67
CA LEU A 313 27.28 -15.36 7.31
C LEU A 313 25.96 -14.58 7.19
N VAL A 314 25.01 -14.88 8.08
CA VAL A 314 23.74 -14.17 8.06
C VAL A 314 23.99 -12.67 8.25
N THR A 315 24.83 -12.32 9.22
CA THR A 315 25.09 -10.91 9.45
C THR A 315 25.82 -10.30 8.25
N ALA A 316 26.73 -11.06 7.62
CA ALA A 316 27.44 -10.54 6.43
C ALA A 316 26.49 -10.24 5.27
N ARG A 317 25.61 -11.19 4.97
CA ARG A 317 24.66 -11.03 3.87
C ARG A 317 23.70 -9.85 4.12
N MET A 318 23.23 -9.71 5.35
CA MET A 318 22.32 -8.61 5.66
C MET A 318 23.07 -7.27 5.67
N ASP A 319 24.33 -7.29 6.11
CA ASP A 319 25.15 -6.08 6.05
C ASP A 319 25.31 -5.65 4.60
N THR A 320 25.44 -6.61 3.70
CA THR A 320 25.60 -6.28 2.29
C THR A 320 24.32 -5.65 1.74
N HIS A 321 23.16 -6.20 2.11
CA HIS A 321 21.88 -5.58 1.77
C HIS A 321 21.86 -4.12 2.20
N ARG A 322 22.26 -3.88 3.45
CA ARG A 322 22.29 -2.52 3.99
C ARG A 322 23.25 -1.63 3.20
N ASP A 323 24.46 -2.10 2.98
CA ASP A 323 25.48 -1.28 2.36
C ASP A 323 25.16 -0.97 0.89
N LEU A 324 24.42 -1.86 0.22
CA LEU A 324 24.02 -1.62 -1.16
C LEU A 324 22.66 -0.92 -1.24
N ALA A 325 22.10 -0.58 -0.07
CA ALA A 325 20.83 0.13 0.02
C ALA A 325 19.71 -0.61 -0.72
N ILE A 326 19.71 -1.94 -0.61
CA ILE A 326 18.59 -2.78 -1.07
C ILE A 326 17.76 -3.17 0.13
N PRO A 327 16.58 -2.58 0.27
CA PRO A 327 15.76 -2.78 1.46
C PRO A 327 15.32 -4.23 1.58
N VAL A 328 15.38 -4.79 2.79
CA VAL A 328 14.91 -6.14 3.02
C VAL A 328 14.07 -6.14 4.30
N GLY A 329 12.90 -6.76 4.25
CA GLY A 329 12.03 -6.84 5.40
C GLY A 329 12.08 -8.11 6.23
N ALA A 330 12.59 -9.21 5.67
CA ALA A 330 12.71 -10.45 6.42
C ALA A 330 13.88 -11.31 5.95
N VAL A 331 14.52 -12.00 6.88
CA VAL A 331 15.53 -12.98 6.50
C VAL A 331 15.09 -14.36 7.00
N VAL A 332 15.18 -15.33 6.11
CA VAL A 332 14.91 -16.71 6.43
C VAL A 332 16.24 -17.43 6.68
N ILE A 333 16.37 -18.11 7.81
CA ILE A 333 17.55 -18.91 8.04
C ILE A 333 17.19 -20.39 8.02
N GLU A 334 17.59 -21.07 6.95
CA GLU A 334 17.29 -22.50 6.86
C GLU A 334 18.23 -23.37 7.66
N ALA A 335 19.54 -23.23 7.54
CA ALA A 335 20.30 -24.07 8.44
C ALA A 335 20.79 -23.23 9.58
N TRP A 336 19.95 -23.19 10.61
CA TRP A 336 20.27 -22.54 11.86
C TRP A 336 20.53 -23.51 12.98
N SER A 337 20.25 -24.79 12.74
CA SER A 337 20.01 -25.68 13.87
C SER A 337 21.10 -26.72 14.01
N ASP A 338 20.96 -27.55 15.04
CA ASP A 338 21.87 -28.66 15.29
C ASP A 338 21.79 -29.74 14.20
N GLU A 339 20.84 -29.58 13.28
CA GLU A 339 20.60 -30.58 12.24
C GLU A 339 20.31 -31.95 12.85
N GLN A 340 19.79 -31.97 14.07
CA GLN A 340 19.33 -33.23 14.62
C GLN A 340 17.85 -33.11 14.95
N GLY A 341 17.53 -32.46 16.03
CA GLY A 341 16.17 -32.16 16.34
C GLY A 341 15.53 -31.01 15.59
N ILE A 342 16.35 -30.09 15.06
CA ILE A 342 15.91 -28.93 14.34
C ILE A 342 15.00 -28.07 15.22
N THR A 343 15.35 -27.97 16.48
CA THR A 343 14.69 -27.10 17.40
C THR A 343 15.69 -26.44 18.34
N ILE A 344 16.97 -26.57 18.02
CA ILE A 344 18.05 -25.99 18.83
C ILE A 344 19.14 -25.35 17.95
N TRP A 345 19.65 -24.18 18.33
CA TRP A 345 20.70 -23.54 17.54
C TRP A 345 21.94 -24.44 17.43
N ARG A 346 22.54 -24.54 16.25
CA ARG A 346 23.75 -25.32 16.10
C ARG A 346 24.84 -24.85 17.07
N ASP A 347 25.54 -25.84 17.64
CA ASP A 347 26.60 -25.71 18.64
C ASP A 347 26.14 -25.14 19.97
N ALA A 348 24.85 -25.24 20.27
CA ALA A 348 24.36 -24.87 21.58
C ALA A 348 24.79 -25.92 22.58
N VAL A 349 25.06 -25.50 23.81
CA VAL A 349 25.49 -26.40 24.87
C VAL A 349 24.46 -26.47 26.00
N TYR A 350 24.05 -27.67 26.35
CA TYR A 350 22.96 -27.86 27.30
C TYR A 350 22.98 -29.27 27.88
N ALA A 351 22.32 -29.46 29.01
CA ALA A 351 22.12 -30.79 29.54
C ALA A 351 20.89 -31.40 28.87
N VAL A 352 21.05 -32.58 28.28
CA VAL A 352 19.95 -33.30 27.64
C VAL A 352 18.85 -33.65 28.65
N THR A 353 17.59 -33.47 28.27
CA THR A 353 16.52 -33.92 29.14
C THR A 353 16.15 -35.33 28.70
N GLU A 354 16.49 -36.30 29.56
CA GLU A 354 16.30 -37.73 29.28
C GLU A 354 14.83 -38.05 29.01
N ASP A 355 13.93 -37.25 29.58
CA ASP A 355 12.50 -37.56 29.49
C ASP A 355 11.85 -37.06 28.20
N GLY A 356 12.61 -36.34 27.38
CA GLY A 356 12.06 -35.78 26.17
C GLY A 356 11.21 -34.53 26.38
N SER A 357 11.36 -33.89 27.53
CA SER A 357 10.68 -32.63 27.81
C SER A 357 11.37 -31.50 27.04
N ALA A 358 10.63 -30.43 26.81
CA ALA A 358 11.16 -29.26 26.11
C ALA A 358 12.14 -28.47 26.97
N HIS A 359 13.03 -27.71 26.33
CA HIS A 359 14.03 -26.87 27.02
C HIS A 359 13.54 -25.44 27.24
N ARG A 360 13.96 -24.83 28.35
CA ARG A 360 13.79 -23.39 28.46
C ARG A 360 15.04 -22.69 27.90
N ALA A 361 14.98 -21.36 27.79
CA ALA A 361 16.05 -20.61 27.14
C ALA A 361 17.35 -20.69 27.95
N GLU A 362 17.20 -20.67 29.26
CA GLU A 362 18.35 -20.64 30.15
C GLU A 362 19.09 -21.98 30.21
N ASP A 363 18.52 -23.04 29.62
CA ASP A 363 19.23 -24.31 29.52
C ASP A 363 20.46 -24.20 28.62
N PHE A 364 20.46 -23.23 27.71
CA PHE A 364 21.44 -23.18 26.64
C PHE A 364 22.59 -22.20 26.90
N SER A 365 23.81 -22.65 26.60
CA SER A 365 24.95 -21.74 26.49
C SER A 365 25.41 -21.72 25.06
N TYR A 366 25.94 -20.60 24.63
CA TYR A 366 26.44 -20.44 23.27
C TYR A 366 27.92 -20.04 23.31
N ARG A 367 28.76 -20.86 22.69
CA ARG A 367 30.19 -20.68 22.79
C ARG A 367 30.72 -19.68 21.77
N PRO A 368 31.71 -18.87 22.19
CA PRO A 368 32.27 -17.80 21.36
C PRO A 368 32.75 -18.30 20.01
N ASP A 369 33.21 -19.55 19.97
CA ASP A 369 33.74 -20.14 18.75
C ASP A 369 32.71 -20.96 17.98
N GLY A 370 31.47 -20.99 18.47
CA GLY A 370 30.44 -21.79 17.82
C GLY A 370 29.85 -21.13 16.58
N ALA A 371 29.00 -21.87 15.86
CA ALA A 371 28.37 -21.31 14.68
C ALA A 371 27.46 -20.11 14.99
N TRP A 372 26.85 -20.11 16.17
CA TRP A 372 25.97 -19.01 16.59
C TRP A 372 26.37 -18.56 18.00
N PRO A 373 27.44 -17.75 18.10
CA PRO A 373 27.94 -17.36 19.41
C PRO A 373 26.93 -16.54 20.22
N ASP A 374 26.17 -15.68 19.55
CA ASP A 374 25.18 -14.88 20.27
C ASP A 374 23.93 -14.63 19.42
N PRO A 375 23.05 -15.63 19.31
CA PRO A 375 21.91 -15.46 18.40
C PRO A 375 20.93 -14.35 18.83
N LYS A 376 20.77 -14.10 20.12
CA LYS A 376 19.91 -13.01 20.57
C LYS A 376 20.43 -11.66 20.10
N ALA A 377 21.75 -11.46 20.18
CA ALA A 377 22.34 -10.20 19.72
C ALA A 377 22.14 -10.03 18.22
N MET A 378 22.30 -11.11 17.46
CA MET A 378 22.08 -11.06 16.02
C MET A 378 20.64 -10.63 15.72
N ILE A 379 19.69 -11.27 16.38
CA ILE A 379 18.27 -11.01 16.13
C ILE A 379 17.88 -9.60 16.61
N ASP A 380 18.41 -9.19 17.74
CA ASP A 380 18.13 -7.85 18.24
C ASP A 380 18.62 -6.80 17.23
N GLU A 381 19.80 -6.98 16.66
CA GLU A 381 20.30 -6.05 15.67
C GLU A 381 19.44 -6.03 14.41
N LEU A 382 19.06 -7.22 13.92
CA LEU A 382 18.19 -7.30 12.74
C LEU A 382 16.86 -6.59 13.02
N HIS A 383 16.28 -6.85 14.19
CA HIS A 383 15.05 -6.17 14.58
C HIS A 383 15.25 -4.65 14.63
N ALA A 384 16.40 -4.22 15.12
CA ALA A 384 16.71 -2.79 15.20
C ALA A 384 16.71 -2.16 13.81
N ARG A 385 17.12 -2.94 12.80
CA ARG A 385 17.09 -2.47 11.43
C ARG A 385 15.73 -2.69 10.76
N GLY A 386 14.77 -3.22 11.50
CA GLY A 386 13.44 -3.46 10.97
C GLY A 386 13.32 -4.74 10.15
N ILE A 387 14.25 -5.67 10.35
CA ILE A 387 14.25 -6.93 9.62
C ILE A 387 13.75 -8.06 10.52
N LYS A 388 12.73 -8.78 10.05
CA LYS A 388 12.19 -9.97 10.74
C LYS A 388 13.02 -11.23 10.52
N VAL A 389 12.93 -12.17 11.45
CA VAL A 389 13.72 -13.38 11.39
C VAL A 389 12.81 -14.61 11.37
N ILE A 390 13.02 -15.44 10.35
CA ILE A 390 12.23 -16.65 10.12
C ILE A 390 13.12 -17.88 10.18
N LEU A 391 12.75 -18.85 10.99
CA LEU A 391 13.53 -20.08 11.15
C LEU A 391 12.88 -21.29 10.47
N TRP A 392 13.69 -22.09 9.78
CA TRP A 392 13.23 -23.28 9.07
C TRP A 392 12.77 -24.37 10.03
N GLN A 393 11.75 -25.10 9.59
CA GLN A 393 11.20 -26.22 10.33
C GLN A 393 10.82 -27.36 9.38
N ILE A 394 10.83 -28.58 9.92
CA ILE A 394 10.39 -29.77 9.23
C ILE A 394 9.61 -30.64 10.23
N PRO A 395 8.51 -31.27 9.80
CA PRO A 395 7.74 -32.07 10.77
C PRO A 395 8.23 -33.51 10.84
N LEU A 396 9.49 -33.68 11.23
CA LEU A 396 10.15 -34.98 11.27
C LEU A 396 11.13 -35.05 12.43
N GLN A 397 11.15 -36.19 13.10
CA GLN A 397 12.08 -36.45 14.18
C GLN A 397 13.04 -37.56 13.77
N LYS A 398 14.30 -37.19 13.55
CA LYS A 398 15.31 -38.13 13.10
C LYS A 398 15.49 -39.30 14.06
N THR A 399 15.46 -40.50 13.52
CA THR A 399 15.71 -41.72 14.28
C THR A 399 17.13 -42.30 14.14
N GLU A 400 17.96 -41.70 13.31
CA GLU A 400 19.26 -42.29 12.98
C GLU A 400 20.30 -42.13 14.07
N PHE A 401 19.98 -41.37 15.11
CA PHE A 401 20.91 -41.17 16.21
C PHE A 401 20.52 -42.00 17.43
N SER A 402 21.52 -42.65 18.03
CA SER A 402 21.30 -43.45 19.23
C SER A 402 21.22 -42.62 20.48
N THR A 403 21.91 -41.47 20.48
CA THR A 403 22.04 -40.66 21.67
C THR A 403 21.65 -39.20 21.47
N GLY A 404 21.71 -38.43 22.55
CA GLY A 404 21.43 -37.01 22.51
C GLY A 404 19.97 -36.67 22.68
N GLN A 405 19.66 -35.38 22.64
CA GLN A 405 18.29 -34.92 22.78
C GLN A 405 17.39 -35.49 21.71
N VAL A 406 17.92 -35.62 20.49
CA VAL A 406 17.12 -36.09 19.38
C VAL A 406 16.61 -37.52 19.63
N ALA A 407 17.45 -38.36 20.24
CA ALA A 407 17.08 -39.75 20.53
C ALA A 407 16.13 -39.82 21.73
N ALA A 408 16.39 -38.98 22.72
CA ALA A 408 15.49 -38.90 23.88
C ALA A 408 14.08 -38.50 23.44
N ASP A 409 13.98 -37.54 22.53
CA ASP A 409 12.69 -37.03 22.09
C ASP A 409 11.95 -38.08 21.23
N ALA A 410 12.69 -38.77 20.37
CA ALA A 410 12.08 -39.81 19.52
C ALA A 410 11.51 -40.91 20.42
N ALA A 411 12.25 -41.28 21.45
CA ALA A 411 11.80 -42.30 22.37
C ALA A 411 10.57 -41.83 23.12
N ALA A 412 10.56 -40.57 23.55
CA ALA A 412 9.39 -40.01 24.19
C ALA A 412 8.18 -40.01 23.25
N MET A 413 8.42 -39.75 21.97
CA MET A 413 7.34 -39.73 21.00
C MET A 413 6.62 -41.07 20.94
N VAL A 414 7.39 -42.15 20.91
CA VAL A 414 6.84 -43.50 20.87
C VAL A 414 6.17 -43.82 22.20
N ARG A 415 6.87 -43.55 23.30
CA ARG A 415 6.36 -43.89 24.64
C ARG A 415 5.05 -43.18 24.95
N ASP A 416 4.97 -41.88 24.66
CA ASP A 416 3.81 -41.09 25.04
C ASP A 416 2.77 -40.90 23.93
N GLY A 417 2.97 -41.57 22.81
CA GLY A 417 1.99 -41.55 21.75
C GLY A 417 1.93 -40.27 20.93
N HIS A 418 3.08 -39.67 20.65
CA HIS A 418 3.15 -38.44 19.87
C HIS A 418 3.45 -38.69 18.39
N ALA A 419 3.64 -39.95 18.02
CA ALA A 419 4.02 -40.28 16.64
C ALA A 419 2.86 -40.84 15.83
N VAL A 420 2.81 -40.44 14.55
CA VAL A 420 1.89 -41.03 13.61
C VAL A 420 2.18 -42.54 13.53
N LEU A 421 1.14 -43.35 13.50
CA LEU A 421 1.29 -44.80 13.63
C LEU A 421 0.97 -45.58 12.35
N GLU A 422 1.61 -46.73 12.20
CA GLU A 422 1.22 -47.71 11.19
C GLU A 422 -0.02 -48.45 11.68
N ALA A 423 -0.56 -49.30 10.83
CA ALA A 423 -1.75 -50.07 11.18
C ALA A 423 -1.46 -51.04 12.31
N ASP A 424 -0.22 -51.52 12.36
CA ASP A 424 0.16 -52.51 13.37
C ASP A 424 0.56 -51.87 14.70
N GLY A 425 0.45 -50.54 14.78
CA GLY A 425 0.69 -49.87 16.04
C GLY A 425 2.11 -49.39 16.28
N THR A 426 3.05 -49.81 15.44
CA THR A 426 4.40 -49.26 15.47
C THR A 426 4.41 -47.85 14.86
N ALA A 427 5.43 -47.07 15.16
CA ALA A 427 5.50 -45.70 14.65
C ALA A 427 5.84 -45.68 13.18
N TYR A 428 5.16 -44.84 12.42
CA TYR A 428 5.47 -44.64 11.02
C TYR A 428 6.88 -44.10 10.84
N ARG A 429 7.61 -44.61 9.87
CA ARG A 429 8.90 -44.13 9.49
C ARG A 429 8.96 -43.53 8.10
N ASN A 430 9.50 -42.34 8.03
CA ASN A 430 9.64 -41.63 6.79
C ASN A 430 10.21 -42.51 5.70
N ARG A 431 9.37 -42.74 4.71
CA ARG A 431 9.54 -43.77 3.72
C ARG A 431 10.12 -43.00 2.62
N GLY A 432 10.68 -41.85 3.00
CA GLY A 432 11.10 -40.84 2.09
C GLY A 432 12.50 -41.16 1.82
N TRP A 433 13.08 -40.38 0.92
CA TRP A 433 14.49 -40.48 0.55
C TRP A 433 15.51 -39.66 1.34
N TRP A 434 15.11 -38.50 1.86
CA TRP A 434 16.01 -37.78 2.86
C TRP A 434 15.36 -37.67 4.28
N PHE A 435 16.10 -37.49 5.35
CA PHE A 435 15.61 -37.66 6.72
C PHE A 435 15.06 -39.11 6.84
N PRO A 436 15.90 -40.13 6.62
CA PRO A 436 15.41 -41.50 6.45
C PRO A 436 14.84 -42.08 7.73
N GLN A 437 13.66 -42.69 7.63
CA GLN A 437 13.04 -43.36 8.76
C GLN A 437 12.73 -42.41 9.92
N ALA A 438 12.61 -41.13 9.64
CA ALA A 438 12.25 -40.17 10.68
C ALA A 438 10.79 -40.35 11.07
N LEU A 439 10.47 -40.16 12.35
CA LEU A 439 9.08 -40.17 12.82
C LEU A 439 8.36 -38.87 12.46
N MET A 440 7.04 -38.94 12.32
CA MET A 440 6.21 -37.75 12.13
C MET A 440 5.43 -37.46 13.40
N PRO A 441 5.56 -36.24 13.95
CA PRO A 441 4.72 -35.95 15.11
C PRO A 441 3.26 -35.95 14.69
N ASP A 442 2.36 -36.41 15.53
CA ASP A 442 1.00 -36.48 15.06
C ASP A 442 0.33 -35.17 15.43
N LEU A 443 0.21 -34.32 14.44
CA LEU A 443 -0.19 -32.93 14.66
C LEU A 443 -1.69 -32.83 14.46
N SER A 444 -2.32 -33.99 14.24
CA SER A 444 -3.77 -34.02 14.09
C SER A 444 -4.51 -33.74 15.40
N VAL A 445 -3.81 -33.83 16.53
CA VAL A 445 -4.48 -33.57 17.81
C VAL A 445 -3.73 -32.55 18.67
N GLN A 446 -4.50 -31.85 19.51
CA GLN A 446 -3.98 -30.70 20.24
C GLN A 446 -2.81 -31.03 21.17
N ARG A 447 -2.89 -32.15 21.90
CA ARG A 447 -1.86 -32.48 22.88
C ARG A 447 -0.49 -32.63 22.23
N THR A 448 -0.45 -33.20 21.03
CA THR A 448 0.83 -33.37 20.36
C THR A 448 1.27 -32.09 19.65
N ARG A 449 0.33 -31.32 19.09
CA ARG A 449 0.69 -30.00 18.59
C ARG A 449 1.35 -29.19 19.72
N ASP A 450 0.77 -29.24 20.92
CA ASP A 450 1.34 -28.61 22.12
C ASP A 450 2.76 -29.12 22.40
N TRP A 451 2.90 -30.43 22.52
CA TRP A 451 4.17 -31.06 22.87
C TRP A 451 5.27 -30.75 21.86
N TRP A 452 4.96 -30.89 20.58
CA TRP A 452 5.92 -30.61 19.52
C TRP A 452 6.38 -29.15 19.48
N THR A 453 5.42 -28.24 19.47
CA THR A 453 5.71 -26.82 19.38
C THR A 453 6.35 -26.29 20.67
N GLU A 454 6.09 -26.96 21.80
CA GLU A 454 6.64 -26.50 23.07
C GLU A 454 8.17 -26.47 23.02
N LYS A 455 8.76 -27.35 22.23
CA LYS A 455 10.20 -27.39 22.08
C LYS A 455 10.75 -26.14 21.39
N ARG A 456 9.90 -25.51 20.58
CA ARG A 456 10.25 -24.30 19.86
C ARG A 456 9.86 -23.00 20.59
N ARG A 457 9.15 -23.13 21.72
CA ARG A 457 8.56 -21.96 22.37
C ARG A 457 9.61 -20.90 22.74
N TYR A 458 10.75 -21.33 23.27
CA TYR A 458 11.79 -20.37 23.66
C TYR A 458 12.33 -19.58 22.46
N LEU A 459 12.20 -20.13 21.25
CA LEU A 459 12.65 -19.41 20.06
C LEU A 459 11.80 -18.18 19.81
N VAL A 460 10.49 -18.30 20.04
CA VAL A 460 9.60 -17.15 19.91
C VAL A 460 9.57 -16.25 21.16
N GLU A 461 9.55 -16.85 22.35
CA GLU A 461 9.38 -16.07 23.58
C GLU A 461 10.68 -15.40 24.07
N HIS A 462 11.80 -16.11 24.02
CA HIS A 462 13.08 -15.54 24.39
C HIS A 462 13.73 -14.85 23.19
N PHE A 463 14.01 -15.60 22.13
CA PHE A 463 14.71 -15.02 20.97
C PHE A 463 13.85 -14.10 20.09
N ASP A 464 12.54 -14.06 20.32
CA ASP A 464 11.63 -13.16 19.60
C ASP A 464 11.60 -13.40 18.07
N VAL A 465 11.79 -14.66 17.66
CA VAL A 465 11.66 -15.05 16.26
C VAL A 465 10.25 -14.69 15.72
N ASP A 466 10.21 -14.19 14.49
CA ASP A 466 8.96 -13.69 13.94
C ASP A 466 8.12 -14.66 13.10
N GLY A 467 8.65 -15.83 12.81
CA GLY A 467 7.91 -16.76 11.97
C GLY A 467 8.68 -18.05 11.75
N PHE A 468 8.05 -19.01 11.09
CA PHE A 468 8.70 -20.28 10.83
C PHE A 468 8.49 -20.67 9.38
N LYS A 469 9.53 -21.16 8.74
CA LYS A 469 9.34 -21.64 7.40
C LYS A 469 9.03 -23.11 7.63
N THR A 470 7.75 -23.45 7.45
CA THR A 470 7.39 -24.80 7.82
C THR A 470 7.40 -25.51 6.50
N ALA A 471 8.55 -26.13 6.25
CA ALA A 471 8.85 -26.85 5.03
C ALA A 471 8.34 -28.28 5.13
N GLY A 472 8.09 -28.93 4.01
CA GLY A 472 7.71 -30.33 4.00
C GLY A 472 6.31 -30.58 4.50
N GLY A 473 6.09 -31.73 5.12
CA GLY A 473 4.76 -32.14 5.51
C GLY A 473 4.05 -33.11 4.55
N GLU A 474 4.74 -33.50 3.47
CA GLU A 474 4.19 -34.43 2.47
C GLU A 474 4.55 -35.88 2.74
N HIS A 475 5.17 -36.13 3.90
CA HIS A 475 5.93 -37.36 4.12
C HIS A 475 5.10 -38.60 4.40
N ALA A 476 3.80 -38.45 4.66
CA ALA A 476 3.05 -39.61 5.11
C ALA A 476 2.57 -40.40 3.90
N TRP A 477 3.09 -41.61 3.77
CA TRP A 477 2.60 -42.53 2.75
C TRP A 477 2.11 -43.80 3.42
N GLY A 478 0.79 -43.98 3.41
CA GLY A 478 0.16 -45.28 3.41
C GLY A 478 -1.31 -45.10 3.66
N HIS A 479 -2.11 -46.05 3.21
CA HIS A 479 -3.55 -45.90 3.24
C HIS A 479 -4.06 -46.22 4.63
N ASP A 480 -3.36 -47.13 5.29
CA ASP A 480 -3.74 -47.63 6.60
C ASP A 480 -3.03 -46.98 7.80
N LEU A 481 -2.29 -45.91 7.57
CA LEU A 481 -1.68 -45.16 8.70
C LEU A 481 -2.78 -44.74 9.69
N VAL A 482 -2.44 -44.61 10.96
CA VAL A 482 -3.41 -44.23 11.97
C VAL A 482 -3.03 -42.94 12.70
N TYR A 483 -3.95 -41.97 12.68
CA TYR A 483 -3.79 -40.69 13.35
C TYR A 483 -4.63 -40.64 14.60
N ALA A 484 -4.15 -39.90 15.61
CA ALA A 484 -4.81 -39.85 16.90
C ALA A 484 -6.17 -39.17 16.84
N ASP A 485 -6.45 -38.46 15.76
CA ASP A 485 -7.74 -37.82 15.64
C ASP A 485 -8.78 -38.82 15.13
N GLY A 486 -8.36 -40.07 14.91
CA GLY A 486 -9.26 -41.13 14.46
C GLY A 486 -9.30 -41.36 12.96
N ARG A 487 -8.64 -40.51 12.20
CA ARG A 487 -8.55 -40.69 10.75
C ARG A 487 -7.48 -41.70 10.37
N LYS A 488 -7.71 -42.42 9.28
CA LYS A 488 -6.69 -43.28 8.72
C LYS A 488 -5.93 -42.53 7.63
N GLY A 489 -4.89 -43.14 7.11
CA GLY A 489 -3.97 -42.47 6.21
C GLY A 489 -4.58 -42.03 4.90
N ASP A 490 -5.53 -42.81 4.38
CA ASP A 490 -6.16 -42.46 3.11
C ASP A 490 -6.89 -41.12 3.21
N GLU A 491 -7.47 -40.86 4.38
CA GLU A 491 -8.02 -39.56 4.73
C GLU A 491 -7.04 -38.52 5.32
N GLY A 492 -6.16 -38.96 6.21
CA GLY A 492 -5.39 -38.05 7.03
C GLY A 492 -4.13 -37.49 6.39
N ASN A 493 -3.55 -38.24 5.46
CA ASN A 493 -2.25 -37.86 4.90
C ASN A 493 -2.28 -36.53 4.15
N ASN A 494 -3.37 -36.27 3.43
CA ASN A 494 -3.52 -35.00 2.76
C ASN A 494 -3.76 -33.85 3.74
N LEU A 495 -4.32 -34.15 4.90
CA LEU A 495 -4.60 -33.12 5.90
C LEU A 495 -3.35 -32.72 6.71
N TYR A 496 -2.34 -33.59 6.73
CA TYR A 496 -1.17 -33.38 7.56
C TYR A 496 -0.55 -31.99 7.42
N PRO A 497 -0.28 -31.52 6.18
CA PRO A 497 0.34 -30.18 6.10
C PRO A 497 -0.54 -29.05 6.62
N VAL A 498 -1.87 -29.22 6.58
CA VAL A 498 -2.77 -28.26 7.20
C VAL A 498 -2.57 -28.18 8.72
N HIS A 499 -2.60 -29.35 9.38
CA HIS A 499 -2.35 -29.43 10.82
C HIS A 499 -0.99 -28.82 11.17
N TYR A 500 -0.02 -29.06 10.30
CA TYR A 500 1.36 -28.64 10.50
C TYR A 500 1.50 -27.12 10.51
N ALA A 501 1.02 -26.47 9.46
CA ALA A 501 0.94 -25.02 9.40
C ALA A 501 0.21 -24.43 10.61
N ARG A 502 -0.98 -24.97 10.88
CA ARG A 502 -1.83 -24.53 11.97
C ARG A 502 -1.09 -24.62 13.32
N ALA A 503 -0.35 -25.71 13.52
CA ALA A 503 0.36 -25.90 14.77
C ALA A 503 1.36 -24.77 15.03
N PHE A 504 2.12 -24.39 14.02
CA PHE A 504 3.09 -23.33 14.26
C PHE A 504 2.45 -21.94 14.21
N GLY A 505 1.36 -21.80 13.47
CA GLY A 505 0.53 -20.61 13.56
C GLY A 505 0.09 -20.37 15.00
N ASP A 506 -0.39 -21.43 15.64
CA ASP A 506 -0.88 -21.36 17.02
C ASP A 506 0.23 -21.07 18.03
N LEU A 507 1.42 -21.65 17.83
CA LEU A 507 2.57 -21.31 18.67
C LEU A 507 2.81 -19.80 18.66
N LEU A 508 2.89 -19.22 17.48
CA LEU A 508 3.10 -17.80 17.30
C LEU A 508 1.98 -17.00 18.00
N ARG A 509 0.72 -17.35 17.72
CA ARG A 509 -0.42 -16.76 18.42
C ARG A 509 -0.27 -16.82 19.94
N SER A 510 0.18 -17.95 20.47
CA SER A 510 0.22 -18.14 21.91
C SER A 510 1.29 -17.26 22.54
N ALA A 511 2.24 -16.83 21.73
CA ALA A 511 3.30 -15.92 22.15
C ALA A 511 2.93 -14.47 21.82
N GLY A 512 1.71 -14.24 21.37
CA GLY A 512 1.24 -12.88 21.13
C GLY A 512 1.67 -12.32 19.79
N LYS A 513 2.10 -13.19 18.88
CA LYS A 513 2.60 -12.77 17.58
C LYS A 513 1.70 -13.29 16.46
N ALA A 514 1.74 -12.62 15.31
CA ALA A 514 0.96 -13.03 14.14
C ALA A 514 1.39 -14.40 13.62
N PRO A 515 0.43 -15.18 13.10
CA PRO A 515 0.70 -16.58 12.72
C PRO A 515 1.43 -16.65 11.40
N VAL A 516 2.67 -16.15 11.35
CA VAL A 516 3.34 -16.14 10.08
C VAL A 516 4.12 -17.43 9.98
N THR A 517 3.57 -18.36 9.20
CA THR A 517 4.21 -19.61 8.83
C THR A 517 4.43 -19.42 7.34
N PHE A 518 5.43 -20.09 6.81
CA PHE A 518 5.76 -20.00 5.40
C PHE A 518 5.89 -21.46 4.91
N SER A 519 4.94 -21.91 4.10
CA SER A 519 4.77 -23.33 3.78
C SER A 519 4.70 -23.59 2.28
N ARG A 520 5.27 -24.67 1.79
CA ARG A 520 5.02 -25.13 0.43
C ARG A 520 3.77 -26.03 0.28
N ALA A 521 3.50 -26.83 1.31
CA ALA A 521 2.52 -27.89 1.22
C ALA A 521 1.23 -27.54 1.92
N GLY A 522 0.13 -28.06 1.41
CA GLY A 522 -1.16 -27.81 2.00
C GLY A 522 -2.29 -28.56 1.31
N PHE A 523 -3.51 -28.23 1.70
CA PHE A 523 -4.72 -28.87 1.21
C PHE A 523 -5.85 -27.92 1.49
N THR A 524 -7.07 -28.40 1.26
CA THR A 524 -8.27 -27.68 1.65
C THR A 524 -8.18 -27.25 3.12
N GLY A 525 -8.43 -25.98 3.39
CA GLY A 525 -8.30 -25.46 4.74
C GLY A 525 -7.01 -24.71 5.02
N SER A 526 -5.97 -24.94 4.22
CA SER A 526 -4.69 -24.24 4.37
C SER A 526 -4.82 -22.71 4.22
N GLN A 527 -5.91 -22.26 3.62
CA GLN A 527 -6.17 -20.83 3.42
C GLN A 527 -6.06 -20.06 4.75
N ALA A 528 -6.43 -20.70 5.84
CA ALA A 528 -6.46 -20.03 7.13
C ALA A 528 -5.09 -19.92 7.78
N HIS A 529 -4.08 -20.60 7.23
CA HIS A 529 -2.80 -20.63 7.94
C HIS A 529 -1.57 -20.13 7.19
N GLY A 530 -1.15 -18.92 7.53
CA GLY A 530 0.11 -18.39 7.05
C GLY A 530 0.28 -18.12 5.56
N ILE A 531 1.54 -18.23 5.15
CA ILE A 531 1.99 -17.85 3.84
C ILE A 531 2.47 -19.10 3.10
N PHE A 532 2.40 -19.06 1.78
CA PHE A 532 2.77 -20.20 0.95
C PHE A 532 3.72 -19.78 -0.14
N TRP A 533 4.66 -20.66 -0.48
CA TRP A 533 5.50 -20.42 -1.62
C TRP A 533 5.49 -21.65 -2.54
N ALA A 534 5.81 -21.43 -3.80
CA ALA A 534 5.58 -22.41 -4.87
C ALA A 534 6.50 -23.62 -4.84
N GLY A 535 7.48 -23.63 -3.93
CA GLY A 535 8.34 -24.80 -3.77
C GLY A 535 9.58 -24.76 -4.65
N ASP A 536 10.12 -25.92 -4.98
CA ASP A 536 11.45 -26.01 -5.58
C ASP A 536 11.42 -26.02 -7.12
N GLU A 537 12.24 -25.18 -7.75
CA GLU A 537 12.42 -25.23 -9.21
C GLU A 537 13.82 -24.82 -9.69
N ASP A 538 14.13 -25.17 -10.93
CA ASP A 538 15.38 -24.71 -11.54
C ASP A 538 15.22 -23.28 -11.97
N SER A 539 16.30 -22.67 -12.46
CA SER A 539 16.18 -21.29 -12.89
C SER A 539 16.05 -21.30 -14.40
N THR A 540 14.81 -21.16 -14.87
CA THR A 540 14.46 -21.32 -16.28
C THR A 540 13.25 -20.47 -16.53
N TRP A 541 13.03 -20.12 -17.78
CA TRP A 541 11.83 -19.36 -18.13
C TRP A 541 10.60 -20.24 -17.93
N GLN A 542 10.74 -21.52 -18.20
CA GLN A 542 9.62 -22.45 -18.04
C GLN A 542 9.13 -22.49 -16.59
N ALA A 543 10.06 -22.53 -15.64
CA ALA A 543 9.69 -22.52 -14.23
C ALA A 543 9.06 -21.19 -13.80
N PHE A 544 9.56 -20.09 -14.37
CA PHE A 544 9.02 -18.75 -14.16
C PHE A 544 7.54 -18.76 -14.55
N ARG A 545 7.25 -19.20 -15.77
CA ARG A 545 5.87 -19.25 -16.23
C ARG A 545 5.03 -20.17 -15.36
N SER A 546 5.54 -21.35 -15.05
CA SER A 546 4.81 -22.28 -14.19
C SER A 546 4.50 -21.63 -12.85
N SER A 547 5.43 -20.84 -12.35
CA SER A 547 5.28 -20.23 -11.04
C SER A 547 4.18 -19.17 -11.03
N VAL A 548 4.12 -18.33 -12.06
CA VAL A 548 3.01 -17.39 -12.20
C VAL A 548 1.65 -18.12 -12.17
N THR A 549 1.57 -19.24 -12.89
CA THR A 549 0.34 -20.02 -12.96
C THR A 549 -0.03 -20.59 -11.60
N ALA A 550 0.99 -21.03 -10.87
CA ALA A 550 0.81 -21.54 -9.53
C ALA A 550 0.16 -20.49 -8.62
N GLY A 551 0.72 -19.29 -8.62
CA GLY A 551 0.15 -18.18 -7.87
C GLY A 551 -1.30 -17.87 -8.23
N LEU A 552 -1.58 -17.79 -9.52
CA LEU A 552 -2.94 -17.48 -10.00
C LEU A 552 -3.97 -18.53 -9.61
N THR A 553 -3.61 -19.80 -9.78
CA THR A 553 -4.51 -20.89 -9.45
C THR A 553 -4.70 -20.96 -7.94
N ALA A 554 -3.62 -20.84 -7.17
CA ALA A 554 -3.73 -20.83 -5.71
C ALA A 554 -4.66 -19.71 -5.24
N ALA A 555 -4.49 -18.54 -5.83
CA ALA A 555 -5.33 -17.40 -5.47
C ALA A 555 -6.81 -17.65 -5.78
N SER A 556 -7.09 -18.30 -6.90
CA SER A 556 -8.48 -18.60 -7.26
C SER A 556 -9.14 -19.49 -6.23
N CYS A 557 -8.32 -20.21 -5.47
CA CYS A 557 -8.77 -21.11 -4.41
C CYS A 557 -8.69 -20.51 -2.99
N GLY A 558 -8.29 -19.24 -2.89
CA GLY A 558 -8.29 -18.57 -1.61
C GLY A 558 -6.95 -18.50 -0.89
N ILE A 559 -5.87 -18.82 -1.60
CA ILE A 559 -4.55 -18.69 -1.01
C ILE A 559 -4.09 -17.27 -1.31
N VAL A 560 -4.05 -16.47 -0.27
CA VAL A 560 -3.86 -15.02 -0.39
C VAL A 560 -2.37 -14.68 -0.43
N TYR A 561 -1.66 -15.03 0.63
CA TYR A 561 -0.27 -14.66 0.68
C TYR A 561 0.58 -15.77 0.07
N TRP A 562 1.07 -15.47 -1.13
CA TRP A 562 1.75 -16.45 -1.94
C TRP A 562 2.94 -15.81 -2.62
N GLY A 563 3.99 -16.59 -2.76
CA GLY A 563 5.22 -16.16 -3.40
C GLY A 563 5.94 -17.37 -3.98
N TRP A 564 7.14 -17.14 -4.50
CA TRP A 564 7.95 -18.18 -5.13
C TRP A 564 9.41 -17.80 -5.02
N ASP A 565 10.32 -18.73 -5.26
CA ASP A 565 11.72 -18.33 -5.25
C ASP A 565 11.94 -17.63 -6.58
N LEU A 566 12.22 -16.34 -6.55
CA LEU A 566 12.21 -15.60 -7.82
C LEU A 566 13.42 -16.01 -8.62
N ALA A 567 13.18 -16.36 -9.88
CA ALA A 567 14.17 -16.88 -10.82
C ALA A 567 14.82 -18.21 -10.38
N GLY A 568 14.18 -18.94 -9.47
CA GLY A 568 14.53 -20.32 -9.12
C GLY A 568 15.64 -20.46 -8.09
N PHE A 569 15.59 -21.49 -7.24
CA PHE A 569 16.68 -21.69 -6.30
C PHE A 569 17.73 -22.76 -6.66
N SER A 570 17.48 -23.53 -7.72
CA SER A 570 18.25 -24.74 -7.93
C SER A 570 19.14 -24.64 -9.16
N GLY A 571 20.32 -25.22 -9.08
CA GLY A 571 21.25 -25.22 -10.19
C GLY A 571 22.10 -23.96 -10.25
N PRO A 572 22.82 -23.78 -11.38
CA PRO A 572 23.66 -22.59 -11.55
C PRO A 572 22.88 -21.30 -11.38
N VAL A 573 23.58 -20.26 -10.92
CA VAL A 573 22.98 -18.95 -10.74
C VAL A 573 22.31 -18.48 -12.03
N PRO A 574 21.08 -17.96 -11.94
CA PRO A 574 20.37 -17.46 -13.12
C PRO A 574 21.13 -16.37 -13.85
N ASP A 575 20.95 -16.29 -15.17
CA ASP A 575 21.49 -15.19 -15.94
C ASP A 575 20.77 -13.89 -15.58
N ALA A 576 21.40 -12.76 -15.89
CA ALA A 576 20.89 -11.45 -15.49
C ALA A 576 19.48 -11.16 -16.01
N GLU A 577 19.19 -11.59 -17.23
CA GLU A 577 17.90 -11.27 -17.84
C GLU A 577 16.75 -11.99 -17.15
N LEU A 578 16.87 -13.29 -16.93
CA LEU A 578 15.86 -14.04 -16.20
C LEU A 578 15.68 -13.49 -14.79
N TYR A 579 16.79 -13.25 -14.11
CA TYR A 579 16.74 -12.75 -12.73
C TYR A 579 15.94 -11.45 -12.64
N LEU A 580 16.27 -10.50 -13.51
CA LEU A 580 15.62 -9.18 -13.47
C LEU A 580 14.19 -9.21 -13.98
N ARG A 581 13.89 -10.05 -14.95
CA ARG A 581 12.49 -10.24 -15.36
C ARG A 581 11.70 -10.83 -14.19
N ALA A 582 12.28 -11.83 -13.54
CA ALA A 582 11.64 -12.44 -12.38
C ALA A 582 11.47 -11.43 -11.25
N ALA A 583 12.55 -10.72 -10.93
CA ALA A 583 12.52 -9.76 -9.85
C ALA A 583 11.46 -8.69 -10.08
N ALA A 584 11.38 -8.17 -11.31
CA ALA A 584 10.44 -7.11 -11.61
C ALA A 584 8.99 -7.57 -11.43
N ALA A 585 8.65 -8.73 -11.97
CA ALA A 585 7.30 -9.25 -11.83
C ALA A 585 6.99 -9.55 -10.36
N SER A 586 7.98 -10.06 -9.64
CA SER A 586 7.76 -10.48 -8.26
C SER A 586 7.47 -9.31 -7.32
N ALA A 587 8.03 -8.15 -7.64
CA ALA A 587 7.74 -6.92 -6.90
C ALA A 587 6.24 -6.57 -6.94
N PHE A 588 5.58 -7.11 -7.94
CA PHE A 588 4.13 -7.04 -8.14
C PHE A 588 3.32 -8.29 -7.71
N MET A 589 3.93 -9.16 -6.91
CA MET A 589 3.26 -10.37 -6.41
C MET A 589 3.07 -10.29 -4.89
N PRO A 590 2.15 -11.10 -4.31
CA PRO A 590 1.89 -10.99 -2.88
C PRO A 590 3.16 -11.10 -2.01
N ILE A 591 4.07 -11.99 -2.37
CA ILE A 591 5.28 -12.21 -1.60
C ILE A 591 6.49 -12.23 -2.51
N MET A 592 7.40 -11.28 -2.26
CA MET A 592 8.62 -11.12 -3.01
C MET A 592 9.77 -11.71 -2.20
N GLN A 593 10.35 -12.77 -2.73
CA GLN A 593 11.36 -13.54 -2.02
C GLN A 593 12.39 -14.15 -2.96
N TYR A 594 13.66 -14.13 -2.57
CA TYR A 594 14.67 -14.92 -3.29
C TYR A 594 15.23 -15.97 -2.36
N HIS A 595 15.77 -17.03 -2.94
CA HIS A 595 16.24 -18.18 -2.18
C HIS A 595 17.24 -18.99 -3.01
N SER A 596 18.06 -19.80 -2.35
CA SER A 596 19.02 -20.64 -3.05
C SER A 596 19.22 -21.97 -2.34
N GLU A 597 19.35 -23.03 -3.15
CA GLU A 597 19.47 -24.40 -2.67
C GLU A 597 20.84 -24.70 -2.08
N PHE A 598 20.90 -25.68 -1.17
CA PHE A 598 22.16 -26.20 -0.65
C PHE A 598 23.08 -26.63 -1.81
N ASN A 599 24.28 -26.06 -1.84
CA ASN A 599 25.36 -26.40 -2.78
C ASN A 599 26.53 -27.26 -2.27
N HIS A 600 26.44 -27.79 -1.06
CA HIS A 600 27.56 -28.47 -0.37
C HIS A 600 28.68 -27.50 -0.01
N HIS A 601 28.33 -26.27 0.20
CA HIS A 601 29.26 -25.26 0.62
C HIS A 601 30.49 -25.23 -0.26
N GLN A 602 30.28 -25.36 -1.55
CA GLN A 602 31.31 -25.23 -2.52
C GLN A 602 31.55 -23.79 -2.92
N LEU A 603 32.57 -23.54 -3.73
CA LEU A 603 32.78 -22.24 -4.38
C LEU A 603 32.86 -22.49 -5.86
N PRO A 604 32.33 -21.62 -6.70
CA PRO A 604 31.69 -20.37 -6.28
C PRO A 604 30.33 -20.59 -5.64
N LEU A 605 29.83 -19.56 -4.95
CA LEU A 605 28.52 -19.62 -4.33
C LEU A 605 27.40 -19.72 -5.35
N ARG A 606 26.32 -20.39 -4.97
CA ARG A 606 25.05 -20.39 -5.69
C ARG A 606 23.98 -19.41 -5.17
N ASP A 607 24.37 -18.50 -4.28
CA ASP A 607 23.44 -17.49 -3.76
C ASP A 607 22.66 -16.78 -4.88
N ARG A 608 21.39 -16.53 -4.59
CA ARG A 608 20.50 -15.75 -5.44
C ARG A 608 20.45 -14.25 -5.05
N THR A 609 21.34 -13.82 -4.16
CA THR A 609 21.42 -12.39 -3.85
C THR A 609 21.67 -11.55 -5.11
N PRO A 610 21.13 -10.33 -5.14
CA PRO A 610 21.31 -9.46 -6.32
C PRO A 610 22.79 -9.25 -6.65
N TRP A 611 23.63 -9.08 -5.63
CA TRP A 611 25.03 -8.80 -5.87
C TRP A 611 25.79 -10.03 -6.33
N HIS A 612 25.44 -11.20 -5.83
CA HIS A 612 26.12 -12.40 -6.30
C HIS A 612 25.74 -12.70 -7.74
N VAL A 613 24.49 -12.42 -8.10
CA VAL A 613 24.05 -12.61 -9.46
C VAL A 613 24.82 -11.64 -10.37
N ALA A 614 24.96 -10.40 -9.91
CA ALA A 614 25.75 -9.40 -10.64
C ALA A 614 27.17 -9.88 -10.83
N GLU A 615 27.76 -10.41 -9.76
CA GLU A 615 29.13 -10.90 -9.83
C GLU A 615 29.27 -12.08 -10.78
N THR A 616 28.31 -12.99 -10.74
CA THR A 616 28.40 -14.20 -11.54
C THR A 616 28.26 -13.84 -13.01
N THR A 617 27.28 -13.01 -13.30
CA THR A 617 26.98 -12.63 -14.68
C THR A 617 27.91 -11.55 -15.23
N GLY A 618 28.53 -10.78 -14.34
CA GLY A 618 29.29 -9.62 -14.76
C GLY A 618 28.41 -8.50 -15.28
N ASP A 619 27.12 -8.52 -14.91
CA ASP A 619 26.17 -7.53 -15.40
C ASP A 619 25.95 -6.42 -14.38
N ASP A 620 26.32 -5.20 -14.76
CA ASP A 620 26.32 -4.09 -13.81
C ASP A 620 24.95 -3.41 -13.75
N ARG A 621 23.98 -3.93 -14.47
CA ARG A 621 22.62 -3.49 -14.30
C ARG A 621 21.87 -4.21 -13.17
N VAL A 622 22.38 -5.35 -12.72
CA VAL A 622 21.60 -6.20 -11.82
C VAL A 622 21.33 -5.55 -10.44
N VAL A 623 22.37 -5.07 -9.78
CA VAL A 623 22.17 -4.44 -8.48
C VAL A 623 21.30 -3.18 -8.57
N PRO A 624 21.64 -2.22 -9.45
CA PRO A 624 20.82 -1.00 -9.48
C PRO A 624 19.36 -1.24 -9.85
N LEU A 625 19.11 -2.15 -10.79
CA LEU A 625 17.74 -2.37 -11.20
C LEU A 625 16.96 -3.15 -10.12
N PHE A 626 17.61 -4.15 -9.51
CA PHE A 626 16.97 -4.86 -8.42
C PHE A 626 16.62 -3.88 -7.30
N ARG A 627 17.57 -3.00 -6.98
CA ARG A 627 17.36 -1.97 -5.97
C ARG A 627 16.12 -1.12 -6.30
N ARG A 628 15.99 -0.72 -7.55
CA ARG A 628 14.80 0.02 -7.98
C ARG A 628 13.52 -0.75 -7.70
N PHE A 629 13.53 -2.02 -8.07
CA PHE A 629 12.36 -2.87 -7.87
C PHE A 629 12.04 -2.98 -6.37
N ALA A 630 13.06 -3.24 -5.57
CA ALA A 630 12.88 -3.40 -4.12
C ALA A 630 12.41 -2.10 -3.47
N THR A 631 12.91 -0.97 -3.96
CA THR A 631 12.56 0.33 -3.39
C THR A 631 11.13 0.70 -3.76
N LEU A 632 10.76 0.43 -5.00
CA LEU A 632 9.38 0.57 -5.43
C LEU A 632 8.45 -0.33 -4.59
N ARG A 633 8.87 -1.58 -4.39
CA ARG A 633 8.16 -2.52 -3.54
C ARG A 633 7.83 -1.93 -2.16
N GLU A 634 8.83 -1.34 -1.52
CA GLU A 634 8.66 -0.67 -0.22
C GLU A 634 7.50 0.32 -0.27
N SER A 635 7.45 1.12 -1.33
CA SER A 635 6.41 2.12 -1.48
C SER A 635 5.03 1.51 -1.67
N LEU A 636 4.99 0.27 -2.13
CA LEU A 636 3.73 -0.43 -2.40
C LEU A 636 3.11 -1.06 -1.17
N VAL A 637 3.86 -1.11 -0.08
CA VAL A 637 3.36 -1.84 1.10
C VAL A 637 2.00 -1.33 1.61
N PRO A 638 1.79 0.00 1.68
CA PRO A 638 0.44 0.41 2.10
C PRO A 638 -0.68 -0.03 1.15
N TYR A 639 -0.42 0.00 -0.16
CA TYR A 639 -1.40 -0.48 -1.14
C TYR A 639 -1.69 -1.97 -0.93
N LEU A 640 -0.64 -2.77 -0.86
CA LEU A 640 -0.77 -4.21 -0.69
C LEU A 640 -1.54 -4.54 0.57
N THR A 641 -1.22 -3.81 1.65
CA THR A 641 -1.89 -4.00 2.92
C THR A 641 -3.39 -3.71 2.80
N GLU A 642 -3.75 -2.61 2.16
CA GLU A 642 -5.15 -2.29 1.99
C GLU A 642 -5.84 -3.34 1.12
N GLN A 643 -5.21 -3.69 0.02
CA GLN A 643 -5.77 -4.65 -0.93
C GLN A 643 -5.91 -6.05 -0.30
N ALA A 644 -4.93 -6.45 0.52
CA ALA A 644 -5.01 -7.73 1.22
C ALA A 644 -6.21 -7.75 2.14
N ALA A 645 -6.45 -6.63 2.81
CA ALA A 645 -7.60 -6.52 3.68
C ALA A 645 -8.90 -6.65 2.88
N ARG A 646 -8.95 -6.06 1.69
CA ARG A 646 -10.15 -6.15 0.85
C ARG A 646 -10.37 -7.60 0.37
N THR A 647 -9.28 -8.23 -0.03
CA THR A 647 -9.31 -9.62 -0.46
C THR A 647 -9.87 -10.51 0.64
N ILE A 648 -9.47 -10.26 1.88
CA ILE A 648 -9.94 -11.07 2.98
C ILE A 648 -11.41 -10.77 3.30
N ALA A 649 -11.80 -9.51 3.11
CA ALA A 649 -13.18 -9.11 3.35
C ALA A 649 -14.13 -9.53 2.24
N THR A 650 -13.77 -9.28 0.99
CA THR A 650 -14.63 -9.60 -0.14
C THR A 650 -14.39 -10.93 -0.86
N ASP A 651 -13.28 -11.60 -0.54
CA ASP A 651 -12.82 -12.82 -1.22
C ASP A 651 -12.36 -12.60 -2.67
N ARG A 652 -12.48 -11.38 -3.18
CA ARG A 652 -11.85 -11.04 -4.46
C ARG A 652 -10.33 -11.12 -4.31
N PRO A 653 -9.68 -12.00 -5.09
CA PRO A 653 -8.26 -12.35 -4.89
C PRO A 653 -7.26 -11.19 -4.97
N LEU A 654 -6.14 -11.36 -4.28
CA LEU A 654 -5.05 -10.39 -4.32
C LEU A 654 -4.22 -10.51 -5.60
N MET A 655 -3.83 -11.72 -5.97
CA MET A 655 -3.21 -11.92 -7.26
C MET A 655 -4.32 -12.52 -8.13
N ARG A 656 -4.89 -11.69 -8.99
CA ARG A 656 -6.25 -11.95 -9.46
C ARG A 656 -6.37 -12.17 -10.95
N PRO A 657 -6.68 -13.42 -11.35
CA PRO A 657 -7.00 -13.71 -12.74
C PRO A 657 -8.12 -12.80 -13.22
N LEU A 658 -8.08 -12.39 -14.48
CA LEU A 658 -9.05 -11.43 -14.98
C LEU A 658 -10.49 -11.96 -15.00
N PHE A 659 -10.70 -13.26 -14.88
CA PHE A 659 -12.06 -13.78 -14.99
C PHE A 659 -12.91 -13.42 -13.78
N PHE A 660 -12.27 -12.96 -12.70
CA PHE A 660 -13.02 -12.56 -11.51
C PHE A 660 -13.81 -11.29 -11.76
N ASP A 661 -13.20 -10.33 -12.43
CA ASP A 661 -13.86 -9.07 -12.71
C ASP A 661 -14.44 -9.00 -14.11
N HIS A 662 -14.03 -9.88 -14.99
CA HIS A 662 -14.45 -9.82 -16.37
C HIS A 662 -14.88 -11.18 -16.92
N GLU A 663 -15.76 -11.85 -16.22
CA GLU A 663 -16.09 -13.21 -16.58
C GLU A 663 -16.56 -13.37 -18.06
N ASN A 664 -17.22 -12.34 -18.62
CA ASN A 664 -17.87 -12.41 -19.93
C ASN A 664 -17.00 -11.90 -21.07
N ASP A 665 -15.77 -11.54 -20.77
CA ASP A 665 -14.82 -11.17 -21.81
C ASP A 665 -14.03 -12.39 -22.25
N PRO A 666 -14.28 -12.86 -23.47
CA PRO A 666 -13.62 -14.07 -23.99
C PRO A 666 -12.14 -13.88 -24.21
N GLU A 667 -11.71 -12.66 -24.49
CA GLU A 667 -10.32 -12.41 -24.83
C GLU A 667 -9.34 -12.67 -23.68
N ILE A 668 -9.82 -12.60 -22.44
CA ILE A 668 -8.94 -12.76 -21.28
C ILE A 668 -8.18 -14.09 -21.29
N TRP A 669 -8.79 -15.13 -21.85
CA TRP A 669 -8.22 -16.46 -21.81
C TRP A 669 -7.03 -16.61 -22.74
N ASN A 670 -6.85 -15.66 -23.64
CA ASN A 670 -5.69 -15.64 -24.51
C ASN A 670 -4.48 -15.01 -23.83
N HIS A 671 -4.67 -14.55 -22.60
CA HIS A 671 -3.57 -13.93 -21.84
C HIS A 671 -3.57 -14.42 -20.40
N PRO A 672 -3.29 -15.72 -20.21
CA PRO A 672 -3.43 -16.40 -18.91
C PRO A 672 -2.41 -15.97 -17.86
N TYR A 673 -1.33 -15.31 -18.27
CA TYR A 673 -0.29 -14.90 -17.33
C TYR A 673 -0.48 -13.49 -16.76
N GLN A 674 -1.46 -12.76 -17.30
CA GLN A 674 -1.84 -11.44 -16.80
C GLN A 674 -2.68 -11.55 -15.56
N TYR A 675 -2.60 -10.56 -14.69
CA TYR A 675 -3.45 -10.53 -13.52
C TYR A 675 -3.58 -9.13 -12.95
N LEU A 676 -4.61 -8.93 -12.15
CA LEU A 676 -4.75 -7.71 -11.38
C LEU A 676 -4.12 -7.93 -10.02
N LEU A 677 -3.28 -7.00 -9.57
CA LEU A 677 -2.79 -7.02 -8.21
C LEU A 677 -3.69 -6.10 -7.41
N GLY A 678 -4.53 -6.70 -6.57
CA GLY A 678 -5.62 -5.94 -5.98
C GLY A 678 -6.57 -5.41 -7.04
N ASP A 679 -7.43 -4.48 -6.64
CA ASP A 679 -8.39 -3.87 -7.55
C ASP A 679 -7.76 -3.03 -8.65
N GLU A 680 -6.74 -2.25 -8.30
CA GLU A 680 -6.29 -1.16 -9.17
C GLU A 680 -5.17 -1.38 -10.20
N LEU A 681 -4.41 -2.46 -10.10
CA LEU A 681 -3.24 -2.60 -10.95
C LEU A 681 -3.26 -3.87 -11.78
N LEU A 682 -2.98 -3.75 -13.06
CA LEU A 682 -2.87 -4.90 -13.95
C LEU A 682 -1.42 -5.16 -14.29
N ILE A 683 -0.98 -6.38 -14.04
CA ILE A 683 0.42 -6.76 -14.23
C ILE A 683 0.55 -7.71 -15.42
N ASN A 684 1.62 -7.55 -16.19
CA ASN A 684 1.91 -8.46 -17.29
C ASN A 684 3.38 -8.84 -17.37
N PRO A 685 3.79 -9.83 -16.58
CA PRO A 685 5.18 -10.27 -16.45
C PRO A 685 5.82 -10.53 -17.80
N VAL A 686 7.11 -10.23 -17.95
CA VAL A 686 7.75 -10.55 -19.20
C VAL A 686 8.38 -11.93 -19.04
N LEU A 687 7.76 -12.89 -19.72
CA LEU A 687 8.05 -14.31 -19.54
C LEU A 687 8.96 -14.96 -20.59
N GLU A 688 9.50 -14.17 -21.50
CA GLU A 688 10.39 -14.72 -22.52
C GLU A 688 11.70 -13.95 -22.67
N PRO A 689 12.79 -14.67 -22.94
CA PRO A 689 14.08 -13.99 -23.16
C PRO A 689 14.11 -13.27 -24.50
N GLY A 690 14.82 -12.15 -24.56
CA GLY A 690 15.01 -11.44 -25.81
C GLY A 690 13.91 -10.47 -26.20
N ALA A 691 12.88 -10.31 -25.37
CA ALA A 691 11.77 -9.45 -25.74
C ALA A 691 12.10 -7.97 -25.54
N THR A 692 12.04 -7.19 -26.62
CA THR A 692 12.16 -5.73 -26.52
C THR A 692 10.82 -5.01 -26.44
N THR A 693 9.74 -5.72 -26.73
CA THR A 693 8.41 -5.15 -26.66
C THR A 693 7.50 -6.20 -26.05
N TRP A 694 6.37 -5.79 -25.51
CA TRP A 694 5.48 -6.72 -24.86
C TRP A 694 4.06 -6.22 -25.04
N THR A 695 3.14 -7.14 -25.26
CA THR A 695 1.76 -6.76 -25.52
C THR A 695 0.85 -7.21 -24.39
N THR A 696 0.03 -6.28 -23.92
CA THR A 696 -0.86 -6.49 -22.80
C THR A 696 -2.30 -6.31 -23.24
N TYR A 697 -3.20 -7.15 -22.76
CA TYR A 697 -4.61 -6.96 -23.05
C TYR A 697 -5.30 -6.32 -21.88
N LEU A 698 -5.75 -5.09 -22.09
CA LEU A 698 -6.48 -4.36 -21.06
C LEU A 698 -7.98 -4.52 -21.27
N PRO A 699 -8.66 -5.07 -20.27
CA PRO A 699 -10.11 -5.26 -20.35
C PRO A 699 -10.84 -3.93 -20.27
N ALA A 700 -12.17 -3.98 -20.19
CA ALA A 700 -12.99 -2.77 -20.19
C ALA A 700 -12.62 -1.85 -19.03
N GLY A 701 -12.87 -0.56 -19.23
CA GLY A 701 -12.47 0.48 -18.28
C GLY A 701 -11.34 1.34 -18.78
N GLU A 702 -10.93 2.31 -17.98
CA GLU A 702 -9.92 3.28 -18.40
C GLU A 702 -8.59 3.05 -17.69
N TRP A 703 -7.50 3.14 -18.44
CA TRP A 703 -6.20 2.73 -17.94
C TRP A 703 -5.11 3.78 -18.10
N ILE A 704 -4.14 3.72 -17.20
CA ILE A 704 -2.97 4.56 -17.25
C ILE A 704 -1.70 3.73 -17.16
N ASP A 705 -0.77 3.99 -18.07
CA ASP A 705 0.54 3.35 -18.02
C ASP A 705 1.30 3.96 -16.84
N VAL A 706 1.73 3.13 -15.89
CA VAL A 706 2.24 3.66 -14.63
C VAL A 706 3.63 4.25 -14.79
N TRP A 707 4.34 3.85 -15.83
CA TRP A 707 5.68 4.35 -16.05
C TRP A 707 5.72 5.73 -16.71
N THR A 708 4.81 5.99 -17.64
CA THR A 708 4.71 7.33 -18.22
C THR A 708 3.60 8.22 -17.69
N GLY A 709 2.72 7.68 -16.86
CA GLY A 709 1.53 8.41 -16.47
C GLY A 709 0.54 8.73 -17.59
N ASP A 710 0.79 8.23 -18.80
CA ASP A 710 -0.11 8.50 -19.93
C ASP A 710 -1.34 7.59 -19.98
N ARG A 711 -2.47 8.15 -20.38
CA ARG A 711 -3.68 7.36 -20.63
C ARG A 711 -3.40 6.36 -21.72
N VAL A 712 -4.05 5.20 -21.63
CA VAL A 712 -3.93 4.18 -22.65
C VAL A 712 -5.30 3.59 -22.92
N PRO A 713 -5.62 3.31 -24.20
CA PRO A 713 -6.95 2.78 -24.47
C PRO A 713 -7.04 1.29 -24.10
N SER A 714 -8.22 0.84 -23.74
CA SER A 714 -8.43 -0.57 -23.46
C SER A 714 -8.26 -1.37 -24.74
N GLY A 715 -8.05 -2.68 -24.61
CA GLY A 715 -7.65 -3.49 -25.75
C GLY A 715 -6.17 -3.82 -25.70
N LEU A 716 -5.63 -4.31 -26.81
CA LEU A 716 -4.23 -4.69 -26.88
C LEU A 716 -3.34 -3.46 -26.86
N VAL A 717 -2.34 -3.49 -25.99
CA VAL A 717 -1.38 -2.39 -25.90
C VAL A 717 0.03 -2.93 -25.94
N THR A 718 0.86 -2.36 -26.80
CA THR A 718 2.25 -2.76 -26.87
C THR A 718 3.14 -1.62 -26.40
N ARG A 719 4.13 -1.95 -25.56
CA ARG A 719 5.10 -0.95 -25.13
C ARG A 719 6.48 -1.57 -25.08
N ASP A 720 7.50 -0.73 -24.99
CA ASP A 720 8.87 -1.22 -24.87
C ASP A 720 9.10 -1.85 -23.50
N VAL A 721 9.92 -2.89 -23.47
CA VAL A 721 10.27 -3.51 -22.19
C VAL A 721 11.76 -3.66 -21.99
N PRO A 722 12.45 -2.52 -21.74
CA PRO A 722 13.83 -2.62 -21.24
C PRO A 722 13.79 -3.28 -19.87
N LEU A 723 14.93 -3.75 -19.37
CA LEU A 723 14.93 -4.51 -18.12
C LEU A 723 14.35 -3.75 -16.92
N GLU A 724 14.29 -2.42 -16.98
CA GLU A 724 13.80 -1.69 -15.84
C GLU A 724 12.28 -1.60 -15.83
N VAL A 725 11.64 -2.20 -16.83
CA VAL A 725 10.19 -2.11 -16.96
C VAL A 725 9.52 -3.48 -17.03
N VAL A 726 8.44 -3.63 -16.29
CA VAL A 726 7.47 -4.70 -16.54
C VAL A 726 6.18 -3.95 -16.75
N PRO A 727 5.38 -4.37 -17.75
CA PRO A 727 4.16 -3.59 -18.01
C PRO A 727 3.19 -3.65 -16.85
N VAL A 728 2.74 -2.49 -16.41
CA VAL A 728 1.83 -2.34 -15.30
C VAL A 728 0.89 -1.18 -15.63
N TYR A 729 -0.39 -1.37 -15.39
CA TYR A 729 -1.37 -0.37 -15.71
C TYR A 729 -2.29 -0.15 -14.53
N CYS A 730 -2.66 1.10 -14.30
CA CYS A 730 -3.50 1.44 -13.18
C CYS A 730 -4.86 1.94 -13.65
N ARG A 731 -5.90 1.58 -12.93
CA ARG A 731 -7.23 2.09 -13.21
C ARG A 731 -7.19 3.60 -13.06
N ALA A 732 -7.64 4.29 -14.10
CA ALA A 732 -7.49 5.74 -14.20
C ALA A 732 -8.06 6.47 -12.99
N SER A 733 -9.20 6.00 -12.50
CA SER A 733 -9.86 6.68 -11.39
C SER A 733 -9.05 6.67 -10.10
N ARG A 734 -8.24 5.62 -9.89
CA ARG A 734 -7.39 5.55 -8.72
C ARG A 734 -5.93 5.94 -8.94
N TRP A 735 -5.58 6.36 -10.15
CA TRP A 735 -4.19 6.73 -10.44
C TRP A 735 -3.68 7.86 -9.54
N SER A 736 -4.59 8.71 -9.08
CA SER A 736 -4.23 9.76 -8.15
C SER A 736 -3.59 9.17 -6.90
N GLU A 737 -4.08 8.02 -6.45
CA GLU A 737 -3.55 7.38 -5.26
C GLU A 737 -2.24 6.64 -5.53
N LEU A 738 -2.08 6.07 -6.72
CA LEU A 738 -0.89 5.25 -7.00
C LEU A 738 0.30 6.01 -7.56
N GLN A 739 0.06 7.22 -8.05
CA GLN A 739 1.11 7.98 -8.73
C GLN A 739 2.40 8.18 -7.91
N PRO A 740 2.28 8.50 -6.60
CA PRO A 740 3.52 8.68 -5.83
C PRO A 740 4.39 7.44 -5.81
N VAL A 741 3.76 6.26 -5.76
CA VAL A 741 4.49 5.00 -5.75
C VAL A 741 5.44 4.92 -6.92
N PHE A 742 4.98 5.41 -8.06
CA PHE A 742 5.74 5.31 -9.29
C PHE A 742 6.52 6.56 -9.66
N SER A 743 6.45 7.60 -8.83
CA SER A 743 7.04 8.88 -9.18
C SER A 743 8.57 8.85 -9.15
N MET B 21 -22.25 27.98 -33.44
CA MET B 21 -22.12 28.31 -32.01
C MET B 21 -20.65 28.30 -31.60
N ILE B 22 -20.01 29.46 -31.75
CA ILE B 22 -18.59 29.61 -31.44
C ILE B 22 -18.40 30.26 -30.07
N LYS B 23 -17.44 29.76 -29.30
CA LYS B 23 -17.10 30.35 -28.02
C LYS B 23 -15.61 30.66 -27.91
N HIS B 24 -15.28 31.93 -27.77
CA HIS B 24 -13.91 32.35 -27.55
C HIS B 24 -13.82 33.39 -26.43
N ARG B 25 -13.17 33.03 -25.33
CA ARG B 25 -12.86 33.98 -24.26
C ARG B 25 -11.35 34.09 -24.12
N PRO B 26 -10.78 35.23 -24.54
CA PRO B 26 -9.33 35.39 -24.62
C PRO B 26 -8.61 35.07 -23.31
N HIS B 27 -9.26 35.33 -22.18
CA HIS B 27 -8.67 35.02 -20.88
C HIS B 27 -8.98 33.60 -20.43
N GLY B 28 -9.95 32.97 -21.09
CA GLY B 28 -10.34 31.62 -20.77
C GLY B 28 -10.89 31.46 -19.37
N ILE B 29 -10.72 30.27 -18.81
CA ILE B 29 -11.20 29.96 -17.47
C ILE B 29 -10.39 30.73 -16.43
N GLU B 30 -9.22 31.19 -16.85
CA GLU B 30 -8.29 31.95 -16.00
C GLU B 30 -7.82 31.14 -14.80
N HIS B 31 -7.66 29.84 -15.02
CA HIS B 31 -6.89 28.98 -14.14
C HIS B 31 -5.47 29.53 -14.09
N PRO B 32 -4.97 29.82 -12.88
CA PRO B 32 -3.67 30.47 -12.67
C PRO B 32 -2.51 29.80 -13.41
N TYR B 33 -2.44 28.48 -13.34
CA TYR B 33 -1.34 27.76 -13.97
C TYR B 33 -1.65 27.05 -15.30
N ALA B 34 -2.86 27.19 -15.82
CA ALA B 34 -3.24 26.45 -17.04
C ALA B 34 -4.02 27.29 -18.04
N VAL B 35 -4.14 26.78 -19.26
CA VAL B 35 -4.92 27.43 -20.31
C VAL B 35 -6.10 26.56 -20.74
N SER B 36 -7.24 27.21 -20.98
CA SER B 36 -8.43 26.53 -21.46
C SER B 36 -8.48 26.54 -22.99
N PRO B 37 -9.23 25.61 -23.59
CA PRO B 37 -9.25 25.50 -25.06
C PRO B 37 -9.92 26.68 -25.79
N ASP B 38 -10.66 27.51 -25.07
CA ASP B 38 -11.42 28.58 -25.67
C ASP B 38 -10.69 29.93 -25.71
N GLN B 39 -9.40 29.93 -25.36
CA GLN B 39 -8.71 31.18 -25.07
C GLN B 39 -7.49 31.46 -25.94
N ARG B 40 -7.03 32.70 -25.85
CA ARG B 40 -5.81 33.15 -26.51
C ARG B 40 -4.58 32.86 -25.67
N VAL B 41 -3.52 32.33 -26.28
CA VAL B 41 -2.27 32.13 -25.55
C VAL B 41 -1.07 32.70 -26.32
N PRO B 42 -0.21 33.45 -25.62
CA PRO B 42 -0.51 34.02 -24.31
C PRO B 42 -1.53 35.14 -24.44
N VAL B 43 -2.27 35.45 -23.38
CA VAL B 43 -3.30 36.48 -23.45
C VAL B 43 -2.68 37.84 -23.77
N LEU B 44 -1.44 38.05 -23.33
CA LEU B 44 -0.75 39.30 -23.62
C LEU B 44 0.57 39.04 -24.33
N PRO B 45 0.52 38.83 -25.65
CA PRO B 45 1.70 38.50 -26.46
C PRO B 45 2.75 39.60 -26.47
N LEU B 46 4.02 39.22 -26.41
CA LEU B 46 5.10 40.16 -26.67
C LEU B 46 5.13 40.45 -28.16
N ALA B 47 5.54 41.67 -28.51
CA ALA B 47 5.69 42.03 -29.91
C ALA B 47 6.72 41.15 -30.59
N GLY B 48 6.37 40.63 -31.76
CA GLY B 48 7.28 39.81 -32.54
C GLY B 48 7.08 38.33 -32.32
N GLU B 49 6.09 37.98 -31.50
CA GLU B 49 5.80 36.57 -31.24
C GLU B 49 4.39 36.21 -31.68
N PRO B 50 4.19 34.97 -32.14
CA PRO B 50 2.89 34.50 -32.59
C PRO B 50 1.91 34.35 -31.42
N VAL B 51 0.67 33.99 -31.72
CA VAL B 51 -0.31 33.74 -30.67
C VAL B 51 -1.14 32.53 -31.05
N LEU B 52 -1.61 31.81 -30.05
CA LEU B 52 -2.42 30.62 -30.29
C LEU B 52 -3.87 30.91 -29.93
N LEU B 53 -4.75 30.80 -30.91
CA LEU B 53 -6.16 31.06 -30.69
C LEU B 53 -6.96 29.77 -30.63
N GLY B 54 -7.51 29.48 -29.46
CA GLY B 54 -8.39 28.33 -29.31
C GLY B 54 -9.85 28.73 -29.43
N VAL B 55 -10.69 27.77 -29.82
CA VAL B 55 -12.14 28.00 -29.94
C VAL B 55 -12.88 26.71 -29.61
N VAL B 56 -14.01 26.83 -28.91
CA VAL B 56 -14.84 25.67 -28.64
C VAL B 56 -16.06 25.66 -29.57
N ALA B 57 -16.05 24.75 -30.54
CA ALA B 57 -17.14 24.63 -31.50
C ALA B 57 -17.43 23.17 -31.81
N PRO B 58 -18.23 22.51 -30.97
CA PRO B 58 -18.49 21.07 -31.13
C PRO B 58 -19.32 20.72 -32.37
N GLU B 59 -20.18 21.63 -32.82
CA GLU B 59 -21.10 21.33 -33.91
C GLU B 59 -20.62 21.81 -35.28
N ALA B 60 -19.49 22.49 -35.34
CA ALA B 60 -19.02 23.08 -36.60
C ALA B 60 -17.96 22.21 -37.27
N ASP B 61 -18.12 21.97 -38.56
CA ASP B 61 -17.17 21.14 -39.28
C ASP B 61 -16.02 21.93 -39.90
N ARG B 62 -16.16 23.26 -39.94
CA ARG B 62 -15.10 24.12 -40.43
C ARG B 62 -15.06 25.45 -39.70
N VAL B 63 -13.87 25.90 -39.31
CA VAL B 63 -13.71 27.14 -38.57
C VAL B 63 -12.56 27.99 -39.11
N VAL B 64 -12.80 29.29 -39.28
CA VAL B 64 -11.76 30.17 -39.82
C VAL B 64 -11.66 31.47 -39.01
N CYS B 65 -10.44 31.97 -38.85
CA CYS B 65 -10.20 33.23 -38.17
C CYS B 65 -10.05 34.38 -39.15
N GLU B 66 -10.60 35.54 -38.81
CA GLU B 66 -10.29 36.73 -39.59
C GLU B 66 -9.27 37.54 -38.81
N TRP B 67 -8.01 37.42 -39.17
CA TRP B 67 -6.96 37.95 -38.37
C TRP B 67 -6.42 39.13 -39.07
N GLY B 68 -6.94 40.29 -38.72
CA GLY B 68 -6.48 41.49 -39.35
C GLY B 68 -7.32 41.63 -40.59
N THR B 69 -6.73 41.33 -41.71
CA THR B 69 -7.50 41.24 -42.93
C THR B 69 -7.65 39.80 -43.30
N LEU B 70 -6.87 38.95 -42.63
CA LEU B 70 -6.47 37.66 -43.17
C LEU B 70 -7.28 36.51 -42.66
N GLU B 71 -7.65 35.59 -43.55
CA GLU B 71 -8.28 34.36 -43.08
C GLU B 71 -7.27 33.31 -42.65
N LEU B 72 -7.46 32.80 -41.44
CA LEU B 72 -6.62 31.74 -40.89
C LEU B 72 -7.47 30.49 -40.67
N PRO B 73 -7.16 29.42 -41.41
CA PRO B 73 -7.91 28.17 -41.23
C PRO B 73 -7.65 27.57 -39.86
N LEU B 74 -8.72 27.21 -39.15
CA LEU B 74 -8.57 26.55 -37.86
C LEU B 74 -8.64 25.04 -38.05
N SER B 75 -7.87 24.32 -37.25
CA SER B 75 -7.75 22.88 -37.38
C SER B 75 -8.43 22.17 -36.22
N ALA B 76 -8.87 20.95 -36.45
CA ALA B 76 -9.52 20.14 -35.42
C ALA B 76 -8.54 19.80 -34.29
N THR B 77 -7.26 20.09 -34.50
CA THR B 77 -6.25 19.90 -33.47
C THR B 77 -5.98 21.21 -32.74
N GLY B 92 1.97 24.39 -18.03
CA GLY B 92 0.69 24.04 -17.47
C GLY B 92 -0.26 23.41 -18.47
N HIS B 93 -0.70 22.20 -18.16
CA HIS B 93 -1.70 21.51 -18.97
C HIS B 93 -2.93 21.17 -18.12
N LEU B 94 -4.09 21.20 -18.73
CA LEU B 94 -5.29 20.68 -18.08
C LEU B 94 -5.28 19.16 -18.14
N SER B 95 -5.91 18.50 -17.17
CA SER B 95 -6.10 17.06 -17.23
C SER B 95 -7.09 16.77 -18.35
N GLU B 96 -7.08 15.53 -18.85
CA GLU B 96 -7.95 15.16 -19.95
C GLU B 96 -9.42 15.31 -19.55
N ALA B 97 -9.73 15.02 -18.29
CA ALA B 97 -11.09 15.21 -17.79
C ALA B 97 -11.41 16.70 -17.66
N GLN B 98 -10.39 17.50 -17.38
CA GLN B 98 -10.55 18.94 -17.24
C GLN B 98 -10.81 19.61 -18.59
N ALA B 99 -9.96 19.31 -19.56
CA ALA B 99 -10.10 19.88 -20.89
C ALA B 99 -11.42 19.45 -21.54
N LYS B 100 -11.84 18.21 -21.27
CA LYS B 100 -13.10 17.70 -21.78
C LYS B 100 -14.29 18.42 -21.16
N SER B 101 -14.19 18.74 -19.87
CA SER B 101 -15.21 19.53 -19.19
C SER B 101 -15.37 20.88 -19.85
N LEU B 102 -14.27 21.39 -20.41
CA LEU B 102 -14.27 22.66 -21.11
C LEU B 102 -14.48 22.45 -22.61
N GLY B 103 -14.71 21.19 -22.99
CA GLY B 103 -15.04 20.84 -24.36
C GLY B 103 -13.89 20.85 -25.34
N ALA B 104 -12.75 20.30 -24.90
CA ALA B 104 -11.51 20.26 -25.68
C ALA B 104 -11.59 19.43 -26.96
N ASP B 105 -12.32 18.31 -26.91
CA ASP B 105 -12.34 17.38 -28.03
C ASP B 105 -12.86 18.08 -29.27
N GLY B 106 -13.89 18.90 -29.07
CA GLY B 106 -14.40 19.75 -30.12
C GLY B 106 -13.38 20.78 -30.56
N ALA B 107 -12.62 21.29 -29.61
CA ALA B 107 -11.84 22.51 -29.77
C ALA B 107 -11.09 22.66 -31.09
N TRP B 108 -11.05 23.89 -31.56
CA TRP B 108 -10.36 24.28 -32.76
C TRP B 108 -9.23 25.18 -32.34
N SER B 109 -8.17 25.24 -33.14
CA SER B 109 -7.07 26.13 -32.81
C SER B 109 -6.28 26.50 -34.05
N VAL B 110 -5.57 27.62 -33.97
CA VAL B 110 -4.67 28.03 -35.04
C VAL B 110 -3.56 28.89 -34.45
N GLN B 111 -2.37 28.81 -35.04
CA GLN B 111 -1.28 29.68 -34.66
C GLN B 111 -1.17 30.83 -35.66
N THR B 112 -1.37 32.05 -35.17
CA THR B 112 -1.34 33.23 -36.02
C THR B 112 0.08 33.58 -36.42
N PRO B 113 0.26 34.57 -37.30
CA PRO B 113 1.64 35.01 -37.54
C PRO B 113 2.16 35.83 -36.36
N PRO B 114 3.45 36.23 -36.39
CA PRO B 114 3.96 37.10 -35.33
C PRO B 114 3.15 38.38 -35.21
N LEU B 115 2.98 38.88 -33.99
CA LEU B 115 2.21 40.10 -33.79
C LEU B 115 3.13 41.28 -33.55
N ALA B 116 3.28 42.14 -34.56
CA ALA B 116 4.07 43.35 -34.39
C ALA B 116 3.23 44.61 -34.18
N GLU B 117 1.91 44.47 -34.32
CA GLU B 117 1.01 45.60 -34.17
C GLU B 117 -0.35 45.14 -33.65
N PRO B 118 -1.11 46.05 -33.00
CA PRO B 118 -2.46 45.71 -32.56
C PRO B 118 -3.30 45.13 -33.68
N VAL B 119 -4.09 44.10 -33.37
CA VAL B 119 -4.86 43.39 -34.38
C VAL B 119 -6.24 43.03 -33.86
N LYS B 120 -7.25 43.31 -34.66
CA LYS B 120 -8.60 42.87 -34.34
C LYS B 120 -8.87 41.54 -35.03
N TYR B 121 -9.59 40.65 -34.38
CA TYR B 121 -9.87 39.34 -34.97
C TYR B 121 -11.26 38.79 -34.66
N ARG B 122 -11.78 37.96 -35.57
CA ARG B 122 -13.07 37.32 -35.41
C ARG B 122 -13.06 35.92 -36.05
N PHE B 123 -13.98 35.06 -35.62
CA PHE B 123 -14.08 33.70 -36.16
C PHE B 123 -15.46 33.39 -36.73
N HIS B 124 -15.50 32.78 -37.92
CA HIS B 124 -16.75 32.33 -38.50
C HIS B 124 -16.70 30.82 -38.75
N ALA B 125 -17.75 30.11 -38.37
CA ALA B 125 -17.77 28.65 -38.56
C ALA B 125 -19.06 28.18 -39.22
N HIS B 126 -18.97 27.15 -40.04
CA HIS B 126 -20.12 26.63 -40.78
C HIS B 126 -20.49 25.22 -40.39
N ARG B 127 -21.73 25.00 -39.95
CA ARG B 127 -22.34 23.68 -39.98
C ARG B 127 -23.09 23.62 -41.33
N GLY B 128 -22.42 23.09 -42.33
CA GLY B 128 -23.06 22.74 -43.59
C GLY B 128 -23.85 23.84 -44.25
N GLY B 129 -23.33 25.06 -44.22
CA GLY B 129 -24.00 26.20 -44.82
C GLY B 129 -24.91 26.92 -43.86
N ALA B 130 -25.11 26.35 -42.68
CA ALA B 130 -25.51 27.09 -41.50
C ALA B 130 -24.23 27.83 -41.14
N ALA B 131 -24.32 28.90 -40.37
CA ALA B 131 -23.21 29.82 -40.29
C ALA B 131 -23.19 30.65 -39.04
N GLU B 132 -22.01 31.12 -38.63
CA GLU B 132 -21.97 31.90 -37.41
C GLU B 132 -20.69 32.69 -37.26
N SER B 133 -20.78 33.88 -36.71
CA SER B 133 -19.61 34.70 -36.51
C SER B 133 -19.52 35.26 -35.09
N THR B 134 -18.32 35.14 -34.54
CA THR B 134 -18.02 35.64 -33.22
C THR B 134 -17.96 37.16 -33.23
N GLU B 135 -17.98 37.77 -32.07
CA GLU B 135 -17.80 39.19 -31.97
C GLU B 135 -16.36 39.42 -32.33
N TRP B 136 -15.97 40.68 -32.44
CA TRP B 136 -14.59 40.99 -32.72
C TRP B 136 -13.79 41.04 -31.42
N PHE B 137 -12.54 40.64 -31.49
CA PHE B 137 -11.65 40.78 -30.35
C PHE B 137 -10.45 41.59 -30.78
N GLU B 138 -9.73 42.17 -29.83
CA GLU B 138 -8.49 42.87 -30.16
C GLU B 138 -7.37 42.43 -29.22
N VAL B 139 -6.16 42.45 -29.73
CA VAL B 139 -4.99 42.11 -28.94
C VAL B 139 -3.86 43.04 -29.33
N SER B 140 -3.12 43.53 -28.35
CA SER B 140 -2.03 44.43 -28.64
C SER B 140 -0.73 43.88 -28.10
N PRO B 141 0.34 44.00 -28.88
CA PRO B 141 1.66 43.52 -28.45
C PRO B 141 2.24 44.43 -27.39
N ALA B 142 3.20 43.93 -26.62
CA ALA B 142 3.85 44.74 -25.61
C ALA B 142 5.35 44.50 -25.62
N VAL B 143 6.10 45.48 -25.15
CA VAL B 143 7.55 45.32 -25.05
C VAL B 143 8.07 45.79 -23.71
N TRP B 144 9.26 45.33 -23.35
CA TRP B 144 9.94 45.78 -22.16
C TRP B 144 10.82 46.97 -22.51
N THR B 145 10.61 48.09 -21.80
CA THR B 145 11.41 49.27 -22.02
C THR B 145 11.91 49.87 -20.71
N ALA B 146 13.06 50.54 -20.79
CA ALA B 146 13.66 51.17 -19.62
C ALA B 146 13.09 52.58 -19.41
N ASP B 147 12.13 52.95 -20.24
CA ASP B 147 11.53 54.28 -20.17
C ASP B 147 10.77 54.48 -18.86
N GLY B 148 10.55 55.74 -18.50
CA GLY B 148 10.07 56.12 -17.19
C GLY B 148 8.56 56.12 -17.05
N VAL B 149 7.90 55.30 -17.85
CA VAL B 149 6.45 55.24 -17.90
C VAL B 149 5.80 54.77 -16.58
N GLY B 150 6.63 54.36 -15.63
CA GLY B 150 6.13 53.92 -14.34
C GLY B 150 7.12 54.20 -13.22
N GLU B 151 6.68 53.99 -11.98
CA GLU B 151 7.48 54.35 -10.81
C GLU B 151 7.54 53.24 -9.75
N VAL B 152 8.76 52.93 -9.29
CA VAL B 152 8.95 51.97 -8.21
C VAL B 152 9.33 52.69 -6.91
N ARG B 153 8.42 52.69 -5.95
CA ARG B 153 8.58 53.49 -4.74
C ARG B 153 9.06 52.70 -3.54
N GLY B 154 10.17 53.14 -2.96
CA GLY B 154 10.63 52.62 -1.69
C GLY B 154 11.87 51.74 -1.75
N GLY B 155 12.29 51.39 -2.95
CA GLY B 155 13.38 50.46 -3.13
C GLY B 155 14.75 50.94 -2.67
N GLY B 156 15.02 52.22 -2.79
CA GLY B 156 16.30 52.76 -2.40
C GLY B 156 17.44 52.31 -3.31
N GLU B 157 18.63 52.20 -2.72
CA GLU B 157 19.83 51.88 -3.49
C GLU B 157 19.87 50.42 -3.94
N ARG B 158 19.00 49.60 -3.39
CA ARG B 158 19.03 48.17 -3.69
C ARG B 158 18.41 47.83 -5.04
N VAL B 159 17.52 48.68 -5.54
CA VAL B 159 16.88 48.44 -6.82
C VAL B 159 17.73 48.88 -8.00
N ARG B 160 17.81 48.03 -9.01
CA ARG B 160 18.44 48.36 -10.28
C ARG B 160 17.57 47.85 -11.43
N GLY B 161 18.02 48.07 -12.66
CA GLY B 161 17.42 47.48 -13.84
C GLY B 161 15.91 47.53 -13.96
N VAL B 162 15.31 48.63 -13.53
CA VAL B 162 13.86 48.78 -13.63
C VAL B 162 13.44 48.85 -15.09
N GLU B 163 12.32 48.22 -15.42
CA GLU B 163 11.77 48.27 -16.76
C GLU B 163 10.28 48.01 -16.71
N TRP B 164 9.57 48.34 -17.78
CA TRP B 164 8.12 48.27 -17.79
C TRP B 164 7.60 47.61 -19.05
N LEU B 165 6.55 46.81 -18.90
CA LEU B 165 5.97 46.09 -20.02
C LEU B 165 4.74 46.84 -20.50
N VAL B 166 4.86 47.43 -21.69
CA VAL B 166 3.86 48.38 -22.15
C VAL B 166 3.23 48.00 -23.48
N SER B 167 1.91 48.12 -23.54
CA SER B 167 1.19 47.96 -24.80
C SER B 167 0.59 49.30 -25.19
N SER B 168 -0.12 49.32 -26.32
CA SER B 168 -0.82 50.54 -26.72
C SER B 168 -1.95 50.82 -25.74
N GLN B 169 -2.28 49.84 -24.92
CA GLN B 169 -3.35 49.99 -23.95
C GLN B 169 -2.87 50.33 -22.54
N GLY B 170 -1.56 50.37 -22.33
CA GLY B 170 -1.04 50.80 -21.04
C GLY B 170 0.22 50.12 -20.55
N VAL B 171 0.55 50.35 -19.28
CA VAL B 171 1.64 49.66 -18.62
C VAL B 171 1.08 48.49 -17.84
N HIS B 172 1.35 47.28 -18.32
CA HIS B 172 0.77 46.08 -17.74
C HIS B 172 1.51 45.56 -16.52
N ARG B 173 2.83 45.55 -16.59
CA ARG B 173 3.66 44.91 -15.58
C ARG B 173 4.91 45.72 -15.24
N GLY B 174 5.23 45.77 -13.95
CA GLY B 174 6.51 46.30 -13.54
C GLY B 174 7.51 45.19 -13.35
N ARG B 175 8.79 45.49 -13.50
CA ARG B 175 9.84 44.52 -13.28
C ARG B 175 11.12 45.21 -12.81
N PHE B 176 11.85 44.59 -11.88
CA PHE B 176 13.10 45.17 -11.41
C PHE B 176 14.03 44.14 -10.81
N ARG B 177 15.22 44.58 -10.41
CA ARG B 177 16.23 43.71 -9.84
C ARG B 177 16.67 44.21 -8.47
N LEU B 178 16.70 43.30 -7.50
CA LEU B 178 17.24 43.61 -6.17
C LEU B 178 18.61 42.98 -6.01
N GLN B 179 19.59 43.79 -5.64
CA GLN B 179 20.96 43.33 -5.52
C GLN B 179 21.12 42.36 -4.35
N LEU B 180 21.91 41.31 -4.57
CA LEU B 180 22.19 40.32 -3.55
C LEU B 180 23.69 40.18 -3.36
N GLN B 181 24.09 39.56 -2.26
CA GLN B 181 25.50 39.36 -1.98
C GLN B 181 25.81 37.89 -1.90
N ASP B 182 27.09 37.56 -2.02
CA ASP B 182 27.51 36.18 -1.84
C ASP B 182 27.09 35.70 -0.46
N GLY B 183 26.46 34.55 -0.41
CA GLY B 183 26.03 33.98 0.85
C GLY B 183 24.59 34.29 1.18
N ASP B 184 23.97 35.17 0.40
CA ASP B 184 22.58 35.52 0.66
C ASP B 184 21.67 34.34 0.35
N ARG B 185 20.72 34.09 1.24
CA ARG B 185 19.65 33.16 0.97
C ARG B 185 18.35 33.94 0.94
N LEU B 186 17.38 33.42 0.20
CA LEU B 186 16.05 34.01 0.13
C LEU B 186 15.08 33.06 0.80
N VAL B 187 14.50 33.50 1.91
CA VAL B 187 13.59 32.64 2.67
C VAL B 187 12.31 33.39 2.93
N GLY B 188 11.17 32.79 2.57
CA GLY B 188 9.95 33.56 2.63
C GLY B 188 8.91 33.12 1.64
N PHE B 189 8.16 34.13 1.18
CA PHE B 189 7.16 34.03 0.13
C PHE B 189 5.94 33.26 0.60
N GLY B 190 5.72 33.31 1.91
CA GLY B 190 4.60 32.60 2.50
C GLY B 190 4.98 31.15 2.77
N GLU B 191 3.99 30.28 2.66
CA GLU B 191 4.19 28.86 2.93
C GLU B 191 4.65 28.17 1.66
N ARG B 192 5.90 27.72 1.66
CA ARG B 192 6.52 27.07 0.51
C ARG B 192 6.78 25.60 0.82
N TYR B 193 6.47 24.74 -0.15
CA TYR B 193 6.64 23.32 0.04
C TYR B 193 7.88 22.67 -0.60
N ASP B 194 8.56 23.36 -1.51
CA ASP B 194 9.73 22.77 -2.17
C ASP B 194 11.06 23.03 -1.49
N ALA B 195 11.31 24.24 -1.02
CA ALA B 195 12.60 24.58 -0.43
C ALA B 195 12.53 25.73 0.57
N LEU B 196 13.40 25.68 1.57
CA LEU B 196 13.52 26.75 2.53
C LEU B 196 14.15 27.97 1.87
N ASP B 197 15.33 27.77 1.29
CA ASP B 197 16.00 28.81 0.54
C ASP B 197 15.51 28.77 -0.90
N GLN B 198 14.94 29.89 -1.36
CA GLN B 198 14.39 29.98 -2.71
C GLN B 198 15.38 30.52 -3.74
N ARG B 199 16.61 30.79 -3.33
CA ARG B 199 17.56 31.43 -4.26
C ARG B 199 17.99 30.50 -5.37
N GLY B 200 17.99 31.01 -6.60
CA GLY B 200 18.36 30.23 -7.75
C GLY B 200 17.14 29.64 -8.42
N ARG B 201 15.98 29.92 -7.84
CA ARG B 201 14.74 29.31 -8.30
C ARG B 201 13.82 30.35 -8.87
N GLU B 202 12.88 29.92 -9.69
CA GLU B 202 11.83 30.82 -10.15
C GLU B 202 10.51 30.35 -9.58
N LEU B 203 9.71 31.30 -9.11
CA LEU B 203 8.48 31.01 -8.40
C LEU B 203 7.57 32.21 -8.54
N ASP B 204 6.30 32.04 -8.20
CA ASP B 204 5.38 33.17 -8.21
C ASP B 204 4.59 33.20 -6.92
N ALA B 205 3.74 34.21 -6.77
CA ALA B 205 2.84 34.25 -5.63
C ALA B 205 1.41 34.50 -6.08
N VAL B 206 0.59 33.47 -5.99
CA VAL B 206 -0.84 33.60 -6.21
C VAL B 206 -1.53 32.49 -5.44
N VAL B 207 -2.66 32.80 -4.83
CA VAL B 207 -3.41 31.80 -4.09
C VAL B 207 -3.96 30.75 -5.05
N PHE B 208 -3.64 29.48 -4.79
CA PHE B 208 -4.09 28.39 -5.64
C PHE B 208 -4.28 27.10 -4.84
N GLU B 209 -5.33 26.34 -5.13
CA GLU B 209 -5.44 25.05 -4.49
C GLU B 209 -4.77 24.02 -5.39
N GLN B 210 -3.61 23.56 -4.96
CA GLN B 210 -2.94 22.46 -5.62
C GLN B 210 -3.27 21.22 -4.82
N TYR B 211 -3.97 20.28 -5.41
CA TYR B 211 -4.42 19.15 -4.61
C TYR B 211 -3.32 18.11 -4.57
N LYS B 212 -2.54 18.15 -3.50
CA LYS B 212 -1.49 17.23 -3.18
C LYS B 212 -0.23 17.63 -3.94
N ALA B 213 0.92 17.14 -3.52
CA ALA B 213 2.15 17.35 -4.26
C ALA B 213 2.49 18.84 -4.49
N GLN B 214 2.19 19.67 -3.52
CA GLN B 214 2.48 21.11 -3.64
C GLN B 214 3.97 21.38 -3.88
N GLY B 215 4.83 20.63 -3.20
CA GLY B 215 6.25 20.81 -3.37
C GLY B 215 6.72 20.48 -4.78
N VAL B 216 6.18 19.41 -5.34
CA VAL B 216 6.53 19.00 -6.70
C VAL B 216 6.23 20.13 -7.69
N HIS B 217 5.05 20.72 -7.56
CA HIS B 217 4.62 21.77 -8.48
C HIS B 217 5.10 23.17 -8.12
N GLY B 218 5.59 23.35 -6.90
CA GLY B 218 6.02 24.67 -6.45
C GLY B 218 4.88 25.66 -6.37
N ARG B 219 3.77 25.24 -5.78
CA ARG B 219 2.59 26.08 -5.65
C ARG B 219 2.17 26.10 -4.20
N THR B 220 1.27 27.01 -3.84
CA THR B 220 0.82 27.04 -2.45
C THR B 220 -0.55 27.66 -2.25
N TYR B 221 -1.21 27.25 -1.16
CA TYR B 221 -2.46 27.84 -0.74
C TYR B 221 -2.23 29.21 -0.09
N LEU B 222 -0.99 29.48 0.31
CA LEU B 222 -0.71 30.63 1.17
C LEU B 222 0.58 31.31 0.79
N PRO B 223 0.59 31.97 -0.37
CA PRO B 223 1.75 32.74 -0.78
C PRO B 223 1.75 34.12 -0.11
N MET B 224 2.92 34.76 -0.03
CA MET B 224 3.01 36.17 0.33
C MET B 224 4.12 36.79 -0.49
N PRO B 225 3.93 38.04 -0.95
CA PRO B 225 5.02 38.72 -1.67
C PRO B 225 6.05 39.34 -0.70
N PHE B 226 6.57 38.52 0.20
CA PHE B 226 7.55 38.95 1.19
C PHE B 226 8.67 37.93 1.36
N ALA B 227 9.90 38.39 1.58
CA ALA B 227 10.98 37.46 1.83
C ALA B 227 12.10 38.06 2.67
N HIS B 228 12.88 37.19 3.30
CA HIS B 228 14.10 37.55 3.98
C HIS B 228 15.27 37.45 3.01
N VAL B 229 16.20 38.39 3.08
CA VAL B 229 17.48 38.25 2.41
C VAL B 229 18.53 38.15 3.48
N VAL B 230 19.10 36.97 3.65
CA VAL B 230 19.89 36.68 4.84
C VAL B 230 21.16 35.88 4.57
N GLY B 231 22.20 36.15 5.35
CA GLY B 231 23.37 35.28 5.42
C GLY B 231 24.69 35.80 4.88
N ALA B 232 24.65 36.87 4.10
CA ALA B 232 25.89 37.51 3.70
C ALA B 232 26.55 38.10 4.94
N ASP B 233 27.87 38.30 4.87
CA ASP B 233 28.56 38.96 5.97
C ASP B 233 27.99 40.35 6.11
N GLY B 234 27.56 40.69 7.32
CA GLY B 234 26.87 41.95 7.55
C GLY B 234 25.38 41.70 7.67
N ASN B 235 24.67 42.65 8.27
CA ASN B 235 23.26 42.47 8.56
C ASN B 235 22.41 42.29 7.32
N GLY B 236 21.38 41.46 7.46
CA GLY B 236 20.48 41.18 6.35
C GLY B 236 19.32 42.13 6.35
N TRP B 237 18.31 41.80 5.55
CA TRP B 237 17.17 42.66 5.34
C TRP B 237 16.00 41.85 4.84
N GLY B 238 14.93 42.53 4.45
CA GLY B 238 13.77 41.87 3.89
C GLY B 238 12.95 42.86 3.09
N PHE B 239 12.06 42.34 2.25
CA PHE B 239 11.23 43.20 1.42
C PHE B 239 9.81 42.73 1.39
N HIS B 240 8.89 43.66 1.16
CA HIS B 240 7.50 43.33 0.93
C HIS B 240 7.00 44.13 -0.27
N VAL B 241 6.62 43.44 -1.33
CA VAL B 241 5.99 44.12 -2.44
C VAL B 241 4.55 44.37 -2.07
N ARG B 242 4.12 45.62 -2.03
CA ARG B 242 2.80 45.89 -1.51
C ARG B 242 1.80 45.82 -2.64
N THR B 243 1.02 44.74 -2.63
CA THR B 243 -0.03 44.48 -3.60
C THR B 243 -0.69 43.14 -3.27
N SER B 244 -1.95 43.00 -3.68
CA SER B 244 -2.61 41.72 -3.60
C SER B 244 -2.68 41.07 -4.99
N ARG B 245 -2.08 41.71 -5.98
CA ARG B 245 -2.02 41.13 -7.31
C ARG B 245 -0.91 40.09 -7.39
N ARG B 246 -0.77 39.48 -8.55
CA ARG B 246 0.19 38.41 -8.74
C ARG B 246 1.59 38.96 -8.92
N THR B 247 2.59 38.23 -8.44
CA THR B 247 3.98 38.60 -8.61
C THR B 247 4.81 37.39 -8.98
N TRP B 248 5.94 37.63 -9.63
CA TRP B 248 6.80 36.55 -10.09
C TRP B 248 8.23 36.82 -9.62
N TYR B 249 8.99 35.77 -9.42
CA TYR B 249 10.32 35.92 -8.86
C TYR B 249 11.30 34.99 -9.53
N SER B 250 12.51 35.46 -9.74
CA SER B 250 13.60 34.63 -10.21
C SER B 250 14.91 35.22 -9.73
N SER B 251 15.88 34.38 -9.44
CA SER B 251 17.16 34.91 -8.99
C SER B 251 18.32 34.27 -9.72
N ALA B 252 19.25 35.12 -10.15
CA ALA B 252 20.46 34.68 -10.84
C ALA B 252 21.63 35.52 -10.38
N GLY B 253 22.80 34.90 -10.30
CA GLY B 253 24.00 35.59 -9.88
C GLY B 253 23.77 36.33 -8.58
N ASN B 254 24.14 37.60 -8.57
CA ASN B 254 23.92 38.47 -7.43
C ASN B 254 22.66 39.32 -7.52
N GLU B 255 21.81 39.05 -8.50
CA GLU B 255 20.55 39.79 -8.64
C GLU B 255 19.31 38.94 -8.46
N LEU B 256 18.33 39.48 -7.73
CA LEU B 256 17.00 38.89 -7.65
C LEU B 256 16.03 39.70 -8.49
N THR B 257 15.32 39.02 -9.39
CA THR B 257 14.38 39.70 -10.28
C THR B 257 12.95 39.59 -9.79
N VAL B 258 12.27 40.72 -9.66
CA VAL B 258 10.88 40.73 -9.27
C VAL B 258 10.03 41.27 -10.40
N GLU B 259 8.91 40.61 -10.67
CA GLU B 259 7.97 41.08 -11.68
C GLU B 259 6.61 41.24 -11.03
N VAL B 260 5.92 42.33 -11.33
CA VAL B 260 4.69 42.66 -10.65
C VAL B 260 3.57 43.00 -11.61
N ALA B 261 2.36 42.50 -11.31
CA ALA B 261 1.17 42.86 -12.04
C ALA B 261 0.66 44.22 -11.57
N LEU B 262 0.21 45.04 -12.51
CA LEU B 262 -0.18 46.42 -12.19
C LEU B 262 -1.66 46.67 -12.42
N GLY B 263 -2.18 47.70 -11.75
CA GLY B 263 -3.52 48.20 -12.03
C GLY B 263 -3.44 49.34 -13.01
N ASP B 264 -4.36 50.29 -12.89
CA ASP B 264 -4.37 51.48 -13.74
C ASP B 264 -3.11 52.32 -13.53
N GLU B 265 -2.57 52.24 -12.33
CA GLU B 265 -1.48 53.08 -11.89
C GLU B 265 -0.13 52.37 -12.02
N PRO B 266 0.75 52.89 -12.87
CA PRO B 266 2.08 52.30 -13.08
C PRO B 266 3.01 52.52 -11.89
N VAL B 267 2.58 52.11 -10.71
CA VAL B 267 3.39 52.30 -9.50
C VAL B 267 3.46 51.03 -8.64
N VAL B 268 4.69 50.62 -8.34
CA VAL B 268 4.91 49.53 -7.41
C VAL B 268 5.43 50.06 -6.08
N ASP B 269 4.69 49.80 -5.01
CA ASP B 269 5.11 50.21 -3.67
C ASP B 269 5.93 49.13 -2.99
N LEU B 270 7.21 49.42 -2.77
CA LEU B 270 8.13 48.46 -2.21
C LEU B 270 8.56 48.86 -0.81
N ALA B 271 8.30 47.99 0.16
CA ALA B 271 8.75 48.21 1.53
C ALA B 271 10.05 47.47 1.77
N ILE B 272 10.96 48.09 2.51
CA ILE B 272 12.23 47.48 2.86
C ILE B 272 12.40 47.47 4.37
N TYR B 273 12.83 46.33 4.92
CA TYR B 273 13.08 46.23 6.35
C TYR B 273 14.54 45.86 6.60
N GLU B 274 15.11 46.43 7.66
CA GLU B 274 16.52 46.24 7.95
C GLU B 274 16.73 45.65 9.34
N GLY B 275 17.90 45.04 9.55
CA GLY B 275 18.21 44.41 10.82
C GLY B 275 18.20 42.89 10.78
N ASP B 276 18.26 42.26 11.94
CA ASP B 276 18.32 40.80 12.00
C ASP B 276 16.96 40.21 11.60
N PRO B 277 16.92 38.89 11.30
CA PRO B 277 15.69 38.31 10.76
C PRO B 277 14.43 38.59 11.56
N ALA B 278 14.48 38.49 12.88
CA ALA B 278 13.31 38.81 13.69
C ALA B 278 12.91 40.28 13.58
N THR B 279 13.89 41.18 13.50
CA THR B 279 13.62 42.60 13.35
C THR B 279 12.94 42.84 12.01
N VAL B 280 13.49 42.25 10.96
CA VAL B 280 12.90 42.32 9.63
C VAL B 280 11.45 41.87 9.64
N LEU B 281 11.16 40.78 10.34
CA LEU B 281 9.80 40.26 10.42
C LEU B 281 8.91 41.20 11.21
N THR B 282 9.44 41.78 12.28
CA THR B 282 8.67 42.77 13.05
C THR B 282 8.21 43.92 12.17
N GLY B 283 9.11 44.41 11.31
CA GLY B 283 8.76 45.47 10.37
C GLY B 283 7.61 45.07 9.48
N PHE B 284 7.69 43.85 8.95
CA PHE B 284 6.64 43.31 8.10
C PHE B 284 5.31 43.20 8.84
N LEU B 285 5.33 42.60 10.02
CA LEU B 285 4.10 42.32 10.75
C LEU B 285 3.48 43.57 11.39
N ASP B 286 4.31 44.56 11.71
CA ASP B 286 3.78 45.84 12.16
C ASP B 286 2.87 46.41 11.09
N GLU B 287 3.31 46.24 9.84
CA GLU B 287 2.58 46.72 8.68
C GLU B 287 1.33 45.88 8.41
N VAL B 288 1.54 44.59 8.06
CA VAL B 288 0.44 43.77 7.56
C VAL B 288 -0.45 43.08 8.60
N GLY B 289 0.12 42.66 9.71
CA GLY B 289 -0.67 42.07 10.78
C GLY B 289 0.14 41.06 11.57
N ARG B 290 -0.42 40.59 12.68
CA ARG B 290 0.31 39.74 13.61
C ARG B 290 -0.67 38.88 14.37
N ALA B 291 -0.22 37.71 14.82
CA ALA B 291 -1.07 36.83 15.60
C ALA B 291 -1.42 37.42 16.95
N GLU B 292 -2.61 37.09 17.44
CA GLU B 292 -2.98 37.35 18.82
C GLU B 292 -2.93 36.01 19.55
N GLU B 293 -2.64 36.06 20.84
CA GLU B 293 -2.42 34.84 21.61
C GLU B 293 -3.70 34.04 21.79
N LEU B 294 -3.64 32.78 21.34
CA LEU B 294 -4.74 31.84 21.47
C LEU B 294 -4.62 31.04 22.75
N PRO B 295 -5.74 30.47 23.23
CA PRO B 295 -5.69 29.71 24.49
C PRO B 295 -4.79 28.50 24.35
N GLY B 296 -4.23 28.05 25.46
CA GLY B 296 -3.27 26.96 25.44
C GLY B 296 -3.81 25.64 24.91
N TRP B 297 -5.12 25.44 24.95
CA TRP B 297 -5.68 24.15 24.57
C TRP B 297 -5.41 23.82 23.12
N VAL B 298 -5.11 24.82 22.29
CA VAL B 298 -4.82 24.53 20.90
C VAL B 298 -3.51 23.76 20.71
N PHE B 299 -2.70 23.68 21.75
CA PHE B 299 -1.43 22.95 21.69
C PHE B 299 -1.59 21.50 22.08
N ARG B 300 -2.79 21.12 22.48
CA ARG B 300 -3.12 19.71 22.72
C ARG B 300 -3.33 18.97 21.38
N LEU B 301 -3.32 17.64 21.42
CA LEU B 301 -3.57 16.85 20.21
C LEU B 301 -4.93 17.12 19.57
N TRP B 302 -4.93 17.39 18.28
CA TRP B 302 -6.17 17.50 17.50
C TRP B 302 -6.46 16.18 16.79
N ALA B 303 -7.67 15.64 16.99
CA ALA B 303 -8.12 14.42 16.31
C ALA B 303 -9.15 14.71 15.21
N SER B 304 -8.98 14.07 14.06
CA SER B 304 -9.86 14.32 12.93
C SER B 304 -9.96 13.13 11.97
N GLY B 305 -11.13 12.98 11.34
CA GLY B 305 -11.24 12.20 10.12
C GLY B 305 -12.56 12.45 9.40
N ASN B 306 -12.52 12.44 8.07
CA ASN B 306 -13.62 12.98 7.30
C ASN B 306 -14.84 12.10 7.36
N GLU B 307 -14.61 10.82 7.64
CA GLU B 307 -15.68 9.85 7.63
C GLU B 307 -16.33 9.70 8.97
N TRP B 308 -15.98 10.55 9.93
CA TRP B 308 -16.76 10.52 11.14
C TRP B 308 -17.92 11.47 10.85
N ASN B 309 -19.02 10.90 10.35
CA ASN B 309 -20.18 11.70 9.94
C ASN B 309 -21.42 11.58 10.81
N THR B 310 -21.32 10.85 11.93
CA THR B 310 -22.46 10.75 12.84
C THR B 310 -22.04 11.01 14.28
N GLN B 311 -23.03 11.25 15.12
CA GLN B 311 -22.80 11.44 16.54
C GLN B 311 -22.24 10.18 17.17
N GLN B 312 -22.76 9.03 16.73
CA GLN B 312 -22.30 7.74 17.21
C GLN B 312 -20.83 7.53 16.88
N LEU B 313 -20.44 7.91 15.67
CA LEU B 313 -19.06 7.77 15.21
C LEU B 313 -18.10 8.69 15.95
N VAL B 314 -18.40 9.99 16.00
CA VAL B 314 -17.55 10.92 16.73
C VAL B 314 -17.43 10.49 18.19
N THR B 315 -18.53 10.04 18.77
CA THR B 315 -18.52 9.61 20.15
C THR B 315 -17.67 8.36 20.34
N ALA B 316 -17.78 7.43 19.40
CA ALA B 316 -17.03 6.18 19.50
C ALA B 316 -15.52 6.42 19.40
N ARG B 317 -15.12 7.28 18.48
CA ARG B 317 -13.72 7.58 18.29
C ARG B 317 -13.11 8.25 19.51
N MET B 318 -13.84 9.19 20.11
CA MET B 318 -13.33 9.87 21.28
C MET B 318 -13.35 8.92 22.48
N ASP B 319 -14.32 8.01 22.50
CA ASP B 319 -14.37 7.01 23.55
C ASP B 319 -13.12 6.13 23.48
N THR B 320 -12.66 5.83 22.27
CA THR B 320 -11.49 4.99 22.12
C THR B 320 -10.23 5.71 22.62
N HIS B 321 -10.11 7.00 22.31
CA HIS B 321 -9.04 7.82 22.85
C HIS B 321 -8.97 7.70 24.35
N ARG B 322 -10.13 7.74 24.99
CA ARG B 322 -10.24 7.61 26.44
C ARG B 322 -9.91 6.20 26.92
N ASP B 323 -10.45 5.19 26.25
CA ASP B 323 -10.22 3.80 26.66
C ASP B 323 -8.74 3.40 26.51
N LEU B 324 -8.06 3.96 25.52
CA LEU B 324 -6.64 3.68 25.33
C LEU B 324 -5.75 4.69 26.06
N ALA B 325 -6.36 5.63 26.78
CA ALA B 325 -5.62 6.65 27.51
C ALA B 325 -4.64 7.40 26.60
N ILE B 326 -5.12 7.80 25.44
CA ILE B 326 -4.37 8.65 24.54
C ILE B 326 -4.98 10.04 24.56
N PRO B 327 -4.29 11.00 25.21
CA PRO B 327 -4.85 12.33 25.43
C PRO B 327 -5.17 13.06 24.14
N VAL B 328 -6.30 13.75 24.12
CA VAL B 328 -6.71 14.53 22.97
C VAL B 328 -7.40 15.80 23.46
N GLY B 329 -7.07 16.93 22.85
CA GLY B 329 -7.63 18.21 23.27
C GLY B 329 -8.68 18.84 22.38
N ALA B 330 -8.79 18.35 21.15
CA ALA B 330 -9.74 18.91 20.21
C ALA B 330 -10.19 17.90 19.17
N VAL B 331 -11.46 17.95 18.79
CA VAL B 331 -11.95 17.11 17.71
C VAL B 331 -12.56 17.98 16.62
N VAL B 332 -12.19 17.68 15.38
CA VAL B 332 -12.73 18.36 14.22
C VAL B 332 -13.78 17.48 13.55
N ILE B 333 -14.95 18.05 13.24
CA ILE B 333 -15.97 17.32 12.50
C ILE B 333 -16.17 17.92 11.13
N GLU B 334 -15.70 17.22 10.11
CA GLU B 334 -15.83 17.72 8.75
C GLU B 334 -17.19 17.45 8.11
N ALA B 335 -17.72 16.23 8.21
CA ALA B 335 -19.07 16.06 7.72
C ALA B 335 -20.00 16.02 8.91
N TRP B 336 -20.45 17.21 9.31
CA TRP B 336 -21.40 17.37 10.39
C TRP B 336 -22.76 17.81 9.88
N SER B 337 -22.82 18.19 8.61
CA SER B 337 -23.90 19.04 8.14
C SER B 337 -24.76 18.37 7.08
N ASP B 338 -25.71 19.14 6.55
CA ASP B 338 -26.67 18.64 5.57
C ASP B 338 -26.04 18.59 4.18
N GLU B 339 -24.78 19.02 4.09
CA GLU B 339 -24.03 19.01 2.84
C GLU B 339 -24.70 19.84 1.76
N GLN B 340 -25.44 20.86 2.17
CA GLN B 340 -26.01 21.81 1.22
C GLN B 340 -25.56 23.24 1.56
N GLY B 341 -26.14 23.80 2.59
CA GLY B 341 -25.69 25.09 3.04
C GLY B 341 -24.42 24.99 3.85
N ILE B 342 -24.27 23.91 4.59
CA ILE B 342 -23.14 23.68 5.47
C ILE B 342 -23.14 24.66 6.64
N THR B 343 -24.32 24.92 7.18
CA THR B 343 -24.45 25.70 8.37
C THR B 343 -25.48 25.13 9.23
N ILE B 344 -25.93 23.96 8.84
CA ILE B 344 -26.96 23.25 9.61
C ILE B 344 -26.59 21.79 9.82
N TRP B 345 -26.84 21.27 11.03
CA TRP B 345 -26.59 19.86 11.33
C TRP B 345 -27.35 18.95 10.37
N ARG B 346 -26.78 17.79 10.05
CA ARG B 346 -27.43 16.82 9.17
C ARG B 346 -28.68 16.24 9.83
N ASP B 347 -29.74 16.10 9.03
CA ASP B 347 -31.03 15.55 9.47
C ASP B 347 -31.74 16.43 10.49
N ALA B 348 -31.52 17.74 10.40
CA ALA B 348 -32.14 18.69 11.31
C ALA B 348 -33.51 19.12 10.79
N VAL B 349 -34.52 19.07 11.65
CA VAL B 349 -35.87 19.47 11.28
C VAL B 349 -36.11 20.95 11.55
N TYR B 350 -36.45 21.69 10.51
CA TYR B 350 -36.67 23.13 10.63
C TYR B 350 -37.58 23.68 9.53
N ALA B 351 -38.11 24.87 9.76
CA ALA B 351 -38.93 25.56 8.75
C ALA B 351 -38.09 26.52 7.92
N VAL B 352 -37.99 26.25 6.63
CA VAL B 352 -37.21 27.08 5.73
C VAL B 352 -37.66 28.54 5.73
N THR B 353 -36.70 29.46 5.80
CA THR B 353 -37.02 30.88 5.68
C THR B 353 -36.71 31.34 4.26
N GLU B 354 -37.75 31.60 3.48
CA GLU B 354 -37.60 31.82 2.05
C GLU B 354 -36.90 33.13 1.72
N ASP B 355 -36.87 34.04 2.69
CA ASP B 355 -36.20 35.33 2.52
C ASP B 355 -34.67 35.16 2.52
N GLY B 356 -34.21 34.01 3.03
CA GLY B 356 -32.79 33.73 3.09
C GLY B 356 -32.17 34.21 4.39
N SER B 357 -33.00 34.45 5.39
CA SER B 357 -32.51 34.90 6.68
C SER B 357 -31.94 33.74 7.47
N ALA B 358 -31.01 34.05 8.36
CA ALA B 358 -30.37 33.03 9.21
C ALA B 358 -31.39 32.45 10.17
N HIS B 359 -31.09 31.26 10.70
CA HIS B 359 -31.98 30.63 11.67
C HIS B 359 -31.48 30.85 13.09
N ARG B 360 -32.25 30.37 14.06
CA ARG B 360 -31.85 30.41 15.45
C ARG B 360 -31.92 29.00 16.01
N ALA B 361 -31.50 28.84 17.25
CA ALA B 361 -31.35 27.51 17.83
C ALA B 361 -32.68 26.79 18.01
N GLU B 362 -33.70 27.56 18.37
CA GLU B 362 -35.02 26.99 18.66
C GLU B 362 -35.73 26.52 17.40
N ASP B 363 -35.32 27.05 16.25
CA ASP B 363 -35.89 26.66 14.96
C ASP B 363 -35.70 25.18 14.66
N PHE B 364 -34.65 24.59 15.21
CA PHE B 364 -34.27 23.23 14.86
C PHE B 364 -34.79 22.18 15.84
N SER B 365 -35.19 21.04 15.30
CA SER B 365 -35.51 19.86 16.09
C SER B 365 -34.60 18.73 15.65
N TYR B 366 -34.32 17.79 16.55
CA TYR B 366 -33.41 16.71 16.21
C TYR B 366 -33.97 15.33 16.52
N ARG B 367 -34.13 14.52 15.48
CA ARG B 367 -34.75 13.20 15.58
C ARG B 367 -33.80 12.16 16.16
N PRO B 368 -34.32 11.27 17.01
CA PRO B 368 -33.51 10.22 17.64
C PRO B 368 -32.91 9.25 16.62
N ASP B 369 -33.54 9.11 15.47
CA ASP B 369 -33.05 8.22 14.42
C ASP B 369 -32.20 8.98 13.41
N GLY B 370 -31.93 10.25 13.69
CA GLY B 370 -31.11 11.07 12.81
C GLY B 370 -29.62 10.86 13.02
N ALA B 371 -28.82 11.46 12.15
CA ALA B 371 -27.37 11.37 12.25
C ALA B 371 -26.85 12.00 13.55
N TRP B 372 -27.45 13.13 13.93
CA TRP B 372 -27.09 13.80 15.17
C TRP B 372 -28.32 14.01 16.06
N PRO B 373 -28.67 12.98 16.85
CA PRO B 373 -29.85 13.04 17.71
C PRO B 373 -29.79 14.17 18.75
N ASP B 374 -28.65 14.34 19.41
CA ASP B 374 -28.52 15.41 20.41
C ASP B 374 -27.11 16.01 20.38
N PRO B 375 -26.85 16.88 19.39
CA PRO B 375 -25.53 17.48 19.19
C PRO B 375 -25.04 18.23 20.41
N LYS B 376 -25.95 18.87 21.14
CA LYS B 376 -25.59 19.60 22.35
C LYS B 376 -25.11 18.66 23.45
N ALA B 377 -25.76 17.51 23.59
CA ALA B 377 -25.36 16.55 24.60
C ALA B 377 -24.00 15.98 24.28
N MET B 378 -23.70 15.86 22.99
CA MET B 378 -22.39 15.38 22.56
C MET B 378 -21.32 16.39 22.93
N ILE B 379 -21.50 17.62 22.46
CA ILE B 379 -20.55 18.68 22.72
C ILE B 379 -20.36 18.95 24.21
N ASP B 380 -21.44 18.89 24.96
CA ASP B 380 -21.35 19.09 26.41
C ASP B 380 -20.47 18.03 27.07
N GLU B 381 -20.61 16.77 26.64
CA GLU B 381 -19.82 15.69 27.20
C GLU B 381 -18.37 15.75 26.75
N LEU B 382 -18.15 16.12 25.50
CA LEU B 382 -16.79 16.33 25.02
C LEU B 382 -16.11 17.43 25.84
N HIS B 383 -16.80 18.56 26.01
CA HIS B 383 -16.28 19.66 26.80
C HIS B 383 -15.94 19.22 28.22
N ALA B 384 -16.78 18.36 28.78
CA ALA B 384 -16.57 17.86 30.13
C ALA B 384 -15.31 16.99 30.22
N ARG B 385 -14.92 16.38 29.11
CA ARG B 385 -13.70 15.60 29.05
C ARG B 385 -12.51 16.49 28.69
N GLY B 386 -12.77 17.75 28.40
CA GLY B 386 -11.70 18.69 28.09
C GLY B 386 -11.35 18.64 26.62
N ILE B 387 -12.34 18.29 25.81
CA ILE B 387 -12.16 18.25 24.37
C ILE B 387 -12.96 19.34 23.69
N LYS B 388 -12.28 20.21 22.95
CA LYS B 388 -12.91 21.25 22.18
C LYS B 388 -13.46 20.70 20.86
N VAL B 389 -14.44 21.39 20.29
CA VAL B 389 -15.13 20.92 19.09
C VAL B 389 -15.05 21.95 17.98
N ILE B 390 -14.57 21.53 16.82
CA ILE B 390 -14.42 22.43 15.68
C ILE B 390 -15.25 21.90 14.51
N LEU B 391 -15.96 22.79 13.82
CA LEU B 391 -16.81 22.40 12.70
C LEU B 391 -16.30 22.94 11.38
N TRP B 392 -16.39 22.10 10.36
CA TRP B 392 -15.90 22.41 9.01
C TRP B 392 -16.71 23.52 8.35
N GLN B 393 -16.06 24.30 7.48
CA GLN B 393 -16.72 25.39 6.76
C GLN B 393 -16.11 25.57 5.39
N ILE B 394 -16.91 26.03 4.45
CA ILE B 394 -16.46 26.34 3.12
C ILE B 394 -17.12 27.63 2.68
N PRO B 395 -16.39 28.52 1.99
CA PRO B 395 -17.02 29.78 1.61
C PRO B 395 -17.75 29.66 0.28
N LEU B 396 -18.74 28.79 0.22
CA LEU B 396 -19.47 28.55 -1.02
C LEU B 396 -20.93 28.26 -0.75
N GLN B 397 -21.79 28.76 -1.64
CA GLN B 397 -23.23 28.49 -1.57
C GLN B 397 -23.66 27.71 -2.80
N LYS B 398 -24.19 26.52 -2.57
CA LYS B 398 -24.54 25.61 -3.66
C LYS B 398 -25.71 26.13 -4.49
N THR B 399 -25.50 26.18 -5.80
CA THR B 399 -26.51 26.66 -6.74
C THR B 399 -27.32 25.53 -7.39
N GLU B 400 -27.02 24.29 -7.03
CA GLU B 400 -27.54 23.13 -7.77
C GLU B 400 -28.91 22.66 -7.30
N PHE B 401 -29.38 23.19 -6.18
CA PHE B 401 -30.68 22.79 -5.66
C PHE B 401 -31.74 23.86 -5.90
N SER B 402 -32.82 23.48 -6.56
CA SER B 402 -33.88 24.41 -6.91
C SER B 402 -34.76 24.73 -5.70
N THR B 403 -34.69 23.87 -4.68
CA THR B 403 -35.52 24.03 -3.50
C THR B 403 -34.69 24.06 -2.22
N GLY B 404 -35.33 24.48 -1.14
CA GLY B 404 -34.74 24.40 0.18
C GLY B 404 -34.02 25.64 0.63
N GLN B 405 -33.50 25.58 1.86
CA GLN B 405 -32.80 26.70 2.44
C GLN B 405 -31.60 27.11 1.61
N VAL B 406 -30.91 26.13 1.03
CA VAL B 406 -29.75 26.42 0.21
C VAL B 406 -30.14 27.26 -0.99
N ALA B 407 -31.35 27.05 -1.50
CA ALA B 407 -31.83 27.78 -2.65
C ALA B 407 -32.26 29.20 -2.27
N ALA B 408 -32.93 29.31 -1.13
CA ALA B 408 -33.38 30.59 -0.63
C ALA B 408 -32.21 31.53 -0.37
N ASP B 409 -31.21 31.00 0.33
CA ASP B 409 -30.06 31.80 0.71
C ASP B 409 -29.25 32.19 -0.51
N ALA B 410 -29.19 31.30 -1.50
CA ALA B 410 -28.51 31.60 -2.75
C ALA B 410 -29.25 32.69 -3.50
N ALA B 411 -30.58 32.67 -3.37
CA ALA B 411 -31.42 33.71 -3.96
C ALA B 411 -31.16 35.04 -3.27
N ALA B 412 -31.10 34.98 -1.94
CA ALA B 412 -30.88 36.17 -1.13
C ALA B 412 -29.55 36.85 -1.45
N MET B 413 -28.54 36.04 -1.80
CA MET B 413 -27.21 36.58 -2.06
C MET B 413 -27.19 37.42 -3.32
N VAL B 414 -27.88 36.94 -4.35
CA VAL B 414 -27.91 37.65 -5.63
C VAL B 414 -28.72 38.93 -5.49
N ARG B 415 -29.89 38.81 -4.88
CA ARG B 415 -30.79 39.95 -4.67
C ARG B 415 -30.17 41.05 -3.82
N ASP B 416 -29.74 40.68 -2.62
CA ASP B 416 -29.30 41.63 -1.63
C ASP B 416 -27.82 41.94 -1.77
N GLY B 417 -27.22 41.42 -2.84
CA GLY B 417 -25.86 41.76 -3.19
C GLY B 417 -24.81 41.17 -2.27
N HIS B 418 -25.08 39.97 -1.77
CA HIS B 418 -24.17 39.28 -0.86
C HIS B 418 -23.17 38.41 -1.61
N ALA B 419 -23.20 38.44 -2.94
CA ALA B 419 -22.41 37.51 -3.73
C ALA B 419 -21.40 38.21 -4.61
N VAL B 420 -20.21 37.60 -4.74
CA VAL B 420 -19.18 38.09 -5.63
C VAL B 420 -19.72 38.09 -7.06
N LEU B 421 -19.38 39.10 -7.84
CA LEU B 421 -19.98 39.29 -9.15
C LEU B 421 -18.95 39.33 -10.25
N GLU B 422 -19.39 39.00 -11.47
CA GLU B 422 -18.55 39.12 -12.65
C GLU B 422 -18.49 40.57 -13.11
N ALA B 423 -17.72 40.83 -14.17
CA ALA B 423 -17.61 42.17 -14.72
C ALA B 423 -18.93 42.66 -15.31
N ASP B 424 -19.81 41.72 -15.64
CA ASP B 424 -21.08 42.07 -16.26
C ASP B 424 -22.20 42.21 -15.23
N GLY B 425 -21.87 42.02 -13.97
CA GLY B 425 -22.83 42.23 -12.91
C GLY B 425 -23.59 40.97 -12.52
N THR B 426 -23.36 39.89 -13.24
CA THR B 426 -23.91 38.59 -12.86
C THR B 426 -23.08 37.99 -11.72
N ALA B 427 -23.72 37.19 -10.88
CA ALA B 427 -23.03 36.60 -9.74
C ALA B 427 -21.96 35.61 -10.20
N TYR B 428 -20.83 35.60 -9.49
CA TYR B 428 -19.77 34.65 -9.79
C TYR B 428 -20.21 33.24 -9.44
N ARG B 429 -19.88 32.30 -10.32
CA ARG B 429 -20.22 30.90 -10.09
C ARG B 429 -18.94 30.10 -10.15
N ASN B 430 -18.77 29.18 -9.20
CA ASN B 430 -17.47 28.55 -8.98
C ASN B 430 -16.97 27.87 -10.25
N ARG B 431 -15.80 28.29 -10.71
CA ARG B 431 -15.25 27.77 -11.94
C ARG B 431 -14.57 26.45 -11.64
N GLY B 432 -14.14 26.31 -10.39
CA GLY B 432 -13.48 25.09 -9.93
C GLY B 432 -14.39 23.88 -9.93
N TRP B 433 -13.79 22.70 -10.08
CA TRP B 433 -14.53 21.44 -10.22
C TRP B 433 -15.39 21.07 -9.01
N TRP B 434 -14.86 21.15 -7.81
CA TRP B 434 -15.65 20.71 -6.68
C TRP B 434 -16.64 21.78 -6.26
N PHE B 435 -17.81 21.42 -5.73
CA PHE B 435 -18.85 22.38 -5.34
C PHE B 435 -19.31 23.25 -6.51
N PRO B 436 -20.08 22.59 -7.48
CA PRO B 436 -19.98 23.21 -8.80
C PRO B 436 -20.76 24.50 -8.96
N GLN B 437 -20.20 25.49 -9.65
CA GLN B 437 -20.96 26.70 -9.91
C GLN B 437 -21.53 27.35 -8.65
N ALA B 438 -20.91 27.06 -7.50
CA ALA B 438 -21.37 27.61 -6.23
C ALA B 438 -21.08 29.10 -6.18
N LEU B 439 -21.81 29.81 -5.33
CA LEU B 439 -21.60 31.24 -5.14
C LEU B 439 -20.58 31.50 -4.04
N MET B 440 -19.74 32.50 -4.24
CA MET B 440 -18.84 32.98 -3.19
C MET B 440 -19.42 34.20 -2.50
N PRO B 441 -19.70 34.09 -1.20
CA PRO B 441 -20.13 35.24 -0.41
C PRO B 441 -19.10 36.34 -0.50
N ASP B 442 -19.49 37.61 -0.65
CA ASP B 442 -18.47 38.62 -0.79
C ASP B 442 -18.14 39.09 0.61
N LEU B 443 -17.03 38.58 1.13
CA LEU B 443 -16.69 38.74 2.53
C LEU B 443 -15.76 39.90 2.69
N SER B 444 -15.54 40.61 1.60
CA SER B 444 -14.65 41.75 1.62
C SER B 444 -15.30 42.96 2.31
N VAL B 445 -16.60 42.89 2.55
CA VAL B 445 -17.29 43.96 3.27
C VAL B 445 -18.04 43.45 4.48
N GLN B 446 -18.26 44.33 5.45
CA GLN B 446 -18.78 43.94 6.74
C GLN B 446 -20.20 43.40 6.68
N ARG B 447 -21.05 44.00 5.85
CA ARG B 447 -22.47 43.67 5.86
C ARG B 447 -22.71 42.23 5.41
N THR B 448 -21.88 41.75 4.50
CA THR B 448 -22.00 40.39 4.02
C THR B 448 -21.36 39.41 5.01
N ARG B 449 -20.21 39.80 5.58
CA ARG B 449 -19.57 39.00 6.61
C ARG B 449 -20.54 38.78 7.75
N ASP B 450 -21.30 39.82 8.07
CA ASP B 450 -22.31 39.73 9.10
C ASP B 450 -23.41 38.76 8.72
N TRP B 451 -23.91 38.89 7.49
CA TRP B 451 -25.01 38.07 7.04
C TRP B 451 -24.60 36.61 6.93
N TRP B 452 -23.46 36.37 6.30
CA TRP B 452 -22.95 35.01 6.12
C TRP B 452 -22.75 34.30 7.46
N THR B 453 -21.97 34.93 8.34
CA THR B 453 -21.60 34.32 9.61
C THR B 453 -22.80 34.18 10.54
N GLU B 454 -23.80 35.04 10.35
CA GLU B 454 -24.96 35.04 11.23
C GLU B 454 -25.70 33.71 11.14
N LYS B 455 -25.60 33.04 10.00
CA LYS B 455 -26.20 31.72 9.84
C LYS B 455 -25.56 30.68 10.76
N ARG B 456 -24.30 30.92 11.11
CA ARG B 456 -23.57 29.99 11.97
C ARG B 456 -23.57 30.38 13.44
N ARG B 457 -24.17 31.53 13.76
CA ARG B 457 -24.08 32.08 15.10
C ARG B 457 -24.62 31.14 16.19
N TYR B 458 -25.68 30.42 15.88
CA TYR B 458 -26.28 29.54 16.88
C TYR B 458 -25.34 28.39 17.27
N LEU B 459 -24.40 28.07 16.40
CA LEU B 459 -23.44 27.01 16.68
C LEU B 459 -22.57 27.42 17.86
N VAL B 460 -22.08 28.66 17.82
CA VAL B 460 -21.24 29.17 18.90
C VAL B 460 -22.04 29.55 20.14
N GLU B 461 -23.13 30.30 19.97
CA GLU B 461 -23.85 30.82 21.13
C GLU B 461 -24.69 29.78 21.84
N HIS B 462 -25.29 28.86 21.09
CA HIS B 462 -26.07 27.80 21.71
C HIS B 462 -25.25 26.53 21.94
N PHE B 463 -24.73 25.97 20.85
CA PHE B 463 -23.99 24.71 20.93
C PHE B 463 -22.56 24.84 21.45
N ASP B 464 -22.06 26.08 21.52
CA ASP B 464 -20.78 26.38 22.15
C ASP B 464 -19.60 25.70 21.45
N VAL B 465 -19.62 25.70 20.12
CA VAL B 465 -18.50 25.19 19.36
C VAL B 465 -17.32 26.15 19.48
N ASP B 466 -16.12 25.60 19.51
CA ASP B 466 -14.96 26.37 19.91
C ASP B 466 -14.16 26.92 18.75
N GLY B 467 -14.54 26.56 17.53
CA GLY B 467 -13.81 27.01 16.36
C GLY B 467 -14.35 26.47 15.07
N PHE B 468 -13.85 26.99 13.96
CA PHE B 468 -14.28 26.51 12.66
C PHE B 468 -13.09 26.16 11.81
N LYS B 469 -13.21 25.06 11.06
CA LYS B 469 -12.17 24.74 10.11
C LYS B 469 -12.57 25.40 8.82
N THR B 470 -11.88 26.48 8.48
CA THR B 470 -12.31 27.26 7.35
C THR B 470 -11.49 26.83 6.17
N ALA B 471 -12.05 25.87 5.44
CA ALA B 471 -11.40 25.26 4.28
C ALA B 471 -11.67 26.07 3.04
N GLY B 472 -10.79 25.97 2.05
CA GLY B 472 -11.05 26.59 0.77
C GLY B 472 -10.79 28.09 0.78
N GLY B 473 -11.40 28.78 -0.19
CA GLY B 473 -11.23 30.21 -0.34
C GLY B 473 -10.31 30.55 -1.49
N GLU B 474 -9.91 29.54 -2.26
CA GLU B 474 -9.06 29.74 -3.43
C GLU B 474 -9.91 29.87 -4.70
N HIS B 475 -11.23 29.80 -4.54
CA HIS B 475 -12.13 29.55 -5.66
C HIS B 475 -12.27 30.66 -6.69
N ALA B 476 -11.98 31.90 -6.30
CA ALA B 476 -12.25 33.03 -7.20
C ALA B 476 -11.23 33.13 -8.32
N TRP B 477 -11.72 33.03 -9.55
CA TRP B 477 -10.87 33.14 -10.72
C TRP B 477 -11.34 34.26 -11.65
N GLY B 478 -10.38 34.88 -12.32
CA GLY B 478 -10.62 35.96 -13.26
C GLY B 478 -10.26 37.37 -12.80
N HIS B 479 -9.78 38.16 -13.74
CA HIS B 479 -9.18 39.44 -13.45
C HIS B 479 -10.22 40.53 -13.23
N ASP B 480 -11.32 40.45 -13.98
CA ASP B 480 -12.32 41.50 -13.99
C ASP B 480 -13.46 41.26 -13.01
N LEU B 481 -13.31 40.26 -12.14
CA LEU B 481 -14.25 40.05 -11.04
C LEU B 481 -14.37 41.31 -10.20
N VAL B 482 -15.54 41.52 -9.60
CA VAL B 482 -15.77 42.76 -8.85
C VAL B 482 -16.26 42.49 -7.43
N TYR B 483 -15.53 43.03 -6.46
CA TYR B 483 -15.88 42.90 -5.04
C TYR B 483 -16.46 44.19 -4.49
N ALA B 484 -17.25 44.09 -3.43
CA ALA B 484 -17.96 45.23 -2.86
C ALA B 484 -16.96 46.32 -2.42
N ASP B 485 -15.81 45.90 -1.93
CA ASP B 485 -14.78 46.82 -1.47
C ASP B 485 -14.31 47.66 -2.66
N GLY B 486 -14.56 47.18 -3.87
CA GLY B 486 -14.23 47.90 -5.08
C GLY B 486 -12.92 47.56 -5.76
N ARG B 487 -12.23 46.54 -5.26
CA ARG B 487 -11.09 45.99 -5.95
C ARG B 487 -11.58 45.07 -7.08
N LYS B 488 -10.84 45.03 -8.19
CA LYS B 488 -11.14 44.05 -9.25
C LYS B 488 -10.53 42.70 -8.88
N GLY B 489 -10.77 41.71 -9.73
CA GLY B 489 -10.35 40.35 -9.46
C GLY B 489 -8.85 40.21 -9.33
N ASP B 490 -8.11 40.91 -10.18
CA ASP B 490 -6.66 40.82 -10.17
C ASP B 490 -6.08 41.25 -8.83
N GLU B 491 -6.89 41.90 -8.03
CA GLU B 491 -6.49 42.45 -6.75
C GLU B 491 -7.10 41.67 -5.61
N GLY B 492 -8.43 41.63 -5.55
CA GLY B 492 -9.13 41.02 -4.43
C GLY B 492 -9.28 39.50 -4.40
N ASN B 493 -8.80 38.81 -5.42
CA ASN B 493 -8.92 37.35 -5.43
C ASN B 493 -8.01 36.72 -4.36
N ASN B 494 -6.75 37.11 -4.37
CA ASN B 494 -5.81 36.66 -3.35
C ASN B 494 -6.23 37.02 -1.94
N LEU B 495 -6.94 38.14 -1.79
CA LEU B 495 -7.31 38.63 -0.47
C LEU B 495 -8.47 37.86 0.13
N TYR B 496 -9.21 37.14 -0.70
CA TYR B 496 -10.43 36.47 -0.24
C TYR B 496 -10.25 35.55 0.98
N PRO B 497 -9.24 34.67 0.99
CA PRO B 497 -9.15 33.78 2.15
C PRO B 497 -8.85 34.53 3.45
N VAL B 498 -8.16 35.66 3.37
CA VAL B 498 -7.95 36.52 4.53
C VAL B 498 -9.28 37.00 5.11
N HIS B 499 -10.12 37.60 4.26
CA HIS B 499 -11.46 38.01 4.68
C HIS B 499 -12.25 36.85 5.26
N TYR B 500 -12.12 35.70 4.61
CA TYR B 500 -12.85 34.51 5.02
C TYR B 500 -12.47 34.09 6.44
N ALA B 501 -11.17 34.00 6.70
CA ALA B 501 -10.70 33.68 8.03
C ALA B 501 -11.14 34.75 9.01
N ARG B 502 -10.94 36.02 8.63
CA ARG B 502 -11.31 37.14 9.49
C ARG B 502 -12.77 37.08 9.88
N ALA B 503 -13.61 36.80 8.89
CA ALA B 503 -15.05 36.74 9.12
C ALA B 503 -15.42 35.78 10.24
N PHE B 504 -14.88 34.57 10.21
CA PHE B 504 -15.24 33.61 11.26
C PHE B 504 -14.43 33.85 12.53
N GLY B 505 -13.28 34.50 12.39
CA GLY B 505 -12.57 34.97 13.57
C GLY B 505 -13.43 35.96 14.32
N ASP B 506 -14.02 36.90 13.59
CA ASP B 506 -14.86 37.93 14.20
C ASP B 506 -16.12 37.34 14.82
N LEU B 507 -16.68 36.31 14.19
CA LEU B 507 -17.88 35.67 14.72
C LEU B 507 -17.61 35.09 16.10
N LEU B 508 -16.49 34.41 16.25
CA LEU B 508 -16.12 33.85 17.54
C LEU B 508 -15.88 34.96 18.57
N ARG B 509 -15.15 36.00 18.16
CA ARG B 509 -14.91 37.17 19.00
C ARG B 509 -16.22 37.74 19.54
N SER B 510 -17.16 37.97 18.62
CA SER B 510 -18.45 38.56 18.96
C SER B 510 -19.22 37.70 19.95
N ALA B 511 -18.87 36.42 20.01
CA ALA B 511 -19.50 35.52 20.95
C ALA B 511 -18.68 35.40 22.23
N GLY B 512 -17.60 36.16 22.30
CA GLY B 512 -16.75 36.17 23.47
C GLY B 512 -15.84 34.95 23.56
N LYS B 513 -15.51 34.38 22.41
CA LYS B 513 -14.58 33.24 22.37
C LYS B 513 -13.38 33.57 21.51
N ALA B 514 -12.28 32.89 21.80
CA ALA B 514 -11.05 33.09 21.05
C ALA B 514 -11.28 32.80 19.58
N PRO B 515 -10.60 33.55 18.70
CA PRO B 515 -10.83 33.42 17.26
C PRO B 515 -10.11 32.22 16.66
N VAL B 516 -10.52 31.01 17.03
CA VAL B 516 -9.81 29.88 16.48
C VAL B 516 -10.50 29.51 15.18
N THR B 517 -9.88 29.91 14.09
CA THR B 517 -10.24 29.45 12.77
C THR B 517 -9.07 28.59 12.33
N PHE B 518 -9.35 27.59 11.50
CA PHE B 518 -8.33 26.64 11.09
C PHE B 518 -8.38 26.57 9.58
N SER B 519 -7.35 27.10 8.93
CA SER B 519 -7.40 27.40 7.51
C SER B 519 -6.20 26.88 6.75
N ARG B 520 -6.41 26.42 5.53
CA ARG B 520 -5.28 26.08 4.69
C ARG B 520 -4.84 27.26 3.83
N ALA B 521 -5.74 28.20 3.61
CA ALA B 521 -5.51 29.19 2.57
C ALA B 521 -5.36 30.59 3.14
N GLY B 522 -4.59 31.42 2.47
CA GLY B 522 -4.40 32.78 2.93
C GLY B 522 -3.43 33.57 2.09
N PHE B 523 -3.11 34.75 2.59
CA PHE B 523 -2.27 35.71 1.88
C PHE B 523 -1.72 36.68 2.92
N THR B 524 -1.05 37.72 2.46
CA THR B 524 -0.56 38.77 3.32
C THR B 524 -1.67 39.26 4.25
N GLY B 525 -1.40 39.26 5.55
CA GLY B 525 -2.39 39.65 6.53
C GLY B 525 -3.07 38.49 7.24
N SER B 526 -2.88 37.28 6.73
CA SER B 526 -3.49 36.11 7.35
C SER B 526 -2.91 35.82 8.73
N GLN B 527 -1.73 36.37 9.02
CA GLN B 527 -1.08 36.17 10.31
C GLN B 527 -2.01 36.49 11.48
N ALA B 528 -2.94 37.40 11.27
CA ALA B 528 -3.78 37.89 12.36
C ALA B 528 -4.97 37.00 12.62
N HIS B 529 -5.23 36.04 11.74
CA HIS B 529 -6.44 35.27 11.94
C HIS B 529 -6.25 33.75 12.07
N GLY B 530 -6.37 33.28 13.30
CA GLY B 530 -6.43 31.87 13.62
C GLY B 530 -5.24 31.00 13.26
N ILE B 531 -5.56 29.73 13.05
CA ILE B 531 -4.59 28.67 12.89
C ILE B 531 -4.56 28.18 11.45
N PHE B 532 -3.42 27.69 11.00
CA PHE B 532 -3.30 27.18 9.65
C PHE B 532 -2.77 25.75 9.59
N TRP B 533 -3.13 25.01 8.54
CA TRP B 533 -2.50 23.73 8.28
C TRP B 533 -2.10 23.63 6.82
N ALA B 534 -1.16 22.72 6.55
CA ALA B 534 -0.46 22.68 5.27
C ALA B 534 -1.31 22.16 4.09
N GLY B 535 -2.54 21.74 4.35
CA GLY B 535 -3.39 21.27 3.27
C GLY B 535 -3.35 19.78 2.98
N ASP B 536 -3.61 19.43 1.73
CA ASP B 536 -3.83 18.06 1.30
C ASP B 536 -2.58 17.39 0.76
N GLU B 537 -2.26 16.19 1.24
CA GLU B 537 -1.14 15.43 0.69
C GLU B 537 -1.31 13.91 0.80
N ASP B 538 -0.57 13.18 -0.04
CA ASP B 538 -0.43 11.73 0.08
C ASP B 538 0.37 11.34 1.33
N SER B 539 0.29 10.08 1.72
CA SER B 539 1.08 9.66 2.86
C SER B 539 2.43 9.15 2.37
N THR B 540 3.40 10.05 2.35
CA THR B 540 4.69 9.78 1.74
C THR B 540 5.78 10.51 2.50
N TRP B 541 7.01 10.04 2.35
CA TRP B 541 8.14 10.67 2.98
C TRP B 541 8.42 12.04 2.32
N GLN B 542 8.25 12.11 1.00
CA GLN B 542 8.38 13.36 0.27
C GLN B 542 7.43 14.42 0.83
N ALA B 543 6.19 14.03 1.06
CA ALA B 543 5.18 14.94 1.59
C ALA B 543 5.47 15.35 3.05
N PHE B 544 5.99 14.41 3.83
CA PHE B 544 6.48 14.67 5.19
C PHE B 544 7.50 15.80 5.09
N ARG B 545 8.51 15.62 4.26
CA ARG B 545 9.57 16.61 4.11
C ARG B 545 9.04 17.95 3.62
N SER B 546 8.12 17.92 2.66
CA SER B 546 7.56 19.15 2.11
C SER B 546 6.78 19.92 3.17
N SER B 547 6.11 19.19 4.05
CA SER B 547 5.30 19.78 5.09
C SER B 547 6.15 20.48 6.15
N VAL B 548 7.28 19.89 6.51
CA VAL B 548 8.22 20.51 7.43
C VAL B 548 8.62 21.87 6.85
N THR B 549 9.02 21.86 5.58
CA THR B 549 9.39 23.08 4.86
C THR B 549 8.27 24.13 4.84
N ALA B 550 7.03 23.67 4.67
CA ALA B 550 5.87 24.54 4.72
C ALA B 550 5.72 25.29 6.06
N GLY B 551 5.87 24.57 7.16
CA GLY B 551 5.80 25.17 8.47
C GLY B 551 6.90 26.19 8.69
N LEU B 552 8.09 25.87 8.21
CA LEU B 552 9.26 26.71 8.41
C LEU B 552 9.17 28.00 7.61
N THR B 553 8.74 27.88 6.35
CA THR B 553 8.63 29.07 5.52
C THR B 553 7.47 29.95 6.02
N ALA B 554 6.35 29.36 6.39
CA ALA B 554 5.22 30.13 6.88
C ALA B 554 5.55 30.84 8.20
N ALA B 555 6.30 30.17 9.07
CA ALA B 555 6.74 30.80 10.31
C ALA B 555 7.64 31.98 10.03
N SER B 556 8.50 31.85 9.03
CA SER B 556 9.42 32.92 8.64
C SER B 556 8.67 34.17 8.17
N CYS B 557 7.43 33.97 7.75
CA CYS B 557 6.55 35.04 7.30
C CYS B 557 5.52 35.47 8.33
N GLY B 558 5.59 34.90 9.53
CA GLY B 558 4.71 35.35 10.59
C GLY B 558 3.52 34.48 10.92
N ILE B 559 3.43 33.31 10.30
CA ILE B 559 2.38 32.36 10.65
C ILE B 559 2.86 31.54 11.84
N VAL B 560 2.17 31.72 12.96
CA VAL B 560 2.61 31.20 14.25
C VAL B 560 2.00 29.84 14.54
N TYR B 561 0.68 29.78 14.51
CA TYR B 561 0.01 28.55 14.79
C TYR B 561 -0.16 27.80 13.47
N TRP B 562 0.67 26.78 13.29
CA TRP B 562 0.73 26.02 12.04
C TRP B 562 0.82 24.53 12.35
N GLY B 563 0.24 23.73 11.47
CA GLY B 563 0.27 22.29 11.60
C GLY B 563 0.09 21.62 10.24
N TRP B 564 -0.07 20.30 10.26
CA TRP B 564 -0.26 19.53 9.04
C TRP B 564 -0.99 18.24 9.39
N ASP B 565 -1.51 17.54 8.39
CA ASP B 565 -2.07 16.22 8.68
C ASP B 565 -0.86 15.29 8.82
N LEU B 566 -0.60 14.81 10.02
CA LEU B 566 0.64 14.06 10.24
C LEU B 566 0.56 12.75 9.48
N ALA B 567 1.62 12.42 8.75
CA ALA B 567 1.70 11.19 7.94
C ALA B 567 0.74 11.18 6.73
N GLY B 568 -0.03 12.26 6.55
CA GLY B 568 -0.82 12.47 5.34
C GLY B 568 -2.24 11.95 5.44
N PHE B 569 -3.19 12.63 4.81
CA PHE B 569 -4.59 12.22 4.93
C PHE B 569 -5.15 11.42 3.75
N SER B 570 -4.41 11.30 2.65
CA SER B 570 -4.97 10.75 1.42
C SER B 570 -4.38 9.40 1.07
N GLY B 571 -5.24 8.47 0.63
CA GLY B 571 -4.79 7.17 0.16
C GLY B 571 -4.82 6.11 1.25
N PRO B 572 -4.30 4.90 0.96
CA PRO B 572 -4.24 3.85 1.98
C PRO B 572 -3.55 4.33 3.26
N VAL B 573 -4.01 3.81 4.39
CA VAL B 573 -3.37 4.05 5.68
C VAL B 573 -1.86 3.81 5.55
N PRO B 574 -1.04 4.75 6.04
CA PRO B 574 0.42 4.64 5.95
C PRO B 574 0.97 3.46 6.74
N ASP B 575 2.23 3.10 6.50
CA ASP B 575 2.83 2.05 7.29
C ASP B 575 3.16 2.62 8.67
N ALA B 576 3.62 1.78 9.58
CA ALA B 576 3.80 2.19 10.96
C ALA B 576 4.95 3.15 11.10
N GLU B 577 5.99 2.95 10.29
CA GLU B 577 7.19 3.75 10.40
C GLU B 577 6.94 5.21 10.03
N LEU B 578 6.37 5.45 8.85
CA LEU B 578 6.04 6.82 8.46
C LEU B 578 5.09 7.45 9.49
N TYR B 579 4.09 6.69 9.92
CA TYR B 579 3.13 7.21 10.88
C TYR B 579 3.82 7.67 12.17
N LEU B 580 4.70 6.83 12.70
CA LEU B 580 5.34 7.14 13.96
C LEU B 580 6.45 8.19 13.84
N ARG B 581 7.20 8.21 12.75
CA ARG B 581 8.14 9.31 12.51
C ARG B 581 7.39 10.65 12.45
N ALA B 582 6.28 10.64 11.72
CA ALA B 582 5.47 11.85 11.55
C ALA B 582 4.93 12.28 12.90
N ALA B 583 4.40 11.34 13.65
CA ALA B 583 3.78 11.65 14.94
C ALA B 583 4.80 12.21 15.93
N ALA B 584 6.00 11.64 15.93
CA ALA B 584 7.04 12.08 16.86
C ALA B 584 7.44 13.53 16.56
N ALA B 585 7.71 13.82 15.29
CA ALA B 585 8.12 15.17 14.91
C ALA B 585 7.01 16.16 15.19
N SER B 586 5.76 15.73 14.94
CA SER B 586 4.61 16.60 15.04
C SER B 586 4.32 17.02 16.48
N ALA B 587 4.71 16.18 17.44
CA ALA B 587 4.58 16.55 18.85
C ALA B 587 5.49 17.74 19.18
N PHE B 588 6.47 17.98 18.33
CA PHE B 588 7.35 19.15 18.41
C PHE B 588 7.03 20.29 17.44
N MET B 589 5.79 20.33 16.94
CA MET B 589 5.36 21.38 16.02
C MET B 589 4.26 22.24 16.64
N PRO B 590 3.96 23.41 16.04
CA PRO B 590 2.96 24.29 16.67
C PRO B 590 1.61 23.62 16.87
N ILE B 591 1.14 22.90 15.86
CA ILE B 591 -0.13 22.19 15.96
C ILE B 591 0.03 20.72 15.59
N MET B 592 -0.34 19.84 16.50
CA MET B 592 -0.24 18.40 16.29
C MET B 592 -1.63 17.86 16.01
N GLN B 593 -1.82 17.37 14.79
CA GLN B 593 -3.14 16.93 14.32
C GLN B 593 -3.05 15.76 13.34
N TYR B 594 -3.94 14.78 13.49
CA TYR B 594 -4.10 13.74 12.47
C TYR B 594 -5.45 13.88 11.80
N HIS B 595 -5.52 13.42 10.55
CA HIS B 595 -6.70 13.63 9.70
C HIS B 595 -6.77 12.56 8.60
N SER B 596 -7.96 12.36 8.03
CA SER B 596 -8.12 11.43 6.91
C SER B 596 -9.17 11.89 5.90
N GLU B 597 -8.84 11.69 4.62
CA GLU B 597 -9.68 12.07 3.49
C GLU B 597 -10.95 11.22 3.41
N PHE B 598 -11.97 11.74 2.75
CA PHE B 598 -13.17 10.99 2.40
C PHE B 598 -12.80 9.75 1.59
N ASN B 599 -13.21 8.59 2.06
CA ASN B 599 -13.02 7.32 1.34
C ASN B 599 -14.28 6.70 0.71
N HIS B 600 -15.39 7.44 0.67
CA HIS B 600 -16.68 6.93 0.22
C HIS B 600 -17.21 5.86 1.15
N HIS B 601 -16.79 5.93 2.41
CA HIS B 601 -17.21 4.99 3.44
C HIS B 601 -17.06 3.52 3.01
N GLN B 602 -16.00 3.24 2.27
CA GLN B 602 -15.62 1.88 1.93
C GLN B 602 -14.84 1.19 3.04
N LEU B 603 -14.42 -0.03 2.78
CA LEU B 603 -13.64 -0.82 3.74
C LEU B 603 -12.35 -1.34 3.10
N PRO B 604 -11.26 -1.41 3.88
CA PRO B 604 -11.22 -1.04 5.29
C PRO B 604 -11.19 0.48 5.50
N LEU B 605 -11.28 0.94 6.74
CA LEU B 605 -11.23 2.37 7.02
C LEU B 605 -9.90 3.00 6.60
N ARG B 606 -9.97 4.27 6.23
CA ARG B 606 -8.78 5.08 5.98
C ARG B 606 -8.43 6.05 7.13
N ASP B 607 -9.07 5.88 8.27
CA ASP B 607 -8.75 6.66 9.49
C ASP B 607 -7.25 6.68 9.79
N ARG B 608 -6.79 7.85 10.23
CA ARG B 608 -5.40 8.06 10.68
C ARG B 608 -5.22 8.00 12.21
N THR B 609 -6.23 7.46 12.91
CA THR B 609 -6.11 7.23 14.35
C THR B 609 -4.99 6.23 14.66
N PRO B 610 -4.37 6.34 15.84
CA PRO B 610 -3.27 5.41 16.15
C PRO B 610 -3.73 3.96 16.22
N TRP B 611 -4.90 3.71 16.77
CA TRP B 611 -5.34 2.34 16.90
C TRP B 611 -5.71 1.75 15.55
N HIS B 612 -6.19 2.56 14.61
CA HIS B 612 -6.50 1.99 13.30
C HIS B 612 -5.22 1.71 12.51
N VAL B 613 -4.22 2.58 12.66
CA VAL B 613 -2.94 2.35 12.02
C VAL B 613 -2.33 1.07 12.59
N ALA B 614 -2.45 0.89 13.91
CA ALA B 614 -1.97 -0.31 14.57
C ALA B 614 -2.65 -1.56 14.01
N GLU B 615 -3.97 -1.54 13.95
CA GLU B 615 -4.75 -2.66 13.43
C GLU B 615 -4.42 -2.95 11.98
N THR B 616 -4.29 -1.90 11.19
CA THR B 616 -4.01 -2.01 9.77
C THR B 616 -2.65 -2.65 9.50
N THR B 617 -1.63 -2.13 10.16
CA THR B 617 -0.26 -2.56 9.97
C THR B 617 0.08 -3.85 10.68
N GLY B 618 -0.67 -4.16 11.73
CA GLY B 618 -0.31 -5.23 12.64
C GLY B 618 0.92 -4.93 13.50
N ASP B 619 1.28 -3.66 13.63
CA ASP B 619 2.46 -3.28 14.41
C ASP B 619 2.04 -2.89 15.83
N ASP B 620 2.53 -3.64 16.83
CA ASP B 620 2.05 -3.44 18.19
C ASP B 620 2.77 -2.30 18.91
N ARG B 621 3.66 -1.60 18.21
CA ARG B 621 4.31 -0.43 18.78
C ARG B 621 3.50 0.86 18.57
N VAL B 622 2.56 0.84 17.64
CA VAL B 622 1.92 2.08 17.21
C VAL B 622 1.15 2.75 18.34
N VAL B 623 0.27 1.99 19.00
CA VAL B 623 -0.51 2.56 20.09
C VAL B 623 0.37 2.99 21.28
N PRO B 624 1.24 2.11 21.80
CA PRO B 624 2.05 2.56 22.95
C PRO B 624 2.94 3.77 22.62
N LEU B 625 3.55 3.79 21.45
CA LEU B 625 4.47 4.87 21.12
C LEU B 625 3.71 6.15 20.79
N PHE B 626 2.58 6.06 20.09
CA PHE B 626 1.80 7.27 19.86
C PHE B 626 1.32 7.81 21.19
N ARG B 627 0.91 6.91 22.08
CA ARG B 627 0.47 7.32 23.40
C ARG B 627 1.59 8.10 24.12
N ARG B 628 2.80 7.59 24.02
CA ARG B 628 3.95 8.27 24.61
C ARG B 628 4.11 9.67 24.01
N PHE B 629 3.98 9.78 22.68
CA PHE B 629 4.10 11.07 22.03
C PHE B 629 2.99 12.04 22.43
N ALA B 630 1.78 11.54 22.59
CA ALA B 630 0.64 12.37 22.94
C ALA B 630 0.72 12.85 24.38
N THR B 631 1.21 11.99 25.26
CA THR B 631 1.32 12.37 26.66
C THR B 631 2.51 13.33 26.82
N LEU B 632 3.55 13.12 26.02
CA LEU B 632 4.65 14.06 25.97
C LEU B 632 4.15 15.42 25.50
N ARG B 633 3.27 15.40 24.51
CA ARG B 633 2.66 16.63 24.01
C ARG B 633 1.94 17.39 25.13
N GLU B 634 1.19 16.68 25.96
CA GLU B 634 0.55 17.30 27.12
C GLU B 634 1.60 17.98 28.00
N SER B 635 2.72 17.30 28.25
CA SER B 635 3.79 17.86 29.08
C SER B 635 4.40 19.12 28.48
N LEU B 636 4.33 19.24 27.17
CA LEU B 636 4.92 20.36 26.45
C LEU B 636 4.03 21.60 26.36
N VAL B 637 2.76 21.47 26.74
CA VAL B 637 1.83 22.60 26.57
C VAL B 637 2.30 23.88 27.32
N PRO B 638 2.78 23.75 28.57
CA PRO B 638 3.31 24.97 29.20
C PRO B 638 4.43 25.62 28.39
N TYR B 639 5.40 24.83 27.92
CA TYR B 639 6.47 25.37 27.10
C TYR B 639 5.94 26.01 25.81
N LEU B 640 5.02 25.32 25.14
CA LEU B 640 4.44 25.84 23.91
C LEU B 640 3.71 27.17 24.17
N THR B 641 2.93 27.21 25.24
CA THR B 641 2.18 28.41 25.61
C THR B 641 3.11 29.57 25.90
N GLU B 642 4.16 29.31 26.68
CA GLU B 642 5.18 30.30 27.00
C GLU B 642 5.83 30.84 25.73
N GLN B 643 6.28 29.94 24.85
CA GLN B 643 7.00 30.35 23.67
C GLN B 643 6.11 31.05 22.64
N ALA B 644 4.85 30.64 22.55
CA ALA B 644 3.93 31.30 21.64
C ALA B 644 3.77 32.77 22.03
N ALA B 645 3.61 33.01 23.32
CA ALA B 645 3.48 34.36 23.84
C ALA B 645 4.72 35.20 23.55
N ARG B 646 5.91 34.64 23.75
CA ARG B 646 7.15 35.33 23.40
C ARG B 646 7.23 35.60 21.91
N THR B 647 6.72 34.65 21.11
CA THR B 647 6.78 34.77 19.67
C THR B 647 5.92 35.94 19.20
N ILE B 648 4.76 36.07 19.82
CA ILE B 648 3.87 37.17 19.53
C ILE B 648 4.45 38.52 19.99
N ALA B 649 5.15 38.51 21.13
CA ALA B 649 5.76 39.74 21.64
C ALA B 649 6.93 40.18 20.80
N THR B 650 7.88 39.29 20.53
CA THR B 650 9.10 39.64 19.80
C THR B 650 9.17 39.29 18.31
N ASP B 651 8.18 38.56 17.80
CA ASP B 651 8.17 38.05 16.42
C ASP B 651 9.23 36.97 16.12
N ARG B 652 10.04 36.61 17.11
CA ARG B 652 10.93 35.46 16.96
C ARG B 652 10.04 34.21 16.81
N PRO B 653 10.12 33.53 15.65
CA PRO B 653 9.16 32.47 15.29
C PRO B 653 9.11 31.29 16.25
N LEU B 654 7.95 30.63 16.31
CA LEU B 654 7.76 29.43 17.10
C LEU B 654 8.41 28.20 16.44
N MET B 655 8.08 27.93 15.18
CA MET B 655 8.74 26.85 14.46
C MET B 655 9.80 27.52 13.62
N ARG B 656 11.03 27.49 14.11
CA ARG B 656 11.97 28.52 13.77
C ARG B 656 13.21 28.02 13.06
N PRO B 657 13.40 28.46 11.81
CA PRO B 657 14.64 28.11 11.12
C PRO B 657 15.84 28.68 11.85
N LEU B 658 16.98 28.02 11.73
CA LEU B 658 18.15 28.38 12.50
C LEU B 658 18.74 29.72 12.11
N PHE B 659 18.38 30.26 10.94
CA PHE B 659 19.01 31.51 10.54
C PHE B 659 18.50 32.67 11.40
N PHE B 660 17.39 32.48 12.09
CA PHE B 660 16.89 33.51 12.97
C PHE B 660 17.84 33.74 14.16
N ASP B 661 18.36 32.67 14.71
CA ASP B 661 19.27 32.73 15.82
C ASP B 661 20.74 32.54 15.48
N HIS B 662 21.03 32.10 14.27
CA HIS B 662 22.36 31.74 13.89
C HIS B 662 22.68 32.18 12.48
N GLU B 663 22.54 33.45 12.22
CA GLU B 663 22.66 33.95 10.88
C GLU B 663 24.02 33.76 10.24
N ASN B 664 25.11 33.79 11.00
CA ASN B 664 26.48 33.78 10.52
C ASN B 664 27.12 32.41 10.43
N ASP B 665 26.35 31.37 10.74
CA ASP B 665 26.86 30.00 10.59
C ASP B 665 26.41 29.48 9.23
N PRO B 666 27.34 29.36 8.29
CA PRO B 666 26.98 28.89 6.94
C PRO B 666 26.46 27.45 6.94
N GLU B 667 26.91 26.65 7.88
CA GLU B 667 26.59 25.23 7.89
C GLU B 667 25.10 24.97 8.10
N ILE B 668 24.36 25.93 8.65
CA ILE B 668 22.95 25.69 8.94
C ILE B 668 22.13 25.41 7.68
N TRP B 669 22.53 25.98 6.54
CA TRP B 669 21.76 25.82 5.31
C TRP B 669 21.88 24.41 4.73
N ASN B 670 22.85 23.64 5.23
CA ASN B 670 23.00 22.26 4.81
C ASN B 670 22.09 21.31 5.59
N HIS B 671 21.28 21.87 6.48
CA HIS B 671 20.36 21.08 7.27
C HIS B 671 19.00 21.78 7.37
N PRO B 672 18.33 21.96 6.23
CA PRO B 672 17.13 22.79 6.13
C PRO B 672 15.89 22.23 6.84
N TYR B 673 15.88 20.97 7.24
CA TYR B 673 14.71 20.43 7.91
C TYR B 673 14.72 20.44 9.43
N GLN B 674 15.88 20.70 10.05
CA GLN B 674 15.90 20.85 11.50
C GLN B 674 15.49 22.28 11.83
N TYR B 675 15.00 22.49 13.05
CA TYR B 675 14.53 23.80 13.45
C TYR B 675 14.55 23.95 14.96
N LEU B 676 14.44 25.18 15.42
CA LEU B 676 14.23 25.46 16.83
C LEU B 676 12.75 25.58 17.13
N LEU B 677 12.29 24.89 18.17
CA LEU B 677 10.93 25.09 18.65
C LEU B 677 11.01 26.07 19.81
N GLY B 678 10.55 27.30 19.57
CA GLY B 678 10.81 28.36 20.52
C GLY B 678 12.31 28.61 20.64
N ASP B 679 12.72 29.21 21.74
CA ASP B 679 14.13 29.50 21.96
C ASP B 679 14.96 28.27 22.28
N GLU B 680 14.40 27.35 23.05
CA GLU B 680 15.22 26.38 23.78
C GLU B 680 15.46 24.98 23.18
N LEU B 681 14.64 24.57 22.23
CA LEU B 681 14.73 23.18 21.76
C LEU B 681 15.03 23.12 20.28
N LEU B 682 16.00 22.28 19.92
CA LEU B 682 16.31 22.05 18.54
C LEU B 682 15.78 20.67 18.15
N ILE B 683 14.97 20.65 17.10
CA ILE B 683 14.26 19.46 16.62
C ILE B 683 14.85 19.01 15.30
N ASN B 684 15.05 17.71 15.12
CA ASN B 684 15.53 17.20 13.86
C ASN B 684 14.74 15.96 13.41
N PRO B 685 13.63 16.18 12.72
CA PRO B 685 12.70 15.10 12.31
C PRO B 685 13.40 14.00 11.52
N VAL B 686 13.00 12.76 11.74
CA VAL B 686 13.59 11.66 10.96
C VAL B 686 12.76 11.47 9.70
N LEU B 687 13.33 11.88 8.58
CA LEU B 687 12.61 12.04 7.32
C LEU B 687 12.82 10.95 6.27
N GLU B 688 13.49 9.86 6.62
CA GLU B 688 13.73 8.75 5.70
C GLU B 688 13.38 7.40 6.32
N PRO B 689 12.79 6.49 5.52
CA PRO B 689 12.49 5.15 6.07
C PRO B 689 13.77 4.36 6.33
N GLY B 690 13.77 3.49 7.32
CA GLY B 690 14.90 2.61 7.54
C GLY B 690 16.07 3.19 8.32
N ALA B 691 15.96 4.44 8.76
CA ALA B 691 17.04 5.06 9.54
C ALA B 691 17.16 4.42 10.91
N THR B 692 18.32 3.88 11.23
CA THR B 692 18.61 3.44 12.60
C THR B 692 19.44 4.44 13.39
N THR B 693 20.07 5.38 12.70
CA THR B 693 20.79 6.48 13.34
C THR B 693 20.45 7.75 12.57
N TRP B 694 20.66 8.89 13.18
CA TRP B 694 20.32 10.15 12.57
C TRP B 694 21.30 11.23 13.05
N THR B 695 21.73 12.08 12.14
CA THR B 695 22.74 13.08 12.44
C THR B 695 22.13 14.48 12.47
N THR B 696 22.33 15.16 13.58
CA THR B 696 21.85 16.51 13.78
C THR B 696 23.02 17.51 13.80
N TYR B 697 22.84 18.67 13.17
CA TYR B 697 23.86 19.71 13.27
C TYR B 697 23.53 20.68 14.39
N LEU B 698 24.35 20.68 15.42
CA LEU B 698 24.16 21.62 16.52
C LEU B 698 25.09 22.83 16.39
N PRO B 699 24.50 24.01 16.23
CA PRO B 699 25.32 25.24 16.13
C PRO B 699 26.03 25.52 17.44
N ALA B 700 27.02 26.42 17.40
CA ALA B 700 27.80 26.72 18.58
C ALA B 700 26.87 27.06 19.73
N GLY B 701 27.07 26.38 20.85
CA GLY B 701 26.22 26.50 22.02
C GLY B 701 26.43 25.27 22.90
N GLU B 702 25.89 25.30 24.11
CA GLU B 702 25.93 24.11 24.94
C GLU B 702 24.56 23.42 24.86
N TRP B 703 24.59 22.12 24.59
CA TRP B 703 23.38 21.38 24.29
C TRP B 703 23.28 20.11 25.12
N ILE B 704 22.03 19.70 25.38
CA ILE B 704 21.70 18.51 26.11
C ILE B 704 20.74 17.60 25.31
N ASP B 705 21.03 16.31 25.24
CA ASP B 705 20.14 15.34 24.62
C ASP B 705 18.98 15.15 25.58
N VAL B 706 17.77 15.50 25.16
CA VAL B 706 16.66 15.53 26.11
C VAL B 706 16.23 14.12 26.57
N TRP B 707 16.58 13.10 25.80
CA TRP B 707 16.15 11.74 26.15
C TRP B 707 17.06 11.11 27.20
N THR B 708 18.35 11.42 27.14
CA THR B 708 19.30 10.97 28.16
C THR B 708 19.69 11.96 29.27
N GLY B 709 19.38 13.24 29.07
CA GLY B 709 19.93 14.27 29.93
C GLY B 709 21.44 14.47 29.84
N ASP B 710 22.11 13.84 28.87
CA ASP B 710 23.56 13.99 28.71
C ASP B 710 23.93 15.22 27.89
N ARG B 711 25.00 15.91 28.29
CA ARG B 711 25.58 16.91 27.40
C ARG B 711 26.12 16.21 26.16
N VAL B 712 26.03 16.86 25.01
CA VAL B 712 26.63 16.35 23.78
C VAL B 712 27.48 17.46 23.15
N PRO B 713 28.50 17.09 22.35
CA PRO B 713 29.31 18.11 21.69
C PRO B 713 28.48 18.89 20.65
N SER B 714 28.82 20.13 20.38
CA SER B 714 28.14 20.84 19.31
C SER B 714 28.72 20.36 17.98
N GLY B 715 28.21 20.88 16.87
CA GLY B 715 28.57 20.35 15.56
C GLY B 715 27.70 19.14 15.21
N LEU B 716 28.25 18.23 14.42
CA LEU B 716 27.50 17.05 13.97
C LEU B 716 27.40 16.04 15.09
N VAL B 717 26.18 15.69 15.47
CA VAL B 717 25.94 14.69 16.49
C VAL B 717 25.06 13.56 15.96
N THR B 718 25.53 12.33 16.12
CA THR B 718 24.79 11.16 15.65
C THR B 718 24.28 10.34 16.82
N ARG B 719 22.99 10.01 16.78
CA ARG B 719 22.39 9.18 17.81
C ARG B 719 21.44 8.13 17.21
N ASP B 720 21.24 7.05 17.93
CA ASP B 720 20.32 6.00 17.49
C ASP B 720 18.91 6.55 17.45
N VAL B 721 18.14 6.18 16.44
CA VAL B 721 16.76 6.58 16.37
C VAL B 721 15.78 5.41 16.21
N PRO B 722 15.55 4.66 17.31
CA PRO B 722 14.40 3.76 17.33
C PRO B 722 13.14 4.62 17.28
N LEU B 723 12.00 4.02 16.98
CA LEU B 723 10.77 4.77 16.72
C LEU B 723 10.30 5.60 17.91
N GLU B 724 10.75 5.26 19.12
CA GLU B 724 10.33 6.04 20.29
C GLU B 724 11.10 7.38 20.39
N VAL B 725 12.09 7.56 19.52
CA VAL B 725 12.95 8.73 19.54
C VAL B 725 12.91 9.59 18.28
N VAL B 726 12.67 10.89 18.45
CA VAL B 726 13.07 11.90 17.47
C VAL B 726 14.18 12.77 18.11
N PRO B 727 15.32 12.98 17.40
CA PRO B 727 16.39 13.73 18.06
C PRO B 727 15.95 15.16 18.43
N VAL B 728 16.08 15.48 19.71
CA VAL B 728 15.69 16.78 20.26
C VAL B 728 16.78 17.18 21.25
N TYR B 729 17.21 18.43 21.16
CA TYR B 729 18.29 18.92 22.00
C TYR B 729 17.90 20.23 22.67
N CYS B 730 18.21 20.34 23.96
CA CYS B 730 17.84 21.49 24.74
C CYS B 730 19.06 22.32 25.06
N ARG B 731 18.93 23.63 24.92
CA ARG B 731 20.01 24.52 25.33
C ARG B 731 20.31 24.25 26.79
N ALA B 732 21.58 24.06 27.09
CA ALA B 732 22.01 23.63 28.42
C ALA B 732 21.51 24.56 29.51
N SER B 733 21.49 25.86 29.24
CA SER B 733 21.13 26.81 30.27
C SER B 733 19.64 26.75 30.64
N ARG B 734 18.80 26.17 29.80
CA ARG B 734 17.41 25.93 30.21
C ARG B 734 17.07 24.48 30.58
N TRP B 735 18.04 23.57 30.50
CA TRP B 735 17.76 22.18 30.80
C TRP B 735 17.20 21.97 32.21
N SER B 736 17.68 22.71 33.21
CA SER B 736 17.19 22.57 34.56
C SER B 736 15.71 22.89 34.62
N GLU B 737 15.30 23.90 33.90
CA GLU B 737 13.91 24.21 33.71
C GLU B 737 13.06 23.21 32.91
N LEU B 738 13.55 22.73 31.81
CA LEU B 738 12.80 21.89 30.90
C LEU B 738 12.85 20.36 31.15
N GLN B 739 13.86 19.95 31.88
CA GLN B 739 14.08 18.54 32.19
C GLN B 739 12.82 17.74 32.59
N PRO B 740 11.97 18.27 33.50
CA PRO B 740 10.81 17.48 33.93
C PRO B 740 9.80 17.19 32.83
N VAL B 741 9.85 17.93 31.73
CA VAL B 741 8.94 17.71 30.62
C VAL B 741 9.17 16.32 30.00
N PHE B 742 10.42 15.86 30.01
CA PHE B 742 10.81 14.69 29.24
C PHE B 742 10.93 13.38 30.03
N SER B 743 10.69 13.39 31.33
CA SER B 743 11.01 12.21 32.13
C SER B 743 9.89 11.16 32.09
#